data_5KG8
#
_entry.id   5KG8
#
_cell.length_a   1
_cell.length_b   1
_cell.length_c   1
_cell.angle_alpha   90
_cell.angle_beta   90
_cell.angle_gamma   90
#
_symmetry.space_group_name_H-M   'P 1'
#
loop_
_entity.id
_entity.type
_entity.pdbx_description
1 polymer 'Unconventional myosin-X'
2 polymer 'Actin, alpha skeletal muscle'
#
loop_
_entity_poly.entity_id
_entity_poly.type
_entity_poly.pdbx_seq_one_letter_code
_entity_poly.pdbx_strand_id
1 'polypeptide(L)'
;NFFTEGTRVWLRENGQHFPSTVNSCAEGIVVFRTDYGQVFTYKQSTITHQKVTAMHPTNEEGVDDMASLTELHGGSIMYN
LFQRYKRNQIYTYIGSILASVNPYQPIAGLYEPATMEQYSRRHLGELPPHIFAIANECYRCLWKRHDNQCILISGESGAG
KTESTKLILKFLSVISQQSLELSLKEKTSCVERAILESSPIMEAFGNAKTVYNNNSSRFGKFVQLNICQKGNIQGGRIVD
YLLEKNRVVRQNPGERNYHIFYALLAGLEHEEREEFYLSTPENYHYLNQSGCVEDKTISDQESFREVITAMDVMQFSKEE
VREVSRLLAGILHLGNIEFITAGGAQVSFKTALGRSAELLGLDPTQLTDALTQRSMFLRGEEILTPLNVQQAVDSRDSLA
MALYACCFEWVIKKINSRIKGNEDFKSIGILDIFGFENFEVNHFEQFNINYANEKLQEYFNKHIFSLEQLEYSREGLVWE
DIDWIDNGECLDLIEKKLGLLALINEESHFPQATDSTLLEKLHSQHANNHFYVKPRVAVNNFGVKHYAGEVQYDVRGILE
KNRDTFRDDLLNLLRESRFDFIYDLFEHVSSRNNQDAAAAAAAARRPTVSSQFKDSLHSLMATLSSSNPFFVRCIKPNMQ
KMPDQFDQAVVLNQLRYSGMLETVRIRKAGYAVRRPFQDFYKRYKVLMRNLALPEDVRGKCTSLLQLYDASNSEWQLGKT
KVFLRESLEQKLEKRREEE
;
A
2 'polypeptide(L)'
;DEDETTALVCDNGSGLVKAGFAGDDAPRAVFPSIVGRPRHQGVMVGMGQKDSYVGDEAQSKRGILTLKYPIECGIITNWD
DMEKIWHHTFYNELRVAPEEHPTLLTEAPLNPKANREKMTQIMFETFNVPAMYVAIQAVLSLYASGRTTGIVLDSGDGVT
HNVPIYEGYALPHAIMRLDLAGRDLTDYLMKILTERGYSFVTTAEREIVRDIKEKLCYVALDFENEMATAASSSSLEKSY
ELPDGQVITIGNERFRCPETLFQPSFIGMESAGIHETTYNSIMKCDIDIRKDLYANNVMSGGTTMYPGIADRMQKEITAL
APSTMKIKIIAPPERKYSVWIGGSILASLSTFQQMWITKQEYDEAGPSIVHRKCF
;
B,C,D
#
# COMPACT_ATOMS: atom_id res chain seq x y z
N ASN A 1 -52.56 -16.01 -19.66
CA ASN A 1 -51.74 -16.80 -18.75
C ASN A 1 -52.56 -17.67 -17.78
N PHE A 2 -53.87 -17.89 -18.09
CA PHE A 2 -54.77 -18.71 -17.29
C PHE A 2 -54.66 -20.18 -17.69
N PHE A 3 -54.56 -21.06 -16.68
CA PHE A 3 -54.46 -22.51 -16.86
C PHE A 3 -55.44 -23.21 -15.92
N THR A 4 -56.23 -24.13 -16.48
CA THR A 4 -57.28 -24.90 -15.78
C THR A 4 -56.70 -25.89 -14.77
N GLU A 5 -57.54 -26.34 -13.81
CA GLU A 5 -57.18 -27.31 -12.77
C GLU A 5 -56.59 -28.59 -13.41
N GLY A 6 -55.47 -29.06 -12.87
CA GLY A 6 -54.77 -30.24 -13.36
C GLY A 6 -53.71 -30.00 -14.41
N THR A 7 -53.63 -28.76 -14.96
CA THR A 7 -52.64 -28.41 -16.00
C THR A 7 -51.20 -28.46 -15.44
N ARG A 8 -50.29 -29.09 -16.21
CA ARG A 8 -48.86 -29.20 -15.87
C ARG A 8 -48.14 -27.95 -16.37
N VAL A 9 -47.56 -27.19 -15.44
CA VAL A 9 -46.89 -25.90 -15.73
C VAL A 9 -45.52 -25.77 -15.05
N TRP A 10 -44.70 -24.83 -15.56
CA TRP A 10 -43.45 -24.43 -14.91
C TRP A 10 -43.77 -23.13 -14.19
N LEU A 11 -43.45 -23.03 -12.89
CA LEU A 11 -43.70 -21.81 -12.15
C LEU A 11 -42.38 -21.18 -11.73
N ARG A 12 -42.02 -20.04 -12.36
CA ARG A 12 -40.79 -19.33 -12.02
C ARG A 12 -40.93 -18.57 -10.68
N GLU A 13 -40.59 -19.25 -9.57
CA GLU A 13 -40.67 -18.69 -8.21
C GLU A 13 -39.27 -18.63 -7.56
N ASN A 14 -38.96 -17.64 -6.69
CA ASN A 14 -37.67 -17.50 -5.97
C ASN A 14 -36.39 -17.54 -6.86
N GLY A 15 -36.57 -17.53 -8.17
CA GLY A 15 -35.48 -17.58 -9.13
C GLY A 15 -35.23 -18.94 -9.75
N GLN A 16 -36.18 -19.89 -9.59
CA GLN A 16 -36.09 -21.23 -10.20
C GLN A 16 -37.44 -21.74 -10.68
N HIS A 17 -37.47 -22.36 -11.87
CA HIS A 17 -38.70 -22.91 -12.45
C HIS A 17 -39.05 -24.22 -11.74
N PHE A 18 -40.29 -24.29 -11.20
CA PHE A 18 -40.81 -25.45 -10.48
C PHE A 18 -41.77 -26.30 -11.31
N PRO A 19 -41.53 -27.64 -11.38
CA PRO A 19 -42.50 -28.51 -12.09
C PRO A 19 -43.74 -28.57 -11.22
N SER A 20 -44.86 -28.05 -11.73
CA SER A 20 -46.08 -27.90 -10.92
C SER A 20 -47.36 -28.30 -11.62
N THR A 21 -48.44 -28.41 -10.83
CA THR A 21 -49.80 -28.70 -11.28
C THR A 21 -50.72 -27.61 -10.75
N VAL A 22 -51.71 -27.16 -11.58
CA VAL A 22 -52.70 -26.17 -11.13
C VAL A 22 -53.64 -26.93 -10.18
N ASN A 23 -53.59 -26.59 -8.88
CA ASN A 23 -54.39 -27.21 -7.83
C ASN A 23 -55.84 -26.67 -7.81
N SER A 24 -56.02 -25.34 -7.98
CA SER A 24 -57.32 -24.66 -8.01
C SER A 24 -57.21 -23.30 -8.68
N CYS A 25 -58.29 -22.86 -9.34
CA CYS A 25 -58.41 -21.55 -10.00
C CYS A 25 -59.86 -21.04 -9.87
N ALA A 26 -60.13 -20.37 -8.73
CA ALA A 26 -61.45 -19.80 -8.40
C ALA A 26 -61.31 -18.52 -7.56
N GLU A 27 -62.30 -17.60 -7.69
CA GLU A 27 -62.41 -16.31 -6.98
C GLU A 27 -61.17 -15.40 -7.18
N GLY A 28 -60.56 -15.47 -8.36
CA GLY A 28 -59.39 -14.70 -8.74
C GLY A 28 -58.10 -15.13 -8.06
N ILE A 29 -58.09 -16.35 -7.47
CA ILE A 29 -56.93 -16.95 -6.79
C ILE A 29 -56.51 -18.20 -7.54
N VAL A 30 -55.19 -18.38 -7.73
CA VAL A 30 -54.64 -19.59 -8.35
C VAL A 30 -53.67 -20.24 -7.37
N VAL A 31 -53.82 -21.55 -7.16
CA VAL A 31 -52.97 -22.35 -6.27
C VAL A 31 -52.21 -23.37 -7.12
N PHE A 32 -50.87 -23.44 -6.95
CA PHE A 32 -50.01 -24.39 -7.65
C PHE A 32 -49.36 -25.32 -6.63
N ARG A 33 -49.28 -26.62 -6.97
CA ARG A 33 -48.61 -27.63 -6.14
C ARG A 33 -47.41 -28.17 -6.92
N THR A 34 -46.18 -28.02 -6.38
CA THR A 34 -44.97 -28.47 -7.07
C THR A 34 -44.76 -29.97 -6.85
N ASP A 35 -43.97 -30.61 -7.73
CA ASP A 35 -43.62 -32.02 -7.61
C ASP A 35 -42.67 -32.29 -6.42
N TYR A 36 -42.17 -31.21 -5.79
CA TYR A 36 -41.32 -31.29 -4.60
C TYR A 36 -42.13 -31.07 -3.30
N GLY A 37 -43.45 -30.95 -3.43
CA GLY A 37 -44.39 -30.82 -2.32
C GLY A 37 -44.74 -29.41 -1.83
N GLN A 38 -44.25 -28.38 -2.52
CA GLN A 38 -44.50 -26.99 -2.14
C GLN A 38 -45.81 -26.48 -2.71
N VAL A 39 -46.51 -25.65 -1.93
CA VAL A 39 -47.77 -25.05 -2.34
C VAL A 39 -47.58 -23.54 -2.43
N PHE A 40 -47.84 -22.98 -3.62
CA PHE A 40 -47.72 -21.55 -3.87
C PHE A 40 -49.07 -20.97 -4.31
N THR A 41 -49.52 -19.89 -3.66
CA THR A 41 -50.81 -19.22 -3.90
C THR A 41 -50.61 -17.79 -4.43
N TYR A 42 -51.36 -17.39 -5.47
CA TYR A 42 -51.27 -16.06 -6.08
C TYR A 42 -52.62 -15.51 -6.51
N LYS A 43 -52.67 -14.18 -6.70
CA LYS A 43 -53.83 -13.50 -7.28
C LYS A 43 -53.65 -13.77 -8.78
N GLN A 44 -54.70 -14.25 -9.47
CA GLN A 44 -54.65 -14.60 -10.90
C GLN A 44 -54.16 -13.43 -11.79
N SER A 45 -54.53 -12.18 -11.44
CA SER A 45 -54.12 -10.96 -12.15
C SER A 45 -52.60 -10.77 -12.20
N THR A 46 -51.87 -11.24 -11.16
CA THR A 46 -50.40 -11.14 -11.04
C THR A 46 -49.64 -12.17 -11.91
N ILE A 47 -50.35 -13.19 -12.42
CA ILE A 47 -49.74 -14.23 -13.26
C ILE A 47 -49.61 -13.67 -14.67
N THR A 48 -48.40 -13.19 -14.99
CA THR A 48 -48.10 -12.55 -16.27
C THR A 48 -47.91 -13.58 -17.38
N HIS A 49 -48.00 -13.13 -18.65
CA HIS A 49 -47.83 -13.96 -19.84
C HIS A 49 -46.38 -14.47 -19.96
N GLN A 50 -46.08 -15.55 -19.21
CA GLN A 50 -44.80 -16.26 -19.12
C GLN A 50 -43.62 -15.38 -18.63
N LYS A 51 -43.21 -15.40 -17.32
CA LYS A 51 -43.69 -16.03 -16.07
C LYS A 51 -44.01 -17.54 -16.15
N VAL A 52 -45.31 -17.93 -15.97
CA VAL A 52 -45.80 -19.31 -15.99
C VAL A 52 -45.85 -19.88 -17.42
N THR A 53 -44.88 -20.75 -17.74
CA THR A 53 -44.76 -21.41 -19.04
C THR A 53 -45.36 -22.81 -18.92
N ALA A 54 -46.30 -23.14 -19.82
CA ALA A 54 -46.95 -24.46 -19.85
C ALA A 54 -45.94 -25.53 -20.27
N MET A 55 -46.11 -26.78 -19.76
CA MET A 55 -45.22 -27.88 -20.09
C MET A 55 -45.41 -28.38 -21.52
N HIS A 56 -44.73 -27.69 -22.47
CA HIS A 56 -44.62 -27.97 -23.93
C HIS A 56 -44.39 -29.49 -24.04
N PRO A 57 -45.14 -30.28 -24.87
CA PRO A 57 -44.96 -31.73 -24.94
C PRO A 57 -44.01 -32.31 -23.89
N THR A 58 -44.60 -32.42 -22.66
CA THR A 58 -44.10 -32.72 -21.32
C THR A 58 -42.91 -33.72 -21.27
N ASN A 59 -43.10 -34.98 -21.73
CA ASN A 59 -42.09 -36.06 -21.66
C ASN A 59 -41.74 -36.24 -20.16
N GLU A 60 -42.78 -36.58 -19.34
CA GLU A 60 -42.69 -36.78 -17.88
C GLU A 60 -41.81 -38.00 -17.49
N GLU A 61 -41.00 -38.50 -18.44
CA GLU A 61 -40.07 -39.60 -18.29
C GLU A 61 -38.70 -39.15 -18.76
N ASP A 64 -32.59 -39.33 -23.24
CA ASP A 64 -31.22 -39.76 -22.89
C ASP A 64 -30.25 -38.57 -22.89
N ASP A 65 -30.65 -37.50 -23.58
CA ASP A 65 -29.81 -36.32 -23.74
C ASP A 65 -30.65 -35.10 -23.31
N MET A 66 -30.13 -34.36 -22.35
CA MET A 66 -30.84 -33.19 -21.79
C MET A 66 -31.07 -32.09 -22.83
N ALA A 67 -30.18 -32.03 -23.81
CA ALA A 67 -30.23 -30.97 -24.85
C ALA A 67 -31.46 -31.11 -25.75
N SER A 68 -32.15 -32.24 -25.65
CA SER A 68 -33.35 -32.48 -26.45
C SER A 68 -34.60 -31.80 -25.85
N LEU A 69 -34.46 -31.30 -24.62
CA LEU A 69 -35.53 -30.51 -23.98
C LEU A 69 -35.68 -29.20 -24.75
N THR A 70 -36.93 -28.80 -24.98
CA THR A 70 -37.21 -27.56 -25.74
C THR A 70 -36.97 -26.33 -24.86
N GLU A 71 -37.59 -26.33 -23.68
CA GLU A 71 -37.31 -25.32 -22.67
C GLU A 71 -36.15 -25.84 -21.83
N LEU A 72 -34.97 -25.33 -22.15
CA LEU A 72 -33.72 -25.87 -21.64
C LEU A 72 -33.19 -24.94 -20.54
N HIS A 73 -33.69 -25.19 -19.34
CA HIS A 73 -33.35 -24.38 -18.16
C HIS A 73 -33.17 -25.28 -16.93
N GLY A 74 -32.89 -24.64 -15.79
CA GLY A 74 -32.52 -25.34 -14.55
C GLY A 74 -33.57 -26.38 -14.14
N GLY A 75 -34.80 -25.92 -13.96
CA GLY A 75 -35.92 -26.78 -13.52
C GLY A 75 -36.07 -28.01 -14.41
N SER A 76 -35.93 -27.80 -15.71
CA SER A 76 -36.09 -28.90 -16.69
C SER A 76 -34.98 -29.94 -16.53
N ILE A 77 -33.76 -29.45 -16.32
CA ILE A 77 -32.60 -30.34 -16.15
C ILE A 77 -32.74 -31.15 -14.86
N MET A 78 -33.12 -30.44 -13.80
CA MET A 78 -33.27 -31.04 -12.48
C MET A 78 -34.38 -32.11 -12.52
N TYR A 79 -35.48 -31.78 -13.19
CA TYR A 79 -36.65 -32.66 -13.24
C TYR A 79 -36.34 -33.91 -14.09
N ASN A 80 -35.70 -33.68 -15.23
CA ASN A 80 -35.34 -34.77 -16.15
C ASN A 80 -34.32 -35.74 -15.55
N LEU A 81 -33.30 -35.21 -14.89
CA LEU A 81 -32.30 -36.05 -14.22
C LEU A 81 -32.96 -36.84 -13.10
N PHE A 82 -33.90 -36.17 -12.43
CA PHE A 82 -34.57 -36.74 -11.26
C PHE A 82 -35.43 -37.94 -11.64
N GLN A 83 -36.27 -37.76 -12.66
CA GLN A 83 -37.20 -38.81 -13.11
C GLN A 83 -36.43 -40.03 -13.63
N ARG A 84 -35.43 -39.77 -14.47
CA ARG A 84 -34.56 -40.83 -15.00
C ARG A 84 -33.89 -41.55 -13.85
N TYR A 85 -33.43 -40.86 -12.84
CA TYR A 85 -32.67 -41.45 -11.74
C TYR A 85 -33.57 -42.23 -10.77
N LYS A 86 -34.71 -41.63 -10.43
CA LYS A 86 -35.62 -42.19 -9.43
C LYS A 86 -36.60 -43.20 -10.04
N ARG A 87 -37.25 -42.81 -11.13
CA ARG A 87 -38.29 -43.63 -11.75
C ARG A 87 -37.94 -44.04 -13.18
N ASN A 88 -36.65 -44.15 -13.45
CA ASN A 88 -36.17 -44.55 -14.78
C ASN A 88 -34.69 -44.95 -14.71
N GLN A 89 -34.25 -45.70 -15.71
CA GLN A 89 -32.86 -46.15 -15.76
C GLN A 89 -31.94 -44.92 -15.76
N ILE A 90 -30.93 -44.99 -14.92
CA ILE A 90 -29.96 -43.88 -14.78
C ILE A 90 -29.07 -43.80 -16.03
N TYR A 91 -28.84 -42.57 -16.49
CA TYR A 91 -27.89 -42.38 -17.56
C TYR A 91 -26.87 -41.27 -17.31
N THR A 92 -26.83 -40.07 -17.88
CA THR A 92 -27.68 -39.41 -18.89
C THR A 92 -26.70 -38.49 -19.65
N TYR A 93 -26.99 -38.14 -20.90
CA TYR A 93 -26.12 -37.23 -21.66
C TYR A 93 -26.59 -35.78 -21.55
N ILE A 94 -25.62 -34.89 -21.63
CA ILE A 94 -25.87 -33.45 -21.78
C ILE A 94 -25.00 -33.00 -22.95
N GLY A 95 -25.51 -33.27 -24.15
CA GLY A 95 -24.72 -33.12 -25.36
C GLY A 95 -23.62 -34.18 -25.34
N SER A 96 -22.37 -33.73 -25.35
CA SER A 96 -21.22 -34.64 -25.31
C SER A 96 -20.92 -35.09 -23.88
N ILE A 97 -21.39 -34.30 -22.92
CA ILE A 97 -21.11 -34.59 -21.51
C ILE A 97 -21.95 -35.77 -21.01
N LEU A 98 -21.28 -36.64 -20.27
CA LEU A 98 -21.92 -37.76 -19.58
C LEU A 98 -22.12 -37.37 -18.11
N ALA A 99 -23.37 -37.16 -17.73
CA ALA A 99 -23.70 -36.86 -16.33
C ALA A 99 -23.94 -38.19 -15.61
N SER A 100 -23.21 -38.37 -14.52
CA SER A 100 -23.29 -39.60 -13.72
C SER A 100 -23.67 -39.25 -12.29
N VAL A 101 -24.82 -39.75 -11.87
CA VAL A 101 -25.35 -39.47 -10.53
C VAL A 101 -25.10 -40.69 -9.62
N ASN A 102 -24.36 -40.44 -8.55
CA ASN A 102 -24.09 -41.49 -7.56
C ASN A 102 -25.37 -41.84 -6.81
N PRO A 103 -25.47 -43.09 -6.40
CA PRO A 103 -26.56 -43.52 -5.54
C PRO A 103 -26.17 -44.74 -4.71
N TYR A 104 -27.07 -45.74 -4.75
CA TYR A 104 -26.92 -47.03 -4.14
C TYR A 104 -25.77 -47.81 -4.76
N GLN A 105 -24.91 -48.31 -3.87
CA GLN A 105 -23.79 -49.21 -4.27
C GLN A 105 -24.22 -50.30 -5.27
N MET A 116 -20.36 -54.28 -21.60
CA MET A 116 -19.10 -54.29 -22.33
C MET A 116 -19.26 -54.82 -23.75
N GLU A 117 -19.78 -56.04 -23.89
CA GLU A 117 -19.91 -56.64 -25.22
C GLU A 117 -20.95 -55.86 -26.04
N GLN A 118 -22.04 -55.47 -25.38
CA GLN A 118 -23.12 -54.73 -26.04
C GLN A 118 -22.72 -53.32 -26.47
N TYR A 119 -21.79 -52.70 -25.74
CA TYR A 119 -21.33 -51.34 -26.08
C TYR A 119 -20.21 -51.35 -27.11
N SER A 120 -19.41 -52.41 -27.07
CA SER A 120 -18.27 -52.55 -27.99
C SER A 120 -18.78 -52.55 -29.44
N ARG A 121 -18.17 -51.70 -30.26
CA ARG A 121 -18.46 -51.62 -31.70
C ARG A 121 -19.65 -50.71 -32.04
N ARG A 122 -20.36 -50.23 -31.02
CA ARG A 122 -21.52 -49.36 -31.25
C ARG A 122 -21.11 -47.88 -31.32
N HIS A 123 -21.96 -47.07 -31.95
CA HIS A 123 -21.77 -45.64 -32.08
C HIS A 123 -22.26 -44.90 -30.83
N LEU A 124 -21.67 -43.73 -30.58
CA LEU A 124 -22.08 -42.83 -29.50
C LEU A 124 -23.43 -42.20 -29.85
N GLY A 125 -24.47 -42.74 -29.23
CA GLY A 125 -25.85 -42.27 -29.47
C GLY A 125 -26.82 -43.42 -29.67
N GLU A 126 -26.36 -44.51 -30.28
CA GLU A 126 -27.22 -45.69 -30.52
C GLU A 126 -27.51 -46.45 -29.23
N LEU A 127 -26.59 -46.33 -28.27
CA LEU A 127 -26.76 -46.98 -26.97
C LEU A 127 -27.14 -45.95 -25.92
N PRO A 128 -27.83 -46.44 -24.88
CA PRO A 128 -28.21 -45.62 -23.73
C PRO A 128 -26.92 -45.15 -23.05
N PRO A 129 -26.94 -43.93 -22.54
CA PRO A 129 -25.78 -43.31 -21.90
C PRO A 129 -25.19 -44.25 -20.83
N HIS A 130 -23.88 -44.29 -20.79
CA HIS A 130 -23.14 -45.22 -19.93
C HIS A 130 -21.67 -44.82 -20.01
N ILE A 131 -20.93 -45.03 -18.93
CA ILE A 131 -19.50 -44.74 -18.92
C ILE A 131 -18.80 -45.54 -20.03
N PHE A 132 -19.32 -46.72 -20.34
CA PHE A 132 -18.77 -47.53 -21.43
C PHE A 132 -18.84 -46.83 -22.77
N ALA A 133 -19.93 -46.09 -22.97
CA ALA A 133 -20.15 -45.39 -24.23
C ALA A 133 -19.04 -44.36 -24.45
N ILE A 134 -18.64 -43.73 -23.34
CA ILE A 134 -17.56 -42.74 -23.38
C ILE A 134 -16.22 -43.43 -23.59
N ALA A 135 -16.03 -44.55 -22.89
CA ALA A 135 -14.81 -45.34 -23.01
C ALA A 135 -14.67 -45.86 -24.44
N ASN A 136 -15.77 -46.31 -25.02
CA ASN A 136 -15.77 -46.82 -26.39
C ASN A 136 -15.40 -45.71 -27.39
N GLU A 137 -16.08 -44.57 -27.25
CA GLU A 137 -15.80 -43.42 -28.12
C GLU A 137 -14.33 -43.02 -28.04
N CYS A 138 -13.75 -43.15 -26.85
CA CYS A 138 -12.35 -42.77 -26.64
C CYS A 138 -11.43 -43.79 -27.30
N TYR A 139 -11.77 -45.08 -27.14
CA TYR A 139 -11.00 -46.16 -27.76
C TYR A 139 -11.12 -46.05 -29.27
N ARG A 140 -12.32 -45.81 -29.74
CA ARG A 140 -12.65 -45.61 -31.09
C ARG A 140 -11.80 -44.49 -31.77
N CYS A 141 -12.00 -43.32 -31.21
CA CYS A 141 -11.35 -42.11 -31.74
C CYS A 141 -9.83 -42.22 -31.65
N LEU A 142 -9.36 -42.98 -30.67
CA LEU A 142 -7.92 -43.17 -30.49
C LEU A 142 -7.32 -43.80 -31.76
N TRP A 143 -7.88 -44.94 -32.16
CA TRP A 143 -7.44 -45.63 -33.39
C TRP A 143 -7.76 -44.83 -34.66
N LYS A 144 -8.97 -44.28 -34.71
CA LYS A 144 -9.45 -43.60 -35.92
C LYS A 144 -8.66 -42.33 -36.24
N ARG A 145 -8.45 -41.52 -35.20
CA ARG A 145 -7.78 -40.22 -35.37
C ARG A 145 -6.28 -40.34 -35.15
N HIS A 146 -5.83 -41.51 -34.70
CA HIS A 146 -4.43 -41.69 -34.31
C HIS A 146 -4.07 -40.47 -33.46
N ASP A 147 -4.61 -40.44 -32.27
CA ASP A 147 -4.55 -39.28 -31.38
C ASP A 147 -4.87 -39.74 -29.96
N ASN A 148 -4.10 -39.22 -29.02
CA ASN A 148 -4.29 -39.53 -27.59
C ASN A 148 -5.64 -38.96 -27.12
N GLN A 149 -6.26 -39.66 -26.19
CA GLN A 149 -7.59 -39.27 -25.67
C GLN A 149 -7.48 -38.97 -24.17
N CYS A 150 -8.33 -38.06 -23.72
CA CYS A 150 -8.45 -37.75 -22.30
C CYS A 150 -9.92 -37.88 -21.89
N ILE A 151 -10.15 -38.56 -20.78
CA ILE A 151 -11.49 -38.67 -20.19
C ILE A 151 -11.45 -37.91 -18.86
N LEU A 152 -12.00 -36.70 -18.90
CA LEU A 152 -11.94 -35.77 -17.78
C LEU A 152 -13.16 -35.99 -16.88
N ILE A 153 -12.91 -36.63 -15.76
CA ILE A 153 -13.96 -36.98 -14.79
C ILE A 153 -13.93 -35.94 -13.67
N SER A 154 -14.88 -35.03 -13.72
CA SER A 154 -14.92 -33.90 -12.78
C SER A 154 -16.09 -34.05 -11.82
N GLY A 155 -16.00 -33.32 -10.72
CA GLY A 155 -16.98 -33.37 -9.62
C GLY A 155 -16.21 -33.58 -8.32
N GLU A 156 -16.87 -33.34 -7.20
CA GLU A 156 -16.20 -33.53 -5.90
C GLU A 156 -16.02 -35.02 -5.63
N SER A 157 -15.01 -35.32 -4.81
CA SER A 157 -14.69 -36.71 -4.45
C SER A 157 -15.92 -37.32 -3.75
N GLY A 158 -16.22 -38.57 -4.10
CA GLY A 158 -17.36 -39.27 -3.48
C GLY A 158 -18.56 -39.28 -4.42
N ALA A 159 -18.54 -38.37 -5.40
CA ALA A 159 -19.62 -38.26 -6.40
C ALA A 159 -19.68 -39.49 -7.29
N GLY A 160 -18.59 -40.27 -7.27
CA GLY A 160 -18.53 -41.55 -8.02
C GLY A 160 -17.48 -41.49 -9.12
N LYS A 161 -16.42 -40.73 -8.87
CA LYS A 161 -15.35 -40.57 -9.87
C LYS A 161 -14.44 -41.80 -9.97
N THR A 162 -14.24 -42.49 -8.86
CA THR A 162 -13.33 -43.65 -8.86
C THR A 162 -14.00 -44.86 -9.53
N GLU A 163 -15.32 -44.94 -9.41
CA GLU A 163 -16.10 -45.99 -10.10
C GLU A 163 -16.06 -45.75 -11.61
N SER A 164 -16.14 -44.48 -12.00
CA SER A 164 -16.11 -44.10 -13.43
C SER A 164 -14.75 -44.46 -14.02
N THR A 165 -13.70 -44.21 -13.25
CA THR A 165 -12.33 -44.51 -13.67
C THR A 165 -12.13 -46.02 -13.76
N LYS A 166 -12.66 -46.71 -12.75
CA LYS A 166 -12.55 -48.18 -12.66
C LYS A 166 -13.16 -48.87 -13.87
N LEU A 167 -14.32 -48.41 -14.27
CA LEU A 167 -15.09 -49.05 -15.33
C LEU A 167 -14.61 -48.63 -16.73
N ILE A 168 -14.08 -47.41 -16.82
CA ILE A 168 -13.49 -46.97 -18.09
C ILE A 168 -12.28 -47.87 -18.40
N LEU A 169 -11.52 -48.14 -17.33
CA LEU A 169 -10.32 -48.95 -17.41
C LEU A 169 -10.66 -50.43 -17.61
N LYS A 170 -11.65 -50.91 -16.86
CA LYS A 170 -12.15 -52.29 -17.02
C LYS A 170 -12.59 -52.53 -18.46
N PHE A 171 -13.20 -51.48 -19.01
CA PHE A 171 -13.73 -51.54 -20.38
C PHE A 171 -12.60 -51.62 -21.40
N LEU A 172 -11.64 -50.72 -21.28
CA LEU A 172 -10.51 -50.66 -22.22
C LEU A 172 -9.70 -51.95 -22.17
N SER A 173 -9.62 -52.55 -20.99
CA SER A 173 -8.89 -53.81 -20.81
C SER A 173 -9.60 -54.95 -21.52
N VAL A 174 -10.93 -54.96 -21.44
CA VAL A 174 -11.75 -56.01 -22.04
C VAL A 174 -11.73 -55.94 -23.57
N ILE A 175 -12.20 -54.82 -24.10
CA ILE A 175 -12.39 -54.65 -25.55
C ILE A 175 -11.06 -54.77 -26.30
N SER A 176 -9.98 -54.34 -25.64
CA SER A 176 -8.64 -54.42 -26.26
C SER A 176 -8.28 -55.88 -26.49
N LEU A 196 -6.05 -49.40 -9.32
CA LEU A 196 -6.81 -49.40 -8.08
C LEU A 196 -6.05 -49.65 -6.80
N GLU A 197 -5.05 -50.52 -6.90
CA GLU A 197 -4.25 -50.84 -5.70
C GLU A 197 -3.50 -49.60 -5.19
N SER A 198 -3.23 -48.67 -6.09
CA SER A 198 -2.49 -47.44 -5.74
C SER A 198 -3.41 -46.40 -5.09
N SER A 199 -4.71 -46.60 -5.22
CA SER A 199 -5.70 -45.63 -4.73
C SER A 199 -5.46 -45.24 -3.27
N PRO A 200 -5.27 -46.23 -2.40
CA PRO A 200 -5.05 -46.02 -0.96
C PRO A 200 -3.80 -45.14 -0.74
N ILE A 201 -2.82 -45.32 -1.62
CA ILE A 201 -1.56 -44.57 -1.53
C ILE A 201 -1.83 -43.09 -1.86
N MET A 202 -2.46 -42.88 -3.00
CA MET A 202 -2.71 -41.52 -3.51
C MET A 202 -3.69 -40.76 -2.62
N GLU A 203 -4.69 -41.46 -2.11
CA GLU A 203 -5.64 -40.85 -1.16
C GLU A 203 -4.94 -40.45 0.15
N ALA A 204 -3.94 -41.24 0.53
CA ALA A 204 -3.23 -41.00 1.80
C ALA A 204 -2.40 -39.72 1.74
N PHE A 205 -1.89 -39.43 0.54
CA PHE A 205 -0.94 -38.31 0.35
C PHE A 205 -1.59 -37.13 -0.37
N GLY A 206 -2.72 -37.40 -1.02
CA GLY A 206 -3.35 -36.41 -1.91
C GLY A 206 -4.76 -36.00 -1.47
N ASN A 207 -5.33 -36.75 -0.53
CA ASN A 207 -6.70 -36.49 -0.07
C ASN A 207 -6.68 -35.98 1.37
N ALA A 208 -7.70 -35.21 1.70
CA ALA A 208 -7.82 -34.60 3.03
C ALA A 208 -9.28 -34.31 3.32
N LYS A 209 -9.61 -34.33 4.61
CA LYS A 209 -10.96 -34.00 5.06
C LYS A 209 -11.08 -32.48 5.12
N THR A 210 -12.04 -31.98 4.35
CA THR A 210 -12.37 -30.54 4.36
C THR A 210 -13.68 -30.42 5.14
N VAL A 211 -14.19 -29.20 5.23
CA VAL A 211 -15.44 -28.96 5.96
C VAL A 211 -16.62 -29.67 5.28
N TYR A 212 -16.50 -29.87 3.95
CA TYR A 212 -17.63 -30.33 3.13
C TYR A 212 -17.44 -31.72 2.56
N ASN A 213 -16.36 -32.40 2.93
CA ASN A 213 -16.07 -33.71 2.33
C ASN A 213 -14.93 -34.39 3.10
N ASN A 214 -15.25 -35.60 3.56
CA ASN A 214 -14.35 -36.35 4.45
C ASN A 214 -13.10 -36.86 3.72
N ASN A 215 -13.21 -37.01 2.40
CA ASN A 215 -12.14 -37.61 1.61
C ASN A 215 -12.07 -36.91 0.25
N SER A 216 -11.54 -35.70 0.29
CA SER A 216 -11.47 -34.83 -0.90
C SER A 216 -10.05 -34.84 -1.47
N SER A 217 -9.96 -35.05 -2.78
CA SER A 217 -8.68 -34.99 -3.48
C SER A 217 -8.29 -33.53 -3.70
N ARG A 218 -7.12 -33.17 -3.20
CA ARG A 218 -6.65 -31.78 -3.27
C ARG A 218 -5.55 -31.68 -4.33
N PHE A 219 -5.75 -32.42 -5.41
CA PHE A 219 -4.82 -32.44 -6.55
C PHE A 219 -5.51 -33.15 -7.73
N GLY A 220 -5.02 -32.89 -8.93
CA GLY A 220 -5.54 -33.53 -10.13
C GLY A 220 -4.67 -34.75 -10.47
N LYS A 221 -5.33 -35.89 -10.66
CA LYS A 221 -4.63 -37.15 -10.97
C LYS A 221 -4.98 -37.57 -12.39
N PHE A 222 -3.93 -37.79 -13.17
CA PHE A 222 -4.08 -38.18 -14.59
C PHE A 222 -3.39 -39.53 -14.82
N VAL A 223 -4.22 -40.54 -15.03
CA VAL A 223 -3.73 -41.91 -15.26
C VAL A 223 -3.76 -42.22 -16.76
N GLN A 224 -2.61 -42.07 -17.39
CA GLN A 224 -2.45 -42.37 -18.82
C GLN A 224 -2.43 -43.89 -19.02
N LEU A 225 -3.52 -44.41 -19.54
CA LEU A 225 -3.62 -45.84 -19.85
C LEU A 225 -2.95 -46.06 -21.21
N ASN A 226 -1.79 -46.71 -21.16
CA ASN A 226 -0.94 -46.86 -22.34
C ASN A 226 -1.38 -48.05 -23.20
N ILE A 227 -1.41 -47.82 -24.50
CA ILE A 227 -1.78 -48.85 -25.47
C ILE A 227 -0.63 -49.03 -26.47
N CYS A 228 -0.39 -50.28 -26.85
CA CYS A 228 0.65 -50.61 -27.84
C CYS A 228 0.15 -50.24 -29.24
N GLN A 229 0.85 -50.77 -30.25
CA GLN A 229 0.55 -50.53 -31.66
C GLN A 229 -0.77 -51.19 -32.07
N LYS A 230 -1.13 -52.26 -31.36
CA LYS A 230 -2.36 -53.01 -31.64
C LYS A 230 -3.44 -52.74 -30.59
N GLY A 231 -3.36 -51.55 -29.99
CA GLY A 231 -4.42 -51.07 -29.08
C GLY A 231 -4.76 -52.06 -27.97
N ASN A 232 -3.73 -52.72 -27.45
CA ASN A 232 -3.87 -53.56 -26.25
C ASN A 232 -3.25 -52.81 -25.08
N ILE A 233 -3.87 -52.87 -23.92
CA ILE A 233 -3.32 -52.17 -22.75
C ILE A 233 -2.00 -52.83 -22.33
N GLN A 234 -0.97 -52.00 -22.23
CA GLN A 234 0.36 -52.48 -21.80
C GLN A 234 0.68 -52.04 -20.37
N GLY A 235 0.14 -50.88 -19.98
CA GLY A 235 0.36 -50.37 -18.62
C GLY A 235 -0.24 -48.98 -18.42
N GLY A 236 0.17 -48.34 -17.34
CA GLY A 236 -0.31 -47.00 -16.95
C GLY A 236 0.81 -46.10 -16.43
N ARG A 237 0.61 -44.80 -16.55
CA ARG A 237 1.54 -43.78 -16.03
C ARG A 237 0.74 -42.67 -15.35
N ILE A 238 0.92 -42.55 -14.05
CA ILE A 238 0.24 -41.50 -13.27
C ILE A 238 1.03 -40.18 -13.31
N VAL A 239 0.35 -39.13 -13.71
CA VAL A 239 0.86 -37.75 -13.55
C VAL A 239 -0.07 -37.01 -12.58
N ASP A 240 0.53 -36.18 -11.74
CA ASP A 240 -0.23 -35.42 -10.75
C ASP A 240 0.01 -33.91 -10.93
N TYR A 241 -1.03 -33.12 -10.67
CA TYR A 241 -1.01 -31.68 -10.78
C TYR A 241 -1.79 -31.03 -9.64
N LEU A 242 -1.52 -29.74 -9.47
CA LEU A 242 -2.34 -28.85 -8.62
C LEU A 242 -2.37 -29.27 -7.16
N LEU A 243 -1.29 -29.89 -6.67
CA LEU A 243 -1.29 -30.32 -5.27
C LEU A 243 -1.41 -29.07 -4.39
N GLU A 244 -2.31 -29.17 -3.42
CA GLU A 244 -2.60 -28.05 -2.50
C GLU A 244 -1.52 -28.04 -1.40
N LYS A 245 -0.40 -27.42 -1.73
CA LYS A 245 0.76 -27.38 -0.83
C LYS A 245 0.42 -26.73 0.51
N ASN A 246 -0.45 -25.72 0.47
CA ASN A 246 -0.75 -24.91 1.66
C ASN A 246 -1.25 -25.78 2.82
N ARG A 247 -1.90 -26.89 2.47
CA ARG A 247 -2.56 -27.76 3.45
C ARG A 247 -1.53 -28.47 4.33
N VAL A 248 -0.33 -28.68 3.79
CA VAL A 248 0.72 -29.40 4.53
C VAL A 248 1.04 -28.71 5.87
N VAL A 249 0.92 -27.39 5.89
CA VAL A 249 1.34 -26.61 7.07
C VAL A 249 0.18 -25.83 7.70
N ARG A 250 -0.93 -25.74 6.99
CA ARG A 250 -2.09 -24.98 7.47
C ARG A 250 -3.40 -25.72 7.18
N GLN A 251 -4.26 -25.78 8.20
CA GLN A 251 -5.63 -26.24 8.00
C GLN A 251 -6.59 -25.24 8.64
N ASN A 252 -7.69 -24.99 7.94
CA ASN A 252 -8.77 -24.15 8.48
C ASN A 252 -9.56 -25.02 9.46
N PRO A 253 -10.44 -24.39 10.24
CA PRO A 253 -11.28 -25.06 11.22
C PRO A 253 -12.03 -26.23 10.57
N GLY A 254 -11.99 -27.36 11.28
CA GLY A 254 -12.70 -28.57 10.87
C GLY A 254 -12.12 -29.26 9.65
N GLU A 255 -10.89 -28.91 9.31
CA GLU A 255 -10.21 -29.58 8.19
C GLU A 255 -8.94 -30.27 8.66
N ARG A 256 -8.53 -31.32 8.00
CA ARG A 256 -7.31 -32.05 8.35
C ARG A 256 -6.27 -31.89 7.24
N ASN A 257 -5.03 -32.10 7.64
CA ASN A 257 -3.92 -32.23 6.69
C ASN A 257 -4.20 -33.51 5.91
N TYR A 258 -3.32 -33.86 4.97
CA TYR A 258 -3.50 -35.09 4.19
C TYR A 258 -3.60 -36.30 5.12
N HIS A 259 -4.60 -37.06 4.58
CA HIS A 259 -5.02 -38.26 5.27
C HIS A 259 -3.86 -39.06 5.84
N ILE A 260 -2.78 -39.19 5.04
CA ILE A 260 -1.58 -39.98 5.36
C ILE A 260 -1.02 -39.67 6.75
N PHE A 261 -0.98 -38.39 7.20
CA PHE A 261 -0.46 -38.06 8.54
C PHE A 261 -1.26 -38.71 9.65
N TYR A 262 -2.59 -38.68 9.52
CA TYR A 262 -3.48 -39.25 10.52
C TYR A 262 -3.42 -40.76 10.43
N ALA A 263 -3.31 -41.28 9.18
CA ALA A 263 -3.21 -42.71 8.91
C ALA A 263 -1.95 -43.28 9.56
N LEU A 264 -0.80 -42.58 9.39
CA LEU A 264 0.51 -42.92 9.95
C LEU A 264 0.43 -43.00 11.46
N LEU A 265 -0.07 -41.93 12.11
CA LEU A 265 -0.18 -41.87 13.57
C LEU A 265 -1.11 -42.94 14.17
N ALA A 266 -2.18 -43.30 13.44
CA ALA A 266 -3.17 -44.30 13.87
C ALA A 266 -2.77 -45.74 13.56
N GLY A 267 -1.97 -45.91 12.50
CA GLY A 267 -1.57 -47.23 11.99
C GLY A 267 -0.20 -47.79 12.33
N LEU A 268 0.78 -46.93 12.69
CA LEU A 268 2.11 -47.43 13.05
C LEU A 268 2.04 -48.27 14.30
N GLU A 269 2.90 -49.30 14.37
CA GLU A 269 3.01 -50.18 15.53
C GLU A 269 3.75 -49.40 16.64
N HIS A 270 3.52 -49.75 17.93
CA HIS A 270 4.12 -49.07 19.09
C HIS A 270 5.63 -48.81 18.95
N GLU A 271 6.39 -49.81 18.47
CA GLU A 271 7.85 -49.77 18.28
C GLU A 271 8.32 -48.69 17.31
N GLU A 272 7.67 -48.61 16.13
CA GLU A 272 7.99 -47.61 15.12
C GLU A 272 7.55 -46.22 15.55
N ARG A 273 6.38 -46.14 16.20
CA ARG A 273 5.82 -44.92 16.73
C ARG A 273 6.82 -44.27 17.73
N GLU A 274 7.37 -45.09 18.64
CA GLU A 274 8.35 -44.69 19.65
C GLU A 274 9.68 -44.31 18.98
N GLU A 275 10.07 -45.03 17.92
CA GLU A 275 11.30 -44.78 17.15
C GLU A 275 11.29 -43.39 16.50
N PHE A 276 10.12 -42.97 16.01
CA PHE A 276 9.96 -41.70 15.33
C PHE A 276 9.47 -40.60 16.24
N TYR A 277 9.40 -40.89 17.57
CA TYR A 277 8.98 -39.95 18.63
C TYR A 277 7.58 -39.41 18.41
N LEU A 278 6.70 -40.25 17.83
CA LEU A 278 5.34 -39.87 17.48
C LEU A 278 4.32 -40.13 18.57
N SER A 279 3.38 -39.21 18.71
CA SER A 279 2.27 -39.31 19.64
C SER A 279 1.01 -39.01 18.84
N THR A 280 -0.07 -38.58 19.49
CA THR A 280 -1.36 -38.30 18.87
C THR A 280 -1.37 -37.06 17.95
N PRO A 281 -2.32 -36.97 16.98
CA PRO A 281 -2.37 -35.80 16.09
C PRO A 281 -2.53 -34.43 16.78
N GLU A 282 -3.18 -34.37 17.95
CA GLU A 282 -3.38 -33.15 18.77
C GLU A 282 -2.07 -32.51 19.15
N ASN A 283 -1.01 -33.31 19.26
CA ASN A 283 0.31 -32.84 19.66
C ASN A 283 1.09 -32.11 18.55
N TYR A 284 0.56 -32.09 17.30
CA TYR A 284 1.26 -31.50 16.16
C TYR A 284 0.59 -30.28 15.57
N HIS A 285 1.35 -29.18 15.51
CA HIS A 285 0.92 -27.89 14.98
C HIS A 285 0.35 -28.04 13.57
N TYR A 286 0.99 -28.88 12.75
CA TYR A 286 0.53 -29.09 11.37
C TYR A 286 -0.79 -29.88 11.28
N LEU A 287 -1.25 -30.48 12.40
CA LEU A 287 -2.49 -31.27 12.42
C LEU A 287 -3.58 -30.74 13.33
N ASN A 288 -3.22 -29.91 14.36
CA ASN A 288 -4.15 -29.44 15.39
C ASN A 288 -4.77 -28.06 15.20
N GLN A 289 -4.02 -27.09 14.64
CA GLN A 289 -4.40 -25.67 14.45
C GLN A 289 -5.86 -25.41 13.93
N SER A 290 -6.46 -26.38 13.19
CA SER A 290 -7.81 -26.28 12.61
C SER A 290 -8.95 -26.35 13.64
N GLY A 291 -8.84 -27.28 14.59
CA GLY A 291 -9.83 -27.51 15.64
C GLY A 291 -10.83 -28.58 15.26
N CYS A 292 -10.37 -29.62 14.52
CA CYS A 292 -11.17 -30.74 14.05
C CYS A 292 -11.51 -31.70 15.22
N VAL A 293 -12.82 -31.88 15.52
CA VAL A 293 -13.31 -32.75 16.61
C VAL A 293 -12.94 -34.23 16.35
N GLU A 294 -13.27 -34.75 15.14
CA GLU A 294 -12.99 -36.08 14.57
C GLU A 294 -13.31 -37.27 15.46
N ASP A 295 -12.55 -37.45 16.57
CA ASP A 295 -12.64 -38.49 17.63
C ASP A 295 -12.18 -39.89 17.16
N LYS A 296 -12.74 -40.35 16.03
CA LYS A 296 -12.43 -41.66 15.48
C LYS A 296 -11.13 -41.70 14.67
N THR A 297 -10.18 -42.52 15.17
CA THR A 297 -8.94 -42.84 14.47
C THR A 297 -9.45 -43.91 13.49
N ILE A 298 -9.92 -45.10 14.00
CA ILE A 298 -10.54 -46.28 13.35
C ILE A 298 -10.44 -46.34 11.80
N SER A 299 -11.07 -45.36 11.08
CA SER A 299 -11.03 -45.20 9.62
C SER A 299 -9.59 -44.89 9.14
N ASP A 300 -8.83 -44.05 9.91
CA ASP A 300 -7.43 -43.66 9.70
C ASP A 300 -6.58 -44.90 9.82
N GLN A 301 -6.90 -45.77 10.83
CA GLN A 301 -6.21 -47.04 11.02
C GLN A 301 -6.51 -47.97 9.84
N GLU A 302 -7.77 -48.03 9.36
CA GLU A 302 -8.11 -48.85 8.17
C GLU A 302 -7.42 -48.35 6.92
N SER A 303 -7.35 -47.02 6.74
CA SER A 303 -6.68 -46.40 5.62
C SER A 303 -5.21 -46.77 5.63
N PHE A 304 -4.59 -46.90 6.81
CA PHE A 304 -3.18 -47.28 6.93
C PHE A 304 -2.96 -48.67 6.33
N ARG A 305 -3.73 -49.68 6.79
CA ARG A 305 -3.71 -51.07 6.32
C ARG A 305 -3.77 -51.09 4.80
N GLU A 306 -4.75 -50.34 4.25
CA GLU A 306 -5.03 -50.21 2.83
C GLU A 306 -3.81 -49.66 2.05
N VAL A 307 -3.14 -48.60 2.59
CA VAL A 307 -1.96 -47.96 2.01
C VAL A 307 -0.79 -48.93 2.01
N ILE A 308 -0.52 -49.55 3.17
CA ILE A 308 0.57 -50.51 3.34
C ILE A 308 0.46 -51.68 2.33
N THR A 309 -0.77 -52.22 2.17
CA THR A 309 -1.07 -53.29 1.24
C THR A 309 -0.77 -52.83 -0.18
N ALA A 310 -1.26 -51.62 -0.53
CA ALA A 310 -1.09 -51.03 -1.85
C ALA A 310 0.38 -50.79 -2.15
N MET A 311 1.15 -50.31 -1.16
CA MET A 311 2.58 -50.06 -1.34
C MET A 311 3.34 -51.35 -1.59
N ASP A 312 2.92 -52.44 -0.93
CA ASP A 312 3.50 -53.77 -1.13
C ASP A 312 3.25 -54.20 -2.58
N VAL A 313 1.99 -54.07 -3.08
CA VAL A 313 1.61 -54.38 -4.47
C VAL A 313 2.47 -53.54 -5.44
N MET A 314 2.68 -52.25 -5.11
CA MET A 314 3.41 -51.27 -5.89
C MET A 314 4.94 -51.49 -5.91
N GLN A 315 5.41 -52.53 -5.18
CA GLN A 315 6.82 -52.93 -5.06
C GLN A 315 7.68 -51.88 -4.30
N PHE A 316 7.09 -51.26 -3.27
CA PHE A 316 7.84 -50.40 -2.36
C PHE A 316 8.43 -51.42 -1.38
N SER A 317 9.76 -51.35 -1.16
CA SER A 317 10.44 -52.24 -0.22
C SER A 317 10.03 -51.86 1.20
N LYS A 318 10.25 -52.76 2.16
CA LYS A 318 9.91 -52.46 3.55
C LYS A 318 10.71 -51.24 4.02
N GLU A 319 11.81 -51.13 3.50
CA GLU A 319 12.80 -50.13 3.93
C GLU A 319 12.40 -48.74 3.42
N GLU A 320 11.95 -48.71 2.17
CA GLU A 320 11.53 -47.45 1.53
C GLU A 320 10.24 -46.92 2.16
N VAL A 321 9.37 -47.84 2.57
CA VAL A 321 8.11 -47.48 3.24
C VAL A 321 8.42 -46.79 4.57
N ARG A 322 9.34 -47.41 5.31
CA ARG A 322 9.76 -46.89 6.61
C ARG A 322 10.45 -45.54 6.42
N GLU A 323 11.10 -45.38 5.27
CA GLU A 323 11.75 -44.10 4.93
C GLU A 323 10.70 -43.02 4.63
N VAL A 324 9.61 -43.44 3.99
CA VAL A 324 8.51 -42.51 3.70
C VAL A 324 7.91 -41.99 5.00
N SER A 325 7.75 -42.93 5.95
CA SER A 325 7.12 -42.61 7.23
C SER A 325 8.10 -41.79 8.11
N ARG A 326 9.38 -42.09 7.96
CA ARG A 326 10.42 -41.35 8.70
C ARG A 326 10.46 -39.89 8.23
N LEU A 327 10.23 -39.70 6.93
CA LEU A 327 10.22 -38.36 6.34
C LEU A 327 8.96 -37.58 6.74
N LEU A 328 7.83 -38.27 6.75
CA LEU A 328 6.56 -37.67 7.19
C LEU A 328 6.62 -37.32 8.68
N ALA A 329 7.22 -38.22 9.46
CA ALA A 329 7.37 -38.01 10.90
C ALA A 329 8.28 -36.81 11.12
N GLY A 330 9.27 -36.69 10.23
CA GLY A 330 10.23 -35.58 10.26
C GLY A 330 9.50 -34.26 10.00
N ILE A 331 8.58 -34.29 9.06
CA ILE A 331 7.79 -33.09 8.72
C ILE A 331 6.94 -32.67 9.93
N LEU A 332 6.38 -33.67 10.61
CA LEU A 332 5.56 -33.43 11.77
C LEU A 332 6.35 -32.78 12.92
N HIS A 333 7.55 -33.31 13.15
CA HIS A 333 8.40 -32.79 14.24
C HIS A 333 8.97 -31.43 13.85
N LEU A 334 9.24 -31.28 12.56
CA LEU A 334 9.76 -30.01 12.02
C LEU A 334 8.76 -28.90 12.29
N GLY A 335 7.51 -29.26 12.15
CA GLY A 335 6.58 -28.24 12.39
C GLY A 335 6.36 -27.79 13.82
N ASN A 336 6.78 -28.65 14.71
CA ASN A 336 6.79 -28.32 16.14
C ASN A 336 7.96 -27.45 16.56
N ILE A 337 8.98 -27.39 15.71
CA ILE A 337 10.13 -26.54 16.03
C ILE A 337 9.63 -25.12 16.31
N GLU A 338 10.03 -24.61 17.48
CA GLU A 338 9.63 -23.25 17.88
C GLU A 338 10.87 -22.34 17.83
N PHE A 339 10.62 -21.10 17.46
CA PHE A 339 11.70 -20.09 17.39
C PHE A 339 11.49 -19.08 18.50
N ILE A 340 12.60 -18.69 19.12
CA ILE A 340 12.59 -17.60 20.10
C ILE A 340 13.09 -16.34 19.38
N THR A 341 12.38 -15.25 19.59
CA THR A 341 12.78 -13.96 18.97
C THR A 341 13.87 -13.31 19.83
N ALA A 342 15.06 -13.90 19.76
CA ALA A 342 16.24 -13.30 20.40
C ALA A 342 16.54 -11.94 19.75
N GLY A 343 15.94 -11.72 18.59
CA GLY A 343 16.14 -10.50 17.81
C GLY A 343 16.85 -10.95 16.54
N GLY A 344 16.06 -11.18 15.50
CA GLY A 344 16.33 -12.33 14.63
C GLY A 344 15.74 -13.47 15.45
N ALA A 345 16.28 -14.67 15.37
CA ALA A 345 15.74 -15.76 16.18
C ALA A 345 16.76 -16.85 16.45
N GLN A 346 16.38 -17.74 17.36
CA GLN A 346 17.21 -18.88 17.74
C GLN A 346 16.31 -20.01 18.24
N VAL A 347 16.80 -21.23 18.10
CA VAL A 347 16.09 -22.41 18.60
C VAL A 347 16.58 -22.75 20.01
N SER A 348 15.65 -22.73 20.95
CA SER A 348 15.95 -23.09 22.34
C SER A 348 14.94 -24.12 22.84
N PHE A 349 15.21 -25.38 22.51
CA PHE A 349 14.37 -26.50 22.95
C PHE A 349 15.14 -27.81 22.78
N LYS A 350 15.03 -28.66 23.79
CA LYS A 350 15.71 -29.96 23.78
C LYS A 350 15.18 -30.82 22.62
N THR A 351 13.92 -30.61 22.27
CA THR A 351 13.33 -31.43 21.20
C THR A 351 12.64 -30.65 20.08
N ALA A 352 11.69 -31.31 19.43
CA ALA A 352 11.16 -31.04 18.12
C ALA A 352 12.29 -31.13 17.09
N LEU A 353 13.37 -30.41 17.36
CA LEU A 353 14.49 -30.31 16.42
C LEU A 353 15.42 -31.51 16.54
N GLY A 354 15.65 -31.94 17.79
CA GLY A 354 16.52 -33.10 18.05
C GLY A 354 15.97 -34.34 17.35
N ARG A 355 14.67 -34.54 17.48
CA ARG A 355 13.99 -35.67 16.84
C ARG A 355 14.05 -35.56 15.32
N SER A 356 13.89 -34.33 14.83
CA SER A 356 13.89 -34.08 13.38
C SER A 356 15.27 -34.39 12.80
N ALA A 357 16.31 -33.94 13.50
CA ALA A 357 17.70 -34.15 13.08
C ALA A 357 18.06 -35.64 13.16
N GLU A 358 17.52 -36.30 14.17
CA GLU A 358 17.76 -37.73 14.37
C GLU A 358 17.13 -38.55 13.24
N LEU A 359 15.89 -38.20 12.91
CA LEU A 359 15.14 -38.94 11.88
C LEU A 359 15.74 -38.73 10.49
N LEU A 360 16.19 -37.49 10.25
CA LEU A 360 16.74 -37.11 8.94
C LEU A 360 18.24 -37.40 8.89
N GLY A 361 18.86 -37.54 10.05
CA GLY A 361 20.28 -37.88 10.16
C GLY A 361 21.17 -36.70 9.75
N LEU A 362 20.83 -35.53 10.28
CA LEU A 362 21.58 -34.30 10.02
C LEU A 362 22.01 -33.70 11.36
N ASP A 363 23.12 -32.96 11.34
CA ASP A 363 23.66 -32.39 12.57
C ASP A 363 22.69 -31.37 13.15
N PRO A 364 22.51 -31.43 14.46
CA PRO A 364 21.57 -30.56 15.19
C PRO A 364 21.94 -29.09 15.05
N THR A 365 23.21 -28.80 15.32
CA THR A 365 23.71 -27.41 15.28
C THR A 365 23.68 -26.85 13.86
N GLN A 366 23.99 -27.69 12.88
CA GLN A 366 24.03 -27.26 11.48
C GLN A 366 22.61 -26.92 11.01
N LEU A 367 21.63 -27.66 11.53
CA LEU A 367 20.23 -27.45 11.15
C LEU A 367 19.65 -26.26 11.91
N THR A 368 19.96 -26.18 13.19
CA THR A 368 19.46 -25.07 14.04
C THR A 368 20.01 -23.73 13.54
N ASP A 369 21.22 -23.77 13.01
CA ASP A 369 21.89 -22.55 12.52
C ASP A 369 21.19 -22.03 11.26
N ALA A 370 20.95 -22.95 10.33
CA ALA A 370 20.37 -22.61 9.01
C ALA A 370 18.87 -22.29 9.09
N LEU A 371 18.23 -22.77 10.16
CA LEU A 371 16.81 -22.46 10.40
C LEU A 371 16.62 -21.00 10.81
N THR A 372 17.44 -20.29 11.24
CA THR A 372 17.60 -18.95 11.82
C THR A 372 18.48 -17.98 11.02
N GLN A 373 19.19 -18.47 9.97
CA GLN A 373 20.07 -17.62 9.16
C GLN A 373 20.01 -17.91 7.67
N ARG A 374 20.29 -16.90 6.85
CA ARG A 374 20.38 -17.06 5.40
C ARG A 374 21.81 -16.89 4.92
N SER A 375 22.21 -17.73 3.95
CA SER A 375 23.55 -17.73 3.37
C SER A 375 23.59 -17.09 2.00
N MET A 376 24.68 -16.35 1.74
CA MET A 376 25.03 -15.73 0.47
C MET A 376 26.54 -15.78 0.31
N PHE A 377 27.03 -16.03 -0.91
CA PHE A 377 28.46 -16.07 -1.13
C PHE A 377 28.80 -14.92 -2.08
N LEU A 378 29.83 -14.12 -1.71
CA LEU A 378 30.25 -13.00 -2.54
C LEU A 378 31.77 -12.92 -2.65
N ARG A 379 32.26 -13.15 -3.89
CA ARG A 379 33.64 -13.13 -4.42
C ARG A 379 34.81 -13.23 -3.36
N GLY A 380 34.95 -14.37 -2.67
CA GLY A 380 34.06 -15.53 -2.71
C GLY A 380 33.86 -16.06 -1.31
N GLU A 381 33.40 -15.18 -0.40
CA GLU A 381 33.21 -15.51 1.00
C GLU A 381 31.74 -15.56 1.38
N GLU A 382 31.40 -16.43 2.37
CA GLU A 382 30.03 -16.60 2.88
C GLU A 382 29.64 -15.46 3.83
N ILE A 383 28.41 -14.93 3.65
CA ILE A 383 27.81 -13.84 4.40
C ILE A 383 26.52 -14.38 5.05
N LEU A 384 26.59 -14.76 6.33
CA LEU A 384 25.42 -15.23 7.06
C LEU A 384 24.63 -14.05 7.66
N THR A 385 23.34 -13.99 7.35
CA THR A 385 22.44 -12.92 7.77
C THR A 385 21.36 -13.53 8.62
N PRO A 386 21.01 -12.92 9.76
CA PRO A 386 19.93 -13.48 10.58
C PRO A 386 18.54 -13.29 9.98
N LEU A 387 17.69 -14.28 10.23
CA LEU A 387 16.30 -14.26 9.83
C LEU A 387 15.54 -13.78 11.06
N ASN A 388 14.36 -13.20 10.86
CA ASN A 388 13.51 -12.79 11.96
C ASN A 388 12.62 -14.02 12.31
N VAL A 389 11.86 -14.09 13.34
CA VAL A 389 11.03 -15.26 13.70
C VAL A 389 9.99 -15.55 12.60
N GLN A 390 9.36 -14.50 12.09
CA GLN A 390 8.31 -14.65 11.08
C GLN A 390 8.92 -15.22 9.79
N GLN A 391 10.11 -14.76 9.45
CA GLN A 391 10.78 -15.26 8.26
C GLN A 391 11.24 -16.71 8.47
N ALA A 392 11.63 -17.02 9.70
CA ALA A 392 12.08 -18.37 10.06
C ALA A 392 10.94 -19.36 9.98
N VAL A 393 9.76 -18.93 10.44
CA VAL A 393 8.55 -19.78 10.41
C VAL A 393 8.15 -20.03 8.95
N ASP A 394 8.18 -18.97 8.16
CA ASP A 394 7.81 -19.06 6.74
C ASP A 394 8.79 -19.99 6.02
N SER A 395 10.07 -19.88 6.38
CA SER A 395 11.11 -20.73 5.79
C SER A 395 10.94 -22.19 6.22
N ARG A 396 10.50 -22.37 7.48
CA ARG A 396 10.30 -23.71 8.03
C ARG A 396 9.14 -24.39 7.31
N ASP A 397 8.06 -23.63 7.13
CA ASP A 397 6.87 -24.12 6.43
C ASP A 397 7.20 -24.45 4.99
N SER A 398 7.92 -23.54 4.34
CA SER A 398 8.33 -23.75 2.94
C SER A 398 9.16 -25.03 2.82
N LEU A 399 9.98 -25.28 3.84
CA LEU A 399 10.81 -26.49 3.87
C LEU A 399 9.93 -27.73 3.99
N ALA A 400 8.95 -27.66 4.90
CA ALA A 400 8.03 -28.76 5.13
C ALA A 400 7.24 -29.07 3.85
N MET A 401 6.78 -28.01 3.19
CA MET A 401 6.00 -28.13 1.96
C MET A 401 6.87 -28.69 0.83
N ALA A 402 8.13 -28.25 0.81
CA ALA A 402 9.08 -28.68 -0.22
C ALA A 402 9.38 -30.18 -0.07
N LEU A 403 9.55 -30.60 1.18
CA LEU A 403 9.87 -31.99 1.48
C LEU A 403 8.67 -32.89 1.14
N TYR A 404 7.49 -32.40 1.47
CA TYR A 404 6.24 -33.14 1.23
C TYR A 404 5.97 -33.27 -0.27
N ALA A 405 6.19 -32.19 -0.98
CA ALA A 405 5.91 -32.15 -2.42
C ALA A 405 6.84 -33.11 -3.16
N CYS A 406 8.09 -33.17 -2.69
CA CYS A 406 9.11 -34.03 -3.31
C CYS A 406 8.89 -35.49 -2.91
N CYS A 407 8.42 -35.69 -1.68
CA CYS A 407 8.09 -37.04 -1.20
C CYS A 407 6.91 -37.56 -2.01
N PHE A 408 5.95 -36.66 -2.22
CA PHE A 408 4.73 -36.95 -2.99
C PHE A 408 5.12 -37.38 -4.41
N GLU A 409 6.10 -36.68 -4.98
CA GLU A 409 6.56 -36.94 -6.34
C GLU A 409 7.36 -38.26 -6.39
N TRP A 410 8.09 -38.51 -5.33
CA TRP A 410 8.88 -39.74 -5.21
C TRP A 410 7.94 -40.94 -5.20
N VAL A 411 6.85 -40.88 -4.39
CA VAL A 411 5.83 -41.91 -4.27
C VAL A 411 5.16 -42.13 -5.64
N ILE A 412 4.79 -41.04 -6.36
CA ILE A 412 4.17 -41.14 -7.69
C ILE A 412 5.14 -41.85 -8.65
N LYS A 413 6.47 -41.51 -8.58
CA LYS A 413 7.52 -42.15 -9.39
C LYS A 413 7.48 -43.67 -9.14
N LYS A 414 7.39 -44.07 -7.87
CA LYS A 414 7.35 -45.47 -7.47
C LYS A 414 6.13 -46.20 -8.02
N ILE A 415 4.97 -45.55 -7.96
CA ILE A 415 3.72 -46.11 -8.46
C ILE A 415 3.87 -46.33 -9.96
N ASN A 416 4.38 -45.29 -10.65
CA ASN A 416 4.57 -45.32 -12.09
C ASN A 416 5.57 -46.36 -12.54
N SER A 417 6.61 -46.57 -11.73
CA SER A 417 7.64 -47.56 -11.99
C SER A 417 7.01 -48.94 -11.99
N ARG A 418 6.17 -49.24 -10.97
CA ARG A 418 5.46 -50.50 -10.76
C ARG A 418 4.48 -50.84 -11.88
N ILE A 419 3.75 -49.83 -12.38
CA ILE A 419 2.72 -50.05 -13.39
C ILE A 419 3.24 -49.80 -14.82
N ILE A 428 -4.91 -42.99 -23.42
CA ILE A 428 -6.24 -42.58 -22.92
C ILE A 428 -6.06 -42.27 -21.43
N GLY A 429 -5.90 -40.98 -21.16
CA GLY A 429 -5.65 -40.52 -19.79
C GLY A 429 -6.99 -40.20 -19.13
N ILE A 430 -7.16 -40.73 -17.93
CA ILE A 430 -8.35 -40.45 -17.13
C ILE A 430 -7.97 -39.43 -16.06
N LEU A 431 -8.47 -38.21 -16.25
CA LEU A 431 -8.19 -37.12 -15.33
C LEU A 431 -9.27 -37.07 -14.25
N ASP A 432 -8.85 -37.28 -13.01
CA ASP A 432 -9.74 -37.16 -11.85
C ASP A 432 -9.50 -35.78 -11.24
N ILE A 433 -10.42 -34.86 -11.53
CA ILE A 433 -10.27 -33.45 -11.14
C ILE A 433 -11.54 -32.97 -10.43
N PHE A 434 -11.33 -32.06 -9.48
CA PHE A 434 -12.45 -31.45 -8.74
C PHE A 434 -13.16 -30.43 -9.64
N GLY A 435 -14.46 -30.25 -9.38
CA GLY A 435 -15.22 -29.18 -10.05
C GLY A 435 -15.02 -27.89 -9.28
N PHE A 436 -15.81 -26.87 -9.52
CA PHE A 436 -15.73 -25.63 -8.74
C PHE A 436 -16.02 -25.97 -7.28
N GLU A 437 -15.28 -25.32 -6.38
CA GLU A 437 -15.46 -25.51 -4.94
C GLU A 437 -15.80 -24.17 -4.29
N ASN A 438 -17.00 -24.12 -3.74
CA ASN A 438 -17.52 -22.90 -3.10
C ASN A 438 -18.12 -23.22 -1.73
N PHE A 439 -17.42 -22.77 -0.69
CA PHE A 439 -17.93 -22.86 0.68
C PHE A 439 -18.50 -21.48 1.04
N GLU A 440 -18.95 -21.33 2.27
CA GLU A 440 -19.40 -20.01 2.77
C GLU A 440 -18.19 -19.06 2.86
N VAL A 441 -17.09 -19.62 3.36
CA VAL A 441 -15.82 -18.88 3.45
C VAL A 441 -14.84 -19.51 2.47
N ASN A 442 -14.51 -18.74 1.45
CA ASN A 442 -13.58 -19.21 0.42
C ASN A 442 -12.25 -18.48 0.58
N HIS A 443 -11.18 -19.28 0.49
CA HIS A 443 -9.82 -18.77 0.66
C HIS A 443 -9.01 -19.11 -0.60
N PHE A 444 -7.72 -19.12 -0.48
CA PHE A 444 -6.71 -19.39 -1.47
C PHE A 444 -6.90 -20.77 -2.06
N GLU A 445 -7.27 -21.75 -1.27
CA GLU A 445 -7.45 -23.13 -1.74
C GLU A 445 -8.57 -23.20 -2.78
N GLN A 446 -9.71 -22.61 -2.44
CA GLN A 446 -10.87 -22.61 -3.36
C GLN A 446 -10.59 -21.76 -4.59
N PHE A 447 -9.87 -20.65 -4.38
CA PHE A 447 -9.52 -19.74 -5.47
C PHE A 447 -8.71 -20.48 -6.53
N ASN A 448 -7.76 -21.30 -6.08
CA ASN A 448 -6.91 -22.08 -7.00
C ASN A 448 -7.76 -23.12 -7.75
N ILE A 449 -8.61 -23.80 -7.00
CA ILE A 449 -9.49 -24.82 -7.57
C ILE A 449 -10.38 -24.24 -8.68
N ASN A 450 -10.97 -23.10 -8.38
CA ASN A 450 -11.87 -22.44 -9.32
C ASN A 450 -11.13 -21.88 -10.53
N TYR A 451 -9.88 -21.47 -10.29
CA TYR A 451 -8.97 -21.04 -11.35
C TYR A 451 -8.70 -22.21 -12.31
N ALA A 452 -8.41 -23.36 -11.73
CA ALA A 452 -8.18 -24.59 -12.51
C ALA A 452 -9.42 -24.92 -13.34
N ASN A 453 -10.59 -24.74 -12.73
CA ASN A 453 -11.85 -24.99 -13.42
C ASN A 453 -12.12 -24.01 -14.57
N GLU A 454 -11.65 -22.77 -14.42
CA GLU A 454 -11.78 -21.79 -15.51
C GLU A 454 -10.98 -22.24 -16.73
N LYS A 455 -9.77 -22.75 -16.46
CA LYS A 455 -8.88 -23.24 -17.51
C LYS A 455 -9.44 -24.47 -18.21
N LEU A 456 -9.98 -25.40 -17.41
CA LEU A 456 -10.58 -26.63 -17.96
C LEU A 456 -11.83 -26.30 -18.77
N GLN A 457 -12.58 -25.33 -18.28
CA GLN A 457 -13.83 -24.91 -18.93
C GLN A 457 -13.57 -24.27 -20.29
N GLU A 458 -12.42 -23.61 -20.41
CA GLU A 458 -12.04 -22.93 -21.65
C GLU A 458 -11.78 -23.98 -22.73
N TYR A 459 -11.10 -25.05 -22.32
CA TYR A 459 -10.81 -26.18 -23.21
C TYR A 459 -12.10 -26.85 -23.65
N PHE A 460 -13.01 -27.00 -22.70
CA PHE A 460 -14.33 -27.61 -22.96
C PHE A 460 -15.14 -26.75 -23.93
N ASN A 461 -15.19 -25.45 -23.66
CA ASN A 461 -15.97 -24.52 -24.49
C ASN A 461 -15.46 -24.50 -25.93
N LYS A 462 -14.14 -24.51 -26.07
CA LYS A 462 -13.52 -24.46 -27.39
C LYS A 462 -13.76 -25.78 -28.13
N HIS A 463 -13.78 -26.87 -27.37
CA HIS A 463 -14.01 -28.20 -27.92
C HIS A 463 -15.44 -28.31 -28.45
N ILE A 464 -16.39 -27.83 -27.63
CA ILE A 464 -17.81 -27.92 -27.98
C ILE A 464 -18.11 -27.02 -29.18
N PHE A 465 -17.53 -25.82 -29.14
CA PHE A 465 -17.70 -24.84 -30.21
C PHE A 465 -17.18 -25.40 -31.53
N SER A 466 -16.11 -26.19 -31.45
CA SER A 466 -15.53 -26.84 -32.63
C SER A 466 -16.44 -27.94 -33.16
N LEU A 467 -16.96 -28.75 -32.23
CA LEU A 467 -17.91 -29.81 -32.59
C LEU A 467 -19.18 -29.23 -33.21
N GLU A 468 -19.55 -28.04 -32.74
CA GLU A 468 -20.74 -27.34 -33.24
C GLU A 468 -20.54 -26.82 -34.66
N GLN A 469 -19.38 -26.23 -34.93
CA GLN A 469 -19.07 -25.77 -36.28
C GLN A 469 -19.15 -26.94 -37.26
N LEU A 470 -18.58 -28.05 -36.82
CA LEU A 470 -18.50 -29.27 -37.64
C LEU A 470 -19.91 -29.83 -37.91
N GLU A 471 -20.76 -29.78 -36.89
CA GLU A 471 -22.15 -30.26 -37.01
C GLU A 471 -22.90 -29.31 -37.93
N TYR A 472 -22.70 -28.04 -37.86
CA TYR A 472 -23.40 -27.07 -38.73
C TYR A 472 -22.86 -27.20 -40.10
N SER A 473 -21.63 -27.44 -40.36
CA SER A 473 -21.07 -27.66 -41.70
C SER A 473 -21.68 -28.92 -42.31
N ARG A 474 -21.26 -30.06 -41.78
CA ARG A 474 -21.75 -31.37 -42.26
C ARG A 474 -23.21 -31.61 -41.86
N GLU A 475 -23.57 -31.09 -40.71
CA GLU A 475 -24.93 -31.30 -40.18
C GLU A 475 -25.95 -30.31 -40.71
N GLY A 476 -25.56 -29.05 -40.84
CA GLY A 476 -26.47 -28.02 -41.34
C GLY A 476 -25.81 -27.06 -42.31
N LEU A 477 -26.46 -26.66 -43.35
CA LEU A 477 -25.95 -25.64 -44.28
C LEU A 477 -26.06 -24.27 -43.62
N VAL A 478 -25.01 -23.46 -43.79
CA VAL A 478 -24.94 -22.11 -43.21
C VAL A 478 -23.69 -21.42 -43.76
N TRP A 479 -23.75 -20.08 -43.82
CA TRP A 479 -22.69 -19.29 -44.44
C TRP A 479 -21.56 -18.94 -43.46
N GLU A 480 -21.92 -18.65 -42.21
CA GLU A 480 -20.92 -18.28 -41.20
C GLU A 480 -21.37 -18.74 -39.81
N ASP A 481 -20.38 -19.05 -38.98
CA ASP A 481 -20.63 -19.45 -37.59
C ASP A 481 -19.78 -18.60 -36.65
N ILE A 482 -20.42 -18.15 -35.58
CA ILE A 482 -19.74 -17.38 -34.53
C ILE A 482 -19.88 -18.12 -33.21
N ASP A 483 -18.78 -18.18 -32.46
CA ASP A 483 -18.69 -18.68 -31.05
C ASP A 483 -18.90 -17.82 -30.00
N TRP A 484 -19.87 -18.12 -29.18
CA TRP A 484 -20.15 -17.27 -28.02
C TRP A 484 -20.06 -18.03 -26.70
N ILE A 485 -18.88 -18.01 -26.10
CA ILE A 485 -18.78 -17.63 -24.69
C ILE A 485 -17.35 -17.83 -24.17
N ASP A 486 -16.58 -16.78 -24.34
CA ASP A 486 -15.15 -16.78 -23.99
C ASP A 486 -15.00 -16.42 -22.51
N ASN A 487 -14.24 -17.23 -21.79
CA ASN A 487 -13.97 -16.96 -20.37
C ASN A 487 -12.48 -16.60 -20.20
N GLY A 488 -11.90 -16.12 -21.30
CA GLY A 488 -10.50 -15.67 -21.30
C GLY A 488 -10.32 -14.50 -20.35
N GLU A 489 -11.33 -13.64 -20.28
CA GLU A 489 -11.25 -12.43 -19.43
C GLU A 489 -11.14 -12.82 -17.96
N CYS A 490 -11.91 -13.84 -17.56
CA CYS A 490 -11.88 -14.30 -16.17
C CYS A 490 -10.50 -14.91 -15.88
N LEU A 491 -10.01 -15.67 -16.85
CA LEU A 491 -8.70 -16.31 -16.74
C LEU A 491 -7.59 -15.26 -16.66
N ASP A 492 -7.75 -14.17 -17.41
CA ASP A 492 -6.79 -13.07 -17.40
C ASP A 492 -6.79 -12.34 -16.06
N LEU A 493 -8.00 -12.05 -15.58
CA LEU A 493 -8.19 -11.41 -14.28
C LEU A 493 -7.44 -12.20 -13.19
N ILE A 494 -7.40 -13.51 -13.39
CA ILE A 494 -6.77 -14.42 -12.41
C ILE A 494 -5.25 -14.55 -12.59
N GLU A 495 -4.79 -14.76 -13.81
CA GLU A 495 -3.40 -15.21 -14.01
C GLU A 495 -2.49 -14.25 -14.77
N LYS A 496 -3.07 -13.26 -15.44
CA LYS A 496 -2.28 -12.29 -16.23
C LYS A 496 -1.59 -11.30 -15.29
N LYS A 497 -0.57 -10.63 -15.83
CA LYS A 497 0.18 -9.62 -15.06
C LYS A 497 -0.84 -8.60 -14.54
N LEU A 498 -0.63 -8.15 -13.31
CA LEU A 498 -1.56 -7.24 -12.62
C LEU A 498 -2.88 -7.94 -12.28
N GLY A 499 -2.94 -9.24 -12.53
CA GLY A 499 -4.09 -10.09 -12.15
C GLY A 499 -4.05 -10.33 -10.63
N LEU A 500 -5.02 -11.12 -10.16
CA LEU A 500 -5.16 -11.41 -8.73
C LEU A 500 -3.95 -12.15 -8.18
N LEU A 501 -3.54 -13.22 -8.86
CA LEU A 501 -2.38 -13.98 -8.40
C LEU A 501 -1.08 -13.22 -8.52
N ALA A 502 -0.95 -12.41 -9.57
CA ALA A 502 0.28 -11.62 -9.80
C ALA A 502 0.45 -10.60 -8.68
N LEU A 503 -0.63 -9.89 -8.40
CA LEU A 503 -0.66 -8.89 -7.33
C LEU A 503 -0.40 -9.54 -5.97
N ILE A 504 -0.83 -10.79 -5.84
CA ILE A 504 -0.61 -11.54 -4.60
C ILE A 504 0.88 -11.82 -4.44
N ASN A 505 1.52 -12.19 -5.55
CA ASN A 505 2.96 -12.46 -5.55
C ASN A 505 3.74 -11.18 -5.21
N GLU A 506 3.24 -10.08 -5.75
CA GLU A 506 3.80 -8.79 -5.55
C GLU A 506 3.82 -8.32 -4.09
N GLU A 507 2.67 -8.55 -3.51
CA GLU A 507 2.42 -8.13 -2.13
C GLU A 507 3.23 -9.00 -1.20
N SER A 508 3.46 -10.24 -1.57
CA SER A 508 4.20 -11.21 -0.75
C SER A 508 5.69 -10.86 -0.62
N HIS A 509 6.26 -10.24 -1.65
CA HIS A 509 7.70 -9.91 -1.64
C HIS A 509 7.98 -8.53 -1.05
N PHE A 510 6.92 -7.85 -0.62
CA PHE A 510 7.06 -6.57 0.08
C PHE A 510 7.04 -6.86 1.57
N PRO A 511 8.08 -6.38 2.27
CA PRO A 511 8.31 -6.68 3.70
C PRO A 511 7.17 -6.21 4.61
N GLN A 512 6.45 -5.18 4.18
CA GLN A 512 5.33 -4.66 5.01
C GLN A 512 3.98 -5.05 4.40
N ALA A 513 4.02 -5.93 3.41
CA ALA A 513 2.79 -6.36 2.74
C ALA A 513 1.88 -7.09 3.71
N THR A 514 0.59 -7.01 3.42
CA THR A 514 -0.45 -7.70 4.20
C THR A 514 -1.66 -7.98 3.32
N ASP A 515 -2.54 -8.85 3.82
CA ASP A 515 -3.80 -9.18 3.14
C ASP A 515 -4.63 -7.93 2.88
N SER A 516 -4.56 -6.99 3.81
CA SER A 516 -5.36 -5.76 3.73
C SER A 516 -4.89 -4.85 2.60
N THR A 517 -3.58 -4.72 2.44
CA THR A 517 -3.03 -3.87 1.37
C THR A 517 -3.20 -4.56 0.02
N LEU A 518 -3.15 -5.89 0.04
CA LEU A 518 -3.34 -6.68 -1.19
C LEU A 518 -4.80 -6.54 -1.65
N LEU A 519 -5.71 -6.52 -0.69
CA LEU A 519 -7.13 -6.30 -0.98
C LEU A 519 -7.33 -4.97 -1.70
N GLU A 520 -6.63 -3.95 -1.18
CA GLU A 520 -6.76 -2.59 -1.71
C GLU A 520 -6.13 -2.48 -3.10
N LYS A 521 -5.05 -3.23 -3.31
CA LYS A 521 -4.41 -3.26 -4.64
C LYS A 521 -5.35 -3.91 -5.66
N LEU A 522 -6.09 -4.91 -5.19
CA LEU A 522 -7.09 -5.57 -6.05
C LEU A 522 -8.16 -4.57 -6.49
N HIS A 523 -8.63 -3.80 -5.51
CA HIS A 523 -9.70 -2.83 -5.76
C HIS A 523 -9.20 -1.69 -6.67
N SER A 524 -7.99 -1.24 -6.38
CA SER A 524 -7.37 -0.14 -7.14
C SER A 524 -7.12 -0.55 -8.60
N GLN A 525 -6.87 -1.84 -8.80
CA GLN A 525 -6.49 -2.35 -10.13
C GLN A 525 -7.69 -2.85 -10.95
N HIS A 526 -8.69 -3.40 -10.25
CA HIS A 526 -9.75 -4.16 -10.93
C HIS A 526 -11.15 -3.62 -10.70
N ALA A 527 -11.38 -2.95 -9.59
CA ALA A 527 -12.73 -2.45 -9.28
C ALA A 527 -13.27 -1.59 -10.41
N ASN A 528 -12.36 -1.14 -11.27
CA ASN A 528 -12.73 -0.32 -12.43
C ASN A 528 -12.91 -1.19 -13.68
N ASN A 529 -12.86 -2.49 -13.49
CA ASN A 529 -13.02 -3.45 -14.59
C ASN A 529 -13.27 -4.87 -14.06
N HIS A 530 -13.81 -5.69 -14.95
CA HIS A 530 -14.05 -7.12 -14.70
C HIS A 530 -15.26 -7.42 -13.84
N PHE A 531 -15.90 -8.51 -14.27
CA PHE A 531 -15.98 -9.79 -13.53
C PHE A 531 -15.47 -9.71 -12.09
N TYR A 532 -14.99 -8.57 -11.66
CA TYR A 532 -14.44 -8.35 -10.34
C TYR A 532 -15.31 -7.37 -9.56
N VAL A 533 -15.77 -7.83 -8.41
CA VAL A 533 -16.61 -7.00 -7.53
C VAL A 533 -16.06 -7.01 -6.09
N LYS A 534 -16.51 -6.02 -5.34
CA LYS A 534 -16.18 -5.85 -3.93
C LYS A 534 -17.49 -5.85 -3.13
N PRO A 535 -17.52 -6.57 -2.02
CA PRO A 535 -18.65 -6.60 -1.09
C PRO A 535 -18.82 -5.19 -0.54
N ARG A 536 -20.07 -4.78 -0.39
CA ARG A 536 -20.36 -3.41 0.07
C ARG A 536 -19.83 -3.13 1.48
N VAL A 537 -19.89 -4.14 2.35
CA VAL A 537 -19.50 -3.94 3.76
C VAL A 537 -18.17 -4.60 4.12
N ALA A 538 -17.34 -4.88 3.12
CA ALA A 538 -15.99 -5.42 3.37
C ALA A 538 -16.06 -6.57 4.39
N VAL A 539 -16.92 -7.54 4.11
CA VAL A 539 -17.09 -8.69 5.01
C VAL A 539 -16.63 -9.99 4.34
N ASN A 540 -16.94 -10.12 3.06
CA ASN A 540 -16.59 -11.33 2.29
C ASN A 540 -15.31 -11.10 1.50
N ASN A 541 -15.07 -9.84 1.16
CA ASN A 541 -13.91 -9.41 0.37
C ASN A 541 -14.19 -9.61 -1.12
N PHE A 542 -13.21 -9.89 -1.94
CA PHE A 542 -13.40 -9.76 -3.39
C PHE A 542 -14.25 -10.90 -3.95
N GLY A 543 -14.93 -10.57 -5.04
CA GLY A 543 -15.82 -11.52 -5.72
C GLY A 543 -15.42 -11.60 -7.19
N VAL A 544 -15.35 -12.83 -7.67
CA VAL A 544 -15.05 -13.08 -9.09
C VAL A 544 -16.25 -13.78 -9.72
N LYS A 545 -16.73 -13.19 -10.80
CA LYS A 545 -17.75 -13.84 -11.62
C LYS A 545 -17.11 -14.96 -12.43
N HIS A 546 -17.09 -16.15 -11.84
CA HIS A 546 -16.60 -17.35 -12.52
C HIS A 546 -17.62 -17.86 -13.54
N TYR A 547 -17.26 -18.94 -14.21
CA TYR A 547 -18.09 -19.51 -15.28
C TYR A 547 -19.49 -19.90 -14.79
N ALA A 548 -19.52 -20.55 -13.63
CA ALA A 548 -20.78 -21.12 -13.10
C ALA A 548 -21.52 -20.16 -12.17
N GLY A 549 -20.79 -19.23 -11.56
CA GLY A 549 -21.40 -18.32 -10.57
C GLY A 549 -20.35 -17.44 -9.90
N GLU A 550 -20.85 -16.38 -9.27
CA GLU A 550 -20.01 -15.46 -8.48
C GLU A 550 -19.54 -16.17 -7.21
N VAL A 551 -18.26 -15.99 -6.92
CA VAL A 551 -17.65 -16.55 -5.70
C VAL A 551 -16.98 -15.41 -4.94
N GLN A 552 -17.17 -15.38 -3.64
CA GLN A 552 -16.57 -14.36 -2.78
C GLN A 552 -15.43 -15.02 -2.02
N TYR A 553 -14.28 -14.38 -2.09
CA TYR A 553 -13.08 -14.88 -1.40
C TYR A 553 -12.72 -13.91 -0.27
N ASP A 554 -12.34 -14.48 0.86
CA ASP A 554 -11.84 -13.68 1.98
C ASP A 554 -10.32 -13.60 1.83
N VAL A 555 -9.80 -12.38 1.89
CA VAL A 555 -8.37 -12.15 1.68
C VAL A 555 -7.49 -12.77 2.77
N ARG A 556 -8.03 -12.85 3.98
CA ARG A 556 -7.26 -13.35 5.12
C ARG A 556 -6.57 -14.68 4.78
N GLY A 557 -5.25 -14.70 5.01
CA GLY A 557 -4.47 -15.92 4.85
C GLY A 557 -3.83 -16.07 3.47
N ILE A 558 -4.31 -15.28 2.50
CA ILE A 558 -3.85 -15.43 1.11
C ILE A 558 -2.34 -15.23 1.00
N LEU A 559 -1.81 -14.20 1.66
CA LEU A 559 -0.38 -13.90 1.59
C LEU A 559 0.49 -15.04 2.15
N GLU A 560 0.16 -15.48 3.36
CA GLU A 560 0.98 -16.52 4.02
C GLU A 560 0.91 -17.85 3.28
N LYS A 561 -0.29 -18.18 2.82
CA LYS A 561 -0.49 -19.42 2.04
C LYS A 561 0.29 -19.36 0.72
N ASN A 562 0.43 -18.15 0.18
CA ASN A 562 1.11 -17.96 -1.11
C ASN A 562 2.62 -18.03 -0.96
N ARG A 563 3.15 -17.57 0.18
CA ARG A 563 4.61 -17.57 0.41
C ARG A 563 5.10 -19.02 0.36
N ASP A 564 6.26 -19.21 -0.25
CA ASP A 564 6.79 -20.58 -0.40
C ASP A 564 8.29 -20.56 -0.76
N THR A 565 9.00 -19.56 -0.26
CA THR A 565 10.44 -19.43 -0.49
C THR A 565 11.21 -20.40 0.41
N PHE A 566 11.68 -21.49 -0.18
CA PHE A 566 12.53 -22.44 0.56
C PHE A 566 13.97 -21.92 0.58
N ARG A 567 14.61 -22.07 1.73
CA ARG A 567 16.00 -21.59 1.91
C ARG A 567 16.96 -22.68 1.46
N ASP A 568 17.87 -22.32 0.58
CA ASP A 568 18.77 -23.28 -0.09
C ASP A 568 19.67 -24.04 0.91
N ASP A 569 20.03 -23.39 2.02
CA ASP A 569 21.02 -23.95 2.95
C ASP A 569 20.33 -25.01 3.80
N LEU A 570 19.03 -24.88 3.99
CA LEU A 570 18.26 -25.81 4.80
C LEU A 570 18.16 -27.12 4.01
N LEU A 571 17.94 -26.96 2.71
CA LEU A 571 17.84 -28.10 1.78
C LEU A 571 19.19 -28.79 1.62
N ASN A 572 20.27 -28.01 1.68
CA ASN A 572 21.62 -28.57 1.54
C ASN A 572 21.93 -29.47 2.73
N LEU A 573 21.48 -29.05 3.91
CA LEU A 573 21.65 -29.83 5.13
C LEU A 573 20.95 -31.19 4.95
N LEU A 574 19.74 -31.16 4.44
CA LEU A 574 18.96 -32.39 4.26
C LEU A 574 19.63 -33.29 3.22
N ARG A 575 20.14 -32.63 2.19
CA ARG A 575 20.79 -33.32 1.06
C ARG A 575 22.05 -34.06 1.52
N GLU A 576 22.59 -33.63 2.66
CA GLU A 576 23.86 -34.16 3.18
C GLU A 576 23.72 -35.44 4.02
N SER A 577 22.50 -35.78 4.43
CA SER A 577 22.28 -36.92 5.33
C SER A 577 21.64 -38.06 4.53
N ARG A 578 21.60 -39.28 5.05
CA ARG A 578 21.10 -40.29 4.16
C ARG A 578 20.16 -41.33 4.43
N PHE A 579 19.84 -42.18 5.42
CA PHE A 579 18.96 -43.31 5.01
C PHE A 579 18.42 -42.93 3.58
N ASP A 580 18.82 -43.71 2.59
CA ASP A 580 19.00 -43.25 1.20
C ASP A 580 17.90 -42.37 0.62
N PHE A 581 16.72 -42.43 1.24
CA PHE A 581 15.52 -41.81 0.67
C PHE A 581 15.57 -40.28 0.67
N ILE A 582 16.05 -39.69 1.76
CA ILE A 582 16.01 -38.23 1.93
C ILE A 582 16.66 -37.47 0.77
N TYR A 583 17.92 -37.77 0.48
CA TYR A 583 18.64 -37.09 -0.60
C TYR A 583 17.99 -37.41 -1.95
N ASP A 584 17.38 -38.58 -2.05
CA ASP A 584 16.68 -39.00 -3.28
C ASP A 584 15.54 -38.05 -3.63
N LEU A 585 15.73 -36.75 -3.39
CA LEU A 585 14.75 -35.72 -3.71
C LEU A 585 15.28 -34.77 -4.78
N PHE A 586 16.27 -35.24 -5.55
CA PHE A 586 16.89 -34.41 -6.60
C PHE A 586 16.77 -35.04 -7.98
N ARG A 605 14.08 -16.69 -6.19
CA ARG A 605 13.92 -15.25 -6.46
C ARG A 605 12.78 -14.78 -5.55
N ARG A 606 11.57 -15.19 -5.90
CA ARG A 606 10.59 -15.60 -4.88
C ARG A 606 9.58 -16.57 -5.50
N PRO A 607 9.66 -17.83 -5.16
CA PRO A 607 8.72 -18.87 -5.47
C PRO A 607 7.51 -18.79 -4.56
N THR A 608 6.36 -18.89 -5.19
CA THR A 608 5.09 -18.82 -4.47
C THR A 608 4.20 -20.00 -4.87
N VAL A 609 3.28 -20.35 -3.98
CA VAL A 609 2.35 -21.46 -4.22
C VAL A 609 1.44 -21.16 -5.41
N SER A 610 0.99 -19.91 -5.47
CA SER A 610 0.06 -19.48 -6.52
C SER A 610 0.71 -19.58 -7.90
N SER A 611 2.00 -19.24 -7.97
CA SER A 611 2.74 -19.28 -9.23
C SER A 611 3.03 -20.73 -9.63
N GLN A 612 3.32 -21.55 -8.61
CA GLN A 612 3.56 -22.99 -8.82
C GLN A 612 2.27 -23.66 -9.29
N PHE A 613 1.15 -23.16 -8.75
CA PHE A 613 -0.17 -23.69 -9.10
C PHE A 613 -0.46 -23.33 -10.56
N LYS A 614 -0.13 -22.08 -10.89
CA LYS A 614 -0.28 -21.58 -12.27
C LYS A 614 0.55 -22.43 -13.24
N ASP A 615 1.78 -22.75 -12.83
CA ASP A 615 2.69 -23.53 -13.68
C ASP A 615 2.18 -24.96 -13.85
N SER A 616 1.73 -25.55 -12.74
CA SER A 616 1.23 -26.92 -12.75
C SER A 616 -0.03 -27.00 -13.61
N LEU A 617 -0.86 -25.96 -13.50
CA LEU A 617 -2.12 -25.87 -14.25
C LEU A 617 -1.83 -25.73 -15.75
N HIS A 618 -0.79 -24.97 -16.07
CA HIS A 618 -0.39 -24.81 -17.47
C HIS A 618 0.16 -26.12 -18.02
N SER A 619 0.88 -26.84 -17.15
CA SER A 619 1.41 -28.17 -17.52
C SER A 619 0.26 -29.14 -17.76
N LEU A 620 -0.79 -29.03 -16.94
CA LEU A 620 -1.96 -29.90 -17.06
C LEU A 620 -2.69 -29.64 -18.37
N MET A 621 -2.83 -28.37 -18.73
CA MET A 621 -3.57 -27.99 -19.94
C MET A 621 -2.82 -28.40 -21.19
N ALA A 622 -1.49 -28.37 -21.12
CA ALA A 622 -0.66 -28.80 -22.26
C ALA A 622 -0.87 -30.30 -22.50
N THR A 623 -0.91 -31.04 -21.40
CA THR A 623 -1.14 -32.50 -21.43
C THR A 623 -2.53 -32.80 -21.99
N LEU A 624 -3.51 -32.00 -21.62
CA LEU A 624 -4.90 -32.22 -22.04
C LEU A 624 -5.16 -31.74 -23.45
N SER A 625 -4.57 -30.60 -23.77
CA SER A 625 -4.78 -29.94 -25.07
C SER A 625 -4.16 -30.75 -26.21
N SER A 626 -3.19 -31.59 -25.87
CA SER A 626 -2.54 -32.46 -26.87
C SER A 626 -3.31 -33.78 -27.02
N SER A 627 -4.52 -33.80 -26.46
CA SER A 627 -5.43 -34.94 -26.61
C SER A 627 -6.82 -34.44 -27.01
N ASN A 628 -7.70 -35.40 -27.27
CA ASN A 628 -9.11 -35.12 -27.56
C ASN A 628 -9.90 -35.49 -26.29
N PRO A 629 -10.47 -34.49 -25.65
CA PRO A 629 -11.15 -34.65 -24.36
C PRO A 629 -12.57 -35.14 -24.44
N PHE A 630 -12.89 -36.02 -23.48
CA PHE A 630 -14.25 -36.57 -23.28
C PHE A 630 -14.63 -36.32 -21.83
N PHE A 631 -15.88 -35.88 -21.62
CA PHE A 631 -16.27 -35.30 -20.32
C PHE A 631 -17.33 -36.12 -19.61
N VAL A 632 -17.01 -36.42 -18.36
CA VAL A 632 -17.94 -37.06 -17.43
C VAL A 632 -18.06 -36.15 -16.20
N ARG A 633 -19.29 -35.80 -15.87
CA ARG A 633 -19.57 -35.00 -14.67
C ARG A 633 -20.27 -35.91 -13.66
N CYS A 634 -19.61 -36.13 -12.53
CA CYS A 634 -20.18 -36.97 -11.47
C CYS A 634 -20.79 -36.06 -10.41
N ILE A 635 -22.06 -36.30 -10.11
CA ILE A 635 -22.73 -35.52 -9.05
C ILE A 635 -23.22 -36.44 -7.93
N LYS A 636 -23.15 -35.87 -6.74
CA LYS A 636 -23.63 -36.48 -5.50
C LYS A 636 -25.08 -35.98 -5.30
N PRO A 637 -26.04 -36.89 -5.41
CA PRO A 637 -27.47 -36.59 -5.37
C PRO A 637 -28.01 -36.28 -3.97
N ASN A 638 -27.26 -36.69 -2.94
CA ASN A 638 -27.67 -36.46 -1.55
C ASN A 638 -26.44 -36.55 -0.64
N MET A 639 -26.57 -35.98 0.55
CA MET A 639 -25.42 -35.85 1.46
C MET A 639 -25.30 -36.99 2.48
N GLN A 640 -26.10 -38.03 2.36
CA GLN A 640 -26.13 -39.10 3.38
C GLN A 640 -25.87 -40.49 2.82
N LYS A 641 -25.27 -40.56 1.62
CA LYS A 641 -24.94 -41.84 0.99
C LYS A 641 -26.17 -42.73 0.82
N MET A 642 -27.34 -42.11 0.73
CA MET A 642 -28.60 -42.83 0.54
C MET A 642 -28.68 -43.39 -0.89
N PRO A 643 -29.07 -44.66 -0.99
CA PRO A 643 -29.32 -45.32 -2.28
C PRO A 643 -30.42 -44.58 -3.03
N ASP A 644 -30.26 -44.53 -4.35
CA ASP A 644 -31.16 -43.80 -5.26
C ASP A 644 -32.07 -42.80 -4.51
N GLN A 645 -31.44 -41.76 -3.99
CA GLN A 645 -32.15 -40.66 -3.32
C GLN A 645 -31.67 -39.35 -3.94
N PHE A 646 -32.62 -38.56 -4.42
CA PHE A 646 -32.31 -37.35 -5.19
C PHE A 646 -32.78 -36.11 -4.42
N ASP A 647 -31.86 -35.48 -3.70
CA ASP A 647 -32.13 -34.22 -3.01
C ASP A 647 -31.93 -33.06 -4.00
N GLN A 648 -33.01 -32.36 -4.28
CA GLN A 648 -33.03 -31.32 -5.31
C GLN A 648 -32.05 -30.17 -5.00
N ALA A 649 -31.98 -29.80 -3.73
CA ALA A 649 -31.07 -28.72 -3.30
C ALA A 649 -29.61 -29.11 -3.56
N VAL A 650 -29.27 -30.35 -3.23
CA VAL A 650 -27.89 -30.83 -3.40
C VAL A 650 -27.57 -31.00 -4.89
N VAL A 651 -28.53 -31.57 -5.62
CA VAL A 651 -28.36 -31.83 -7.05
C VAL A 651 -28.13 -30.52 -7.82
N LEU A 652 -28.94 -29.52 -7.50
CA LEU A 652 -28.84 -28.22 -8.16
C LEU A 652 -27.45 -27.62 -7.94
N ASN A 653 -26.96 -27.73 -6.71
CA ASN A 653 -25.63 -27.22 -6.35
C ASN A 653 -24.54 -27.98 -7.09
N GLN A 654 -24.67 -29.30 -7.16
CA GLN A 654 -23.70 -30.18 -7.84
C GLN A 654 -23.63 -29.89 -9.34
N LEU A 655 -24.79 -29.74 -9.96
CA LEU A 655 -24.88 -29.51 -11.40
C LEU A 655 -24.23 -28.19 -11.79
N ARG A 656 -24.43 -27.19 -10.92
CA ARG A 656 -23.86 -25.86 -11.12
C ARG A 656 -22.34 -25.90 -10.96
N TYR A 657 -21.88 -26.63 -9.95
CA TYR A 657 -20.44 -26.69 -9.62
C TYR A 657 -19.67 -27.40 -10.72
N SER A 658 -20.36 -28.29 -11.43
CA SER A 658 -19.71 -29.10 -12.47
C SER A 658 -19.87 -28.47 -13.86
N GLY A 659 -20.40 -27.24 -13.86
CA GLY A 659 -20.52 -26.43 -15.07
C GLY A 659 -21.74 -26.78 -15.94
N MET A 660 -22.50 -27.80 -15.55
CA MET A 660 -23.62 -28.29 -16.37
C MET A 660 -24.67 -27.21 -16.66
N LEU A 661 -25.09 -26.49 -15.62
CA LEU A 661 -26.18 -25.50 -15.78
C LEU A 661 -25.81 -24.35 -16.71
N GLU A 662 -24.54 -23.97 -16.73
CA GLU A 662 -24.10 -22.86 -17.59
C GLU A 662 -23.91 -23.38 -19.02
N THR A 663 -23.45 -24.62 -19.12
CA THR A 663 -23.30 -25.29 -20.41
C THR A 663 -24.68 -25.44 -21.08
N VAL A 664 -25.69 -25.67 -20.25
CA VAL A 664 -27.06 -25.80 -20.74
C VAL A 664 -27.57 -24.43 -21.23
N ARG A 665 -27.25 -23.40 -20.46
CA ARG A 665 -27.69 -22.04 -20.78
C ARG A 665 -27.07 -21.59 -22.10
N ILE A 666 -25.85 -22.05 -22.36
CA ILE A 666 -25.15 -21.71 -23.61
C ILE A 666 -25.80 -22.45 -24.78
N ARG A 667 -26.10 -23.72 -24.55
CA ARG A 667 -26.77 -24.56 -25.56
C ARG A 667 -28.17 -24.03 -25.88
N LYS A 668 -28.84 -23.50 -24.84
CA LYS A 668 -30.21 -22.99 -24.96
C LYS A 668 -30.26 -21.71 -25.81
N ALA A 669 -29.11 -21.03 -25.90
CA ALA A 669 -29.00 -19.76 -26.64
C ALA A 669 -28.96 -19.98 -28.16
N ALA A 672 -32.42 -20.97 -31.23
CA ALA A 672 -32.53 -21.75 -30.00
C ALA A 672 -33.85 -22.48 -29.83
N VAL A 673 -34.91 -22.07 -30.52
CA VAL A 673 -36.24 -22.73 -30.43
C VAL A 673 -36.53 -23.57 -31.66
N ARG A 674 -37.07 -24.76 -31.47
CA ARG A 674 -37.45 -25.64 -32.58
C ARG A 674 -38.56 -26.60 -32.20
N ARG A 675 -39.46 -26.82 -33.15
CA ARG A 675 -40.59 -27.72 -32.97
C ARG A 675 -40.82 -28.47 -34.26
N PRO A 676 -41.17 -29.78 -34.19
CA PRO A 676 -41.60 -30.48 -35.41
C PRO A 676 -42.68 -29.67 -36.16
N PHE A 677 -42.73 -29.77 -37.51
CA PHE A 677 -43.69 -29.00 -38.31
C PHE A 677 -45.11 -29.06 -37.77
N GLN A 678 -45.65 -30.27 -37.52
CA GLN A 678 -47.02 -30.40 -37.02
C GLN A 678 -47.22 -29.80 -35.65
N ASP A 679 -46.18 -29.90 -34.79
CA ASP A 679 -46.24 -29.36 -33.43
C ASP A 679 -46.35 -27.85 -33.49
N PHE A 680 -45.51 -27.23 -34.35
CA PHE A 680 -45.52 -25.79 -34.58
C PHE A 680 -46.90 -25.38 -35.12
N TYR A 681 -47.40 -26.07 -36.17
CA TYR A 681 -48.68 -25.78 -36.78
C TYR A 681 -49.82 -25.92 -35.79
N LYS A 682 -49.85 -27.01 -35.00
CA LYS A 682 -50.89 -27.24 -33.99
C LYS A 682 -50.88 -26.18 -32.86
N ARG A 683 -49.68 -25.74 -32.42
CA ARG A 683 -49.58 -24.69 -31.39
C ARG A 683 -50.05 -23.35 -31.92
N TYR A 684 -49.59 -22.96 -33.13
CA TYR A 684 -49.88 -21.63 -33.67
C TYR A 684 -51.00 -21.56 -34.74
N LYS A 685 -51.86 -22.60 -34.82
CA LYS A 685 -52.99 -22.67 -35.75
C LYS A 685 -53.91 -21.44 -35.63
N VAL A 686 -54.10 -20.92 -34.38
CA VAL A 686 -54.92 -19.73 -34.04
C VAL A 686 -54.50 -18.53 -34.83
N LEU A 687 -53.17 -18.41 -35.04
CA LEU A 687 -52.52 -17.29 -35.73
C LEU A 687 -52.59 -17.41 -37.26
N MET A 688 -53.14 -18.52 -37.76
CA MET A 688 -53.26 -18.76 -39.19
C MET A 688 -54.72 -18.66 -39.73
N ARG A 689 -55.69 -18.33 -38.84
CA ARG A 689 -57.13 -18.21 -39.16
C ARG A 689 -57.46 -17.36 -40.37
N ASN A 690 -56.70 -16.26 -40.57
CA ASN A 690 -56.97 -15.32 -41.66
C ASN A 690 -56.08 -15.50 -42.88
N LEU A 691 -55.37 -16.64 -42.98
CA LEU A 691 -54.44 -16.96 -44.08
C LEU A 691 -55.00 -18.03 -45.03
N ALA A 692 -54.68 -17.90 -46.33
CA ALA A 692 -55.00 -18.86 -47.38
C ALA A 692 -53.84 -19.91 -47.33
N LEU A 693 -54.08 -21.02 -46.60
CA LEU A 693 -53.04 -22.01 -46.34
C LEU A 693 -52.89 -23.12 -47.41
N PRO A 694 -51.63 -23.57 -47.69
CA PRO A 694 -51.45 -24.69 -48.61
C PRO A 694 -51.76 -26.01 -47.95
N GLU A 695 -51.87 -27.11 -48.73
CA GLU A 695 -52.20 -28.43 -48.20
C GLU A 695 -51.09 -29.03 -47.29
N ASP A 696 -49.80 -28.73 -47.58
CA ASP A 696 -48.65 -29.28 -46.83
C ASP A 696 -48.30 -28.50 -45.59
N VAL A 697 -47.90 -29.20 -44.52
CA VAL A 697 -47.57 -28.59 -43.23
C VAL A 697 -46.37 -27.61 -43.32
N ARG A 698 -45.32 -27.97 -44.11
CA ARG A 698 -44.16 -27.09 -44.28
C ARG A 698 -44.63 -25.73 -44.83
N GLY A 699 -45.56 -25.76 -45.79
CA GLY A 699 -46.13 -24.56 -46.39
C GLY A 699 -46.94 -23.74 -45.42
N LYS A 700 -47.70 -24.42 -44.53
CA LYS A 700 -48.51 -23.80 -43.49
C LYS A 700 -47.62 -23.04 -42.51
N CYS A 701 -46.48 -23.66 -42.08
CA CYS A 701 -45.50 -23.03 -41.20
C CYS A 701 -44.88 -21.80 -41.89
N THR A 702 -44.51 -21.95 -43.17
CA THR A 702 -43.93 -20.88 -43.97
C THR A 702 -44.86 -19.66 -44.05
N SER A 703 -46.15 -19.90 -44.28
CA SER A 703 -47.17 -18.86 -44.39
C SER A 703 -47.18 -17.94 -43.19
N LEU A 704 -47.15 -18.53 -41.97
CA LEU A 704 -47.15 -17.72 -40.75
C LEU A 704 -45.81 -17.01 -40.55
N LEU A 705 -44.71 -17.74 -40.73
CA LEU A 705 -43.38 -17.22 -40.48
C LEU A 705 -43.00 -16.08 -41.43
N GLN A 706 -43.49 -16.16 -42.68
CA GLN A 706 -43.24 -15.12 -43.70
C GLN A 706 -43.84 -13.79 -43.31
N LEU A 707 -44.93 -13.80 -42.53
CA LEU A 707 -45.60 -12.59 -42.05
C LEU A 707 -44.70 -11.92 -41.01
N TYR A 708 -44.02 -12.73 -40.17
CA TYR A 708 -43.14 -12.24 -39.13
C TYR A 708 -41.76 -11.81 -39.60
N ASP A 709 -41.24 -12.48 -40.64
CA ASP A 709 -39.94 -12.17 -41.22
C ASP A 709 -39.84 -12.74 -42.64
N ALA A 710 -40.14 -11.89 -43.63
CA ALA A 710 -40.12 -12.28 -45.05
C ALA A 710 -38.72 -12.66 -45.57
N SER A 711 -37.64 -12.09 -44.95
CA SER A 711 -36.24 -12.36 -45.29
C SER A 711 -35.80 -13.81 -45.05
N ASN A 712 -36.60 -14.59 -44.29
CA ASN A 712 -36.30 -15.99 -43.95
C ASN A 712 -35.04 -16.09 -43.06
N SER A 713 -34.63 -14.99 -42.39
CA SER A 713 -33.44 -14.97 -41.54
C SER A 713 -33.66 -15.28 -40.04
N GLU A 714 -34.86 -15.04 -39.47
CA GLU A 714 -35.15 -15.30 -38.05
C GLU A 714 -35.71 -16.71 -37.80
N TRP A 715 -35.95 -17.45 -38.88
CA TRP A 715 -36.48 -18.82 -38.86
C TRP A 715 -35.97 -19.61 -40.05
N GLN A 716 -36.00 -20.92 -39.96
CA GLN A 716 -35.59 -21.80 -41.05
C GLN A 716 -36.37 -23.10 -40.91
N LEU A 717 -36.62 -23.78 -42.03
CA LEU A 717 -37.23 -25.10 -41.99
C LEU A 717 -36.12 -26.12 -42.14
N GLY A 718 -36.06 -27.07 -41.23
CA GLY A 718 -35.11 -28.16 -41.29
C GLY A 718 -35.76 -29.38 -41.92
N LYS A 719 -35.19 -30.58 -41.67
CA LYS A 719 -35.71 -31.85 -42.20
C LYS A 719 -37.04 -32.22 -41.54
N THR A 720 -37.11 -32.09 -40.21
CA THR A 720 -38.31 -32.43 -39.42
C THR A 720 -38.89 -31.27 -38.61
N LYS A 721 -38.09 -30.20 -38.37
CA LYS A 721 -38.48 -29.11 -37.49
C LYS A 721 -38.40 -27.71 -38.06
N VAL A 722 -39.22 -26.82 -37.44
CA VAL A 722 -39.25 -25.37 -37.65
C VAL A 722 -38.24 -24.85 -36.62
N PHE A 723 -37.22 -24.10 -37.09
CA PHE A 723 -36.22 -23.50 -36.22
C PHE A 723 -36.52 -22.04 -36.18
N LEU A 724 -36.48 -21.42 -34.99
CA LEU A 724 -36.74 -19.98 -34.88
C LEU A 724 -35.97 -19.33 -33.72
N ARG A 725 -35.62 -18.05 -33.87
CA ARG A 725 -34.89 -17.29 -32.83
C ARG A 725 -35.78 -17.10 -31.61
N GLU A 726 -35.19 -17.01 -30.39
CA GLU A 726 -35.90 -16.79 -29.11
C GLU A 726 -36.83 -15.58 -29.26
N SER A 727 -36.33 -14.46 -29.86
CA SER A 727 -37.11 -13.22 -30.06
C SER A 727 -38.40 -13.43 -30.86
N LEU A 728 -38.35 -14.26 -31.93
CA LEU A 728 -39.50 -14.59 -32.77
C LEU A 728 -40.47 -15.47 -31.99
N GLU A 729 -39.96 -16.47 -31.25
CA GLU A 729 -40.79 -17.36 -30.45
C GLU A 729 -41.53 -16.56 -29.37
N GLN A 730 -40.83 -15.56 -28.75
CA GLN A 730 -41.38 -14.72 -27.72
C GLN A 730 -42.51 -13.87 -28.31
N LYS A 731 -42.33 -13.40 -29.58
CA LYS A 731 -43.29 -12.60 -30.38
C LYS A 731 -44.54 -13.40 -30.70
N LEU A 732 -44.35 -14.63 -31.20
CA LEU A 732 -45.41 -15.54 -31.59
C LEU A 732 -46.25 -15.93 -30.39
N GLU A 733 -45.57 -16.33 -29.27
CA GLU A 733 -46.19 -16.74 -28.01
C GLU A 733 -47.08 -15.67 -27.42
N LYS A 734 -46.51 -14.42 -27.27
CA LYS A 734 -47.23 -13.25 -26.77
C LYS A 734 -48.54 -13.11 -27.57
N ARG A 735 -48.48 -13.23 -28.92
CA ARG A 735 -49.65 -13.11 -29.82
C ARG A 735 -50.66 -14.27 -29.68
N ARG A 736 -50.16 -15.48 -29.45
CA ARG A 736 -51.00 -16.67 -29.26
C ARG A 736 -51.84 -16.48 -27.99
N THR B 5 16.04 -13.61 -22.56
CA THR B 5 14.85 -12.76 -22.55
C THR B 5 14.73 -12.00 -21.22
N THR B 6 15.64 -12.30 -20.30
CA THR B 6 15.61 -11.73 -18.95
C THR B 6 15.82 -10.22 -18.98
N ALA B 7 15.58 -9.57 -17.84
CA ALA B 7 15.91 -8.15 -17.66
C ALA B 7 17.08 -8.00 -16.70
N LEU B 8 17.88 -6.94 -16.87
CA LEU B 8 19.12 -6.84 -16.11
C LEU B 8 19.19 -5.61 -15.21
N VAL B 9 19.38 -5.86 -13.91
CA VAL B 9 19.62 -4.81 -12.93
C VAL B 9 21.12 -4.61 -12.72
N CYS B 10 21.60 -3.45 -13.15
CA CYS B 10 23.03 -3.15 -13.12
C CYS B 10 23.33 -1.88 -12.34
N ASP B 11 24.04 -2.00 -11.22
CA ASP B 11 24.35 -0.81 -10.45
C ASP B 11 25.80 -0.37 -10.59
N ASN B 12 25.92 0.87 -11.06
CA ASN B 12 27.16 1.61 -11.13
C ASN B 12 27.45 2.34 -9.84
N GLY B 13 28.47 1.91 -9.12
CA GLY B 13 29.02 2.69 -8.02
C GLY B 13 30.44 3.07 -8.38
N SER B 14 31.14 3.77 -7.49
CA SER B 14 32.57 3.99 -7.66
C SER B 14 33.30 2.74 -7.18
N GLY B 15 32.60 1.61 -7.26
CA GLY B 15 33.07 0.35 -6.74
C GLY B 15 34.13 -0.32 -7.59
N LEU B 16 34.09 -1.64 -7.82
CA LEU B 16 33.02 -2.59 -7.47
C LEU B 16 31.69 -2.27 -8.17
N VAL B 17 31.68 -2.37 -9.50
CA VAL B 17 30.44 -2.32 -10.27
C VAL B 17 29.70 -3.65 -10.12
N LYS B 18 28.39 -3.63 -9.96
CA LYS B 18 27.70 -4.93 -9.79
C LYS B 18 26.70 -5.20 -10.91
N ALA B 19 26.74 -6.43 -11.44
CA ALA B 19 25.81 -6.83 -12.49
C ALA B 19 25.26 -8.25 -12.31
N GLY B 20 23.96 -8.40 -12.50
CA GLY B 20 23.29 -9.68 -12.39
C GLY B 20 21.83 -9.55 -12.79
N PHE B 21 21.26 -10.60 -13.39
CA PHE B 21 19.92 -10.51 -13.98
C PHE B 21 18.82 -10.23 -12.95
N ALA B 22 17.61 -9.98 -13.46
CA ALA B 22 16.46 -9.62 -12.63
C ALA B 22 16.20 -10.65 -11.55
N GLY B 23 17.04 -10.66 -10.52
CA GLY B 23 16.96 -11.64 -9.46
C GLY B 23 17.95 -12.76 -9.68
N ASP B 24 18.08 -13.63 -8.70
CA ASP B 24 17.28 -13.57 -7.49
C ASP B 24 18.16 -13.50 -6.25
N ASP B 25 19.47 -13.53 -6.46
CA ASP B 25 20.44 -13.67 -5.37
C ASP B 25 21.33 -12.43 -5.20
N ALA B 26 22.33 -12.30 -6.07
CA ALA B 26 23.36 -11.29 -5.98
C ALA B 26 23.91 -11.13 -7.39
N PRO B 27 24.66 -10.05 -7.66
CA PRO B 27 25.25 -9.86 -8.99
C PRO B 27 26.05 -11.07 -9.50
N ARG B 28 25.81 -11.46 -10.74
CA ARG B 28 26.54 -12.56 -11.36
C ARG B 28 28.02 -12.21 -11.44
N ALA B 29 28.29 -10.93 -11.67
CA ALA B 29 29.65 -10.45 -11.89
C ALA B 29 29.92 -9.16 -11.11
N VAL B 30 31.04 -9.18 -10.38
CA VAL B 30 31.52 -8.04 -9.60
C VAL B 30 33.01 -7.83 -9.86
N PHE B 31 33.40 -6.58 -10.10
CA PHE B 31 34.80 -6.23 -10.36
C PHE B 31 35.05 -4.72 -10.09
N PRO B 32 36.32 -4.36 -9.81
CA PRO B 32 36.71 -3.03 -9.29
C PRO B 32 36.47 -1.79 -10.16
N SER B 33 35.92 -1.94 -11.36
CA SER B 33 35.47 -0.80 -12.18
C SER B 33 36.58 0.18 -12.58
N ILE B 34 37.74 -0.33 -12.99
CA ILE B 34 38.83 0.54 -13.39
C ILE B 34 39.32 0.25 -14.81
N VAL B 35 39.71 1.31 -15.52
CA VAL B 35 40.51 1.17 -16.73
C VAL B 35 41.90 1.74 -16.45
N GLY B 36 42.91 1.06 -16.98
CA GLY B 36 44.28 1.48 -16.76
C GLY B 36 45.13 1.27 -17.99
N ARG B 37 45.71 2.35 -18.48
CA ARG B 37 46.61 2.27 -19.62
C ARG B 37 48.02 1.96 -19.15
N PRO B 38 48.81 1.33 -20.01
CA PRO B 38 50.20 0.96 -19.67
C PRO B 38 51.17 2.14 -19.79
N ARG B 39 51.71 2.58 -18.66
CA ARG B 39 52.55 3.78 -18.61
C ARG B 39 53.91 3.59 -19.28
N HIS B 40 54.17 2.41 -19.80
CA HIS B 40 55.45 2.15 -20.45
C HIS B 40 55.28 1.66 -21.88
N GLN B 41 56.41 1.49 -22.55
CA GLN B 41 56.45 0.96 -23.91
C GLN B 41 56.57 -0.57 -23.90
N GLY B 42 55.76 -1.23 -24.72
CA GLY B 42 55.74 -2.68 -24.73
C GLY B 42 56.47 -3.26 -25.94
N VAL B 43 57.21 -4.33 -25.72
CA VAL B 43 58.05 -4.92 -26.76
C VAL B 43 58.16 -6.44 -26.66
N MET B 44 57.03 -7.14 -26.77
CA MET B 44 57.07 -8.60 -26.73
C MET B 44 56.02 -9.17 -27.72
N VAL B 45 56.00 -8.57 -28.91
CA VAL B 45 55.44 -9.20 -30.13
C VAL B 45 53.91 -9.40 -30.07
N GLY B 46 53.28 -9.47 -31.24
CA GLY B 46 51.88 -9.84 -31.33
C GLY B 46 50.96 -8.93 -32.14
N MET B 47 50.92 -7.62 -31.87
CA MET B 47 51.67 -6.94 -30.81
C MET B 47 51.20 -7.36 -29.41
N GLY B 48 50.09 -8.09 -29.36
CA GLY B 48 49.70 -8.79 -28.15
C GLY B 48 49.01 -7.94 -27.09
N GLN B 49 49.68 -6.90 -26.65
CA GLN B 49 49.20 -6.11 -25.52
C GLN B 49 47.96 -5.32 -25.88
N LYS B 50 47.04 -5.25 -24.92
CA LYS B 50 45.79 -4.54 -25.10
C LYS B 50 46.05 -3.03 -24.97
N ASP B 51 45.21 -2.23 -25.61
CA ASP B 51 45.36 -0.78 -25.54
C ASP B 51 45.09 -0.30 -24.12
N SER B 52 44.17 -0.98 -23.44
CA SER B 52 43.90 -0.69 -22.05
C SER B 52 43.14 -1.86 -21.40
N TYR B 53 43.57 -2.24 -20.21
CA TYR B 53 42.90 -3.30 -19.48
C TYR B 53 41.77 -2.68 -18.67
N VAL B 54 40.58 -3.24 -18.77
CA VAL B 54 39.52 -2.90 -17.85
C VAL B 54 39.66 -3.87 -16.67
N GLY B 55 38.90 -3.68 -15.60
CA GLY B 55 38.82 -4.72 -14.58
C GLY B 55 38.25 -5.97 -15.24
N ASP B 56 38.52 -7.14 -14.68
CA ASP B 56 39.23 -7.28 -13.41
C ASP B 56 40.73 -7.40 -13.63
N GLU B 57 41.14 -7.76 -14.85
CA GLU B 57 42.55 -7.96 -15.15
C GLU B 57 43.40 -6.72 -14.84
N ALA B 58 42.77 -5.55 -14.89
CA ALA B 58 43.45 -4.30 -14.58
C ALA B 58 43.62 -4.15 -13.07
N GLN B 59 43.17 -5.15 -12.33
CA GLN B 59 43.36 -5.19 -10.90
C GLN B 59 44.28 -6.36 -10.59
N SER B 60 44.59 -7.13 -11.64
CA SER B 60 45.54 -8.23 -11.52
C SER B 60 46.92 -7.79 -11.99
N LYS B 61 46.94 -6.76 -12.82
CA LYS B 61 48.19 -6.31 -13.43
C LYS B 61 48.49 -4.84 -13.11
N ARG B 62 48.41 -4.50 -11.82
CA ARG B 62 48.82 -3.17 -11.36
C ARG B 62 50.32 -2.99 -11.58
N GLY B 63 50.81 -1.78 -11.35
CA GLY B 63 52.24 -1.53 -11.40
C GLY B 63 52.76 -1.30 -12.80
N ILE B 64 52.08 -1.89 -13.78
CA ILE B 64 52.42 -1.67 -15.17
C ILE B 64 51.36 -0.75 -15.78
N LEU B 65 50.52 -0.18 -14.91
CA LEU B 65 49.44 0.68 -15.40
C LEU B 65 49.36 2.01 -14.66
N THR B 66 48.49 2.88 -15.18
CA THR B 66 48.08 4.09 -14.48
C THR B 66 46.57 4.05 -14.31
N LEU B 67 46.11 3.58 -13.16
CA LEU B 67 44.68 3.40 -12.93
C LEU B 67 43.93 4.73 -13.03
N LYS B 68 42.86 4.74 -13.82
CA LYS B 68 42.04 5.92 -14.00
C LYS B 68 40.57 5.58 -13.80
N TYR B 69 40.01 6.03 -12.68
CA TYR B 69 38.61 5.78 -12.37
C TYR B 69 37.69 6.57 -13.28
N PRO B 70 36.76 5.86 -13.94
CA PRO B 70 35.83 6.44 -14.91
C PRO B 70 34.84 7.37 -14.25
N ILE B 71 34.62 7.16 -12.95
CA ILE B 71 33.76 8.04 -12.17
C ILE B 71 34.51 8.46 -10.90
N GLU B 72 34.10 9.58 -10.32
CA GLU B 72 34.85 10.19 -9.25
C GLU B 72 33.98 11.19 -8.50
N CYS B 73 33.62 10.85 -7.26
CA CYS B 73 32.74 11.68 -6.43
C CYS B 73 31.41 11.93 -7.13
N GLY B 74 30.74 10.86 -7.54
CA GLY B 74 29.39 10.96 -8.07
C GLY B 74 29.32 11.23 -9.56
N ILE B 75 29.70 12.43 -9.97
CA ILE B 75 29.78 12.75 -11.38
C ILE B 75 30.91 11.94 -12.01
N ILE B 76 30.65 11.35 -13.18
CA ILE B 76 31.69 10.59 -13.85
C ILE B 76 32.57 11.58 -14.60
N THR B 77 33.82 11.21 -14.88
CA THR B 77 34.75 12.15 -15.50
C THR B 77 34.54 12.27 -17.01
N ASN B 78 34.42 11.14 -17.69
CA ASN B 78 34.19 11.14 -19.13
C ASN B 78 33.58 9.81 -19.58
N TRP B 79 32.62 9.87 -20.51
CA TRP B 79 31.94 8.66 -20.95
C TRP B 79 32.77 7.85 -21.95
N ASP B 80 33.93 8.37 -22.33
CA ASP B 80 34.80 7.66 -23.25
C ASP B 80 35.27 6.36 -22.61
N ASP B 81 35.58 6.42 -21.32
CA ASP B 81 36.02 5.24 -20.58
C ASP B 81 34.82 4.44 -20.08
N MET B 82 33.80 5.15 -19.62
CA MET B 82 32.58 4.55 -19.08
C MET B 82 31.91 3.63 -20.11
N GLU B 83 31.77 4.13 -21.34
CA GLU B 83 31.18 3.34 -22.41
C GLU B 83 31.98 2.07 -22.64
N LYS B 84 33.30 2.17 -22.46
CA LYS B 84 34.17 1.04 -22.71
C LYS B 84 33.96 0.00 -21.62
N ILE B 85 33.78 0.49 -20.39
CA ILE B 85 33.34 -0.36 -19.28
C ILE B 85 32.12 -1.14 -19.73
N TRP B 86 31.10 -0.41 -20.16
CA TRP B 86 29.82 -1.01 -20.52
C TRP B 86 29.93 -2.06 -21.62
N HIS B 87 30.44 -1.65 -22.78
CA HIS B 87 30.57 -2.54 -23.93
C HIS B 87 31.31 -3.80 -23.55
N HIS B 88 32.44 -3.63 -22.85
CA HIS B 88 33.24 -4.75 -22.41
C HIS B 88 32.39 -5.70 -21.56
N THR B 89 31.64 -5.11 -20.61
CA THR B 89 30.81 -5.89 -19.69
C THR B 89 29.71 -6.68 -20.36
N PHE B 90 28.88 -6.00 -21.14
CA PHE B 90 27.76 -6.66 -21.80
C PHE B 90 28.22 -7.70 -22.80
N TYR B 91 29.21 -7.36 -23.64
CA TYR B 91 29.58 -8.25 -24.72
C TYR B 91 30.48 -9.42 -24.30
N ASN B 92 31.58 -9.17 -23.60
CA ASN B 92 32.53 -10.26 -23.40
C ASN B 92 32.47 -10.92 -22.03
N GLU B 93 31.45 -10.61 -21.25
CA GLU B 93 31.27 -11.21 -19.94
C GLU B 93 29.97 -11.99 -19.83
N LEU B 94 28.88 -11.26 -19.59
CA LEU B 94 27.58 -11.89 -19.34
C LEU B 94 27.06 -12.65 -20.56
N ARG B 95 27.66 -12.37 -21.72
CA ARG B 95 27.28 -13.02 -22.98
C ARG B 95 25.79 -12.78 -23.22
N VAL B 96 25.39 -11.53 -23.07
CA VAL B 96 24.01 -11.12 -23.23
C VAL B 96 23.87 -10.15 -24.40
N ALA B 97 22.85 -10.40 -25.22
CA ALA B 97 22.55 -9.50 -26.34
C ALA B 97 22.12 -8.13 -25.79
N PRO B 98 22.28 -7.09 -26.61
CA PRO B 98 21.85 -5.75 -26.22
C PRO B 98 20.34 -5.57 -26.23
N GLU B 99 19.65 -6.29 -27.10
CA GLU B 99 18.20 -6.17 -27.25
C GLU B 99 17.45 -7.17 -26.36
N GLU B 100 18.22 -7.93 -25.60
CA GLU B 100 17.71 -8.87 -24.61
C GLU B 100 16.61 -8.21 -23.75
N HIS B 101 16.92 -7.07 -23.14
CA HIS B 101 16.01 -6.46 -22.17
C HIS B 101 15.89 -4.94 -22.19
N PRO B 102 14.88 -4.43 -21.45
CA PRO B 102 14.83 -3.09 -20.87
C PRO B 102 15.64 -3.05 -19.58
N THR B 103 16.48 -2.05 -19.38
CA THR B 103 17.43 -2.08 -18.28
C THR B 103 17.05 -1.14 -17.13
N LEU B 104 17.74 -1.30 -16.00
CA LEU B 104 17.48 -0.52 -14.80
C LEU B 104 18.78 -0.01 -14.19
N LEU B 105 18.94 1.31 -14.13
CA LEU B 105 20.16 1.89 -13.60
C LEU B 105 19.94 2.73 -12.34
N THR B 106 21.02 2.90 -11.58
CA THR B 106 21.00 3.75 -10.39
C THR B 106 21.95 4.92 -10.58
N GLU B 107 21.76 5.96 -9.79
CA GLU B 107 22.64 7.11 -9.77
C GLU B 107 22.77 7.56 -8.33
N LYS B 118 23.62 11.93 -20.60
CA LYS B 118 24.71 11.46 -21.47
C LYS B 118 24.90 9.95 -21.39
N MET B 119 24.74 9.40 -20.18
CA MET B 119 24.69 7.96 -19.99
C MET B 119 23.52 7.36 -20.74
N THR B 120 22.31 7.73 -20.32
CA THR B 120 21.08 7.16 -20.85
C THR B 120 21.09 7.17 -22.38
N GLN B 121 21.54 8.29 -22.93
CA GLN B 121 21.51 8.51 -24.38
C GLN B 121 22.59 7.69 -25.07
N ILE B 122 23.84 7.80 -24.59
CA ILE B 122 24.93 7.06 -25.23
C ILE B 122 24.65 5.56 -25.23
N MET B 123 24.26 5.03 -24.07
CA MET B 123 23.90 3.62 -23.97
C MET B 123 22.65 3.32 -24.80
N PHE B 124 21.84 4.34 -25.04
CA PHE B 124 20.59 4.15 -25.78
C PHE B 124 20.87 3.99 -27.28
N GLU B 125 21.83 4.76 -27.78
CA GLU B 125 22.14 4.76 -29.21
C GLU B 125 23.14 3.65 -29.55
N THR B 126 24.00 3.33 -28.60
CA THR B 126 24.99 2.28 -28.82
C THR B 126 24.42 0.89 -28.60
N PHE B 127 23.79 0.70 -27.45
CA PHE B 127 23.40 -0.63 -27.00
C PHE B 127 21.91 -0.90 -27.22
N ASN B 128 21.16 0.15 -27.51
CA ASN B 128 19.79 0.02 -28.03
C ASN B 128 18.85 -0.82 -27.14
N VAL B 129 19.14 -0.87 -25.85
CA VAL B 129 18.18 -1.42 -24.89
C VAL B 129 16.86 -0.68 -25.07
N PRO B 130 15.82 -1.41 -25.53
CA PRO B 130 14.55 -0.84 -26.01
C PRO B 130 13.77 -0.01 -24.98
N ALA B 131 14.20 0.00 -23.72
CA ALA B 131 13.58 0.87 -22.72
C ALA B 131 14.60 1.38 -21.71
N MET B 132 14.11 1.85 -20.56
CA MET B 132 14.99 2.48 -19.58
C MET B 132 14.20 2.82 -18.30
N TYR B 133 14.91 2.89 -17.18
CA TYR B 133 14.37 3.41 -15.94
C TYR B 133 15.52 3.59 -14.96
N VAL B 134 15.54 4.71 -14.25
CA VAL B 134 16.61 4.96 -13.29
C VAL B 134 16.08 5.21 -11.90
N ALA B 135 16.36 4.29 -10.99
CA ALA B 135 15.95 4.43 -9.60
C ALA B 135 17.14 4.86 -8.76
N ILE B 136 16.91 5.74 -7.79
CA ILE B 136 18.00 6.29 -6.98
C ILE B 136 18.60 5.27 -6.01
N GLN B 137 19.91 5.35 -5.81
CA GLN B 137 20.66 4.33 -5.08
C GLN B 137 20.24 4.17 -3.62
N ALA B 138 19.76 5.25 -3.01
CA ALA B 138 19.35 5.21 -1.61
C ALA B 138 18.05 4.44 -1.37
N VAL B 139 17.01 4.79 -2.14
CA VAL B 139 15.68 4.19 -1.97
C VAL B 139 15.72 2.66 -2.03
N LEU B 140 16.54 2.12 -2.92
CA LEU B 140 16.64 0.68 -3.12
C LEU B 140 17.13 -0.05 -1.87
N SER B 141 17.90 0.65 -1.04
CA SER B 141 18.51 0.04 0.14
C SER B 141 17.46 -0.37 1.18
N LEU B 142 16.23 0.09 1.01
CA LEU B 142 15.13 -0.29 1.89
C LEU B 142 14.55 -1.63 1.45
N TYR B 143 14.64 -1.90 0.16
CA TYR B 143 14.07 -3.11 -0.43
C TYR B 143 14.84 -4.37 -0.05
N ALA B 144 15.94 -4.22 0.67
CA ALA B 144 16.74 -5.38 1.06
C ALA B 144 15.98 -6.23 2.08
N SER B 145 15.90 -5.74 3.30
CA SER B 145 15.16 -6.44 4.35
C SER B 145 13.67 -6.17 4.22
N GLY B 146 13.30 -5.41 3.18
CA GLY B 146 11.91 -5.17 2.85
C GLY B 146 11.10 -4.40 3.88
N ARG B 147 11.69 -3.34 4.41
CA ARG B 147 10.96 -2.42 5.28
C ARG B 147 10.32 -1.32 4.45
N THR B 148 9.40 -0.57 5.04
CA THR B 148 8.72 0.49 4.31
C THR B 148 9.12 1.89 4.80
N THR B 149 9.67 1.95 6.00
CA THR B 149 9.97 3.24 6.63
C THR B 149 11.47 3.36 6.88
N GLY B 150 11.93 4.57 7.19
CA GLY B 150 13.29 4.73 7.69
C GLY B 150 14.18 5.75 7.00
N ILE B 151 15.19 6.18 7.75
CA ILE B 151 16.26 7.00 7.21
C ILE B 151 17.40 6.09 6.78
N VAL B 152 17.77 6.19 5.51
CA VAL B 152 18.83 5.34 4.97
C VAL B 152 20.14 6.12 4.89
N LEU B 153 21.16 5.57 5.54
CA LEU B 153 22.51 6.13 5.51
C LEU B 153 23.38 5.27 4.60
N ASP B 154 23.47 5.64 3.32
CA ASP B 154 24.23 4.82 2.39
C ASP B 154 25.53 5.50 1.99
N SER B 155 26.63 4.95 2.51
CA SER B 155 27.95 5.52 2.25
C SER B 155 28.85 4.49 1.59
N GLY B 156 29.12 4.70 0.32
CA GLY B 156 30.14 3.92 -0.36
C GLY B 156 31.06 4.89 -1.06
N ASP B 157 32.27 4.43 -1.35
CA ASP B 157 33.19 5.20 -2.18
C ASP B 157 32.48 5.50 -3.50
N GLY B 158 32.38 6.78 -3.87
CA GLY B 158 32.85 7.87 -3.04
C GLY B 158 31.85 8.97 -2.71
N VAL B 159 30.57 8.63 -2.66
CA VAL B 159 29.54 9.59 -2.27
C VAL B 159 28.52 8.97 -1.32
N THR B 160 28.37 9.55 -0.14
CA THR B 160 27.35 9.08 0.80
C THR B 160 26.06 9.87 0.66
N HIS B 161 24.96 9.32 1.15
CA HIS B 161 23.70 10.03 1.20
C HIS B 161 22.87 9.63 2.40
N ASN B 162 22.00 10.55 2.82
CA ASN B 162 21.14 10.38 3.98
C ASN B 162 19.69 10.66 3.61
N VAL B 163 18.94 9.63 3.20
CA VAL B 163 17.56 9.90 2.76
C VAL B 163 16.48 9.36 3.70
N PRO B 164 15.67 10.27 4.26
CA PRO B 164 14.56 9.85 5.11
C PRO B 164 13.32 9.55 4.27
N ILE B 165 12.75 8.38 4.46
CA ILE B 165 11.53 8.00 3.75
C ILE B 165 10.47 7.55 4.76
N TYR B 166 9.26 8.05 4.61
CA TYR B 166 8.15 7.55 5.41
C TYR B 166 7.34 6.58 4.56
N GLU B 167 6.30 6.00 5.15
CA GLU B 167 5.46 5.03 4.46
C GLU B 167 4.29 5.71 3.74
N GLY B 168 4.31 5.71 2.40
CA GLY B 168 5.43 5.17 1.63
C GLY B 168 6.12 6.24 0.82
N TYR B 169 5.57 7.45 0.87
CA TYR B 169 6.15 8.61 0.17
C TYR B 169 7.51 8.97 0.78
N ALA B 170 8.30 9.77 0.06
CA ALA B 170 9.67 10.08 0.50
C ALA B 170 9.97 11.57 0.57
N LEU B 171 10.45 12.01 1.72
CA LEU B 171 10.81 13.42 1.91
C LEU B 171 12.05 13.72 1.08
N PRO B 172 11.93 14.61 0.09
CA PRO B 172 13.05 14.92 -0.81
C PRO B 172 14.05 15.92 -0.22
N HIS B 173 13.56 16.90 0.54
CA HIS B 173 14.38 18.05 0.91
C HIS B 173 15.16 17.87 2.19
N ALA B 174 14.94 16.76 2.89
CA ALA B 174 15.58 16.55 4.18
C ALA B 174 16.87 15.76 4.04
N ILE B 175 17.46 15.75 2.84
CA ILE B 175 18.67 14.96 2.60
C ILE B 175 19.91 15.83 2.47
N MET B 176 20.94 15.51 3.23
CA MET B 176 22.22 16.22 3.12
C MET B 176 23.30 15.27 2.60
N ARG B 177 23.97 15.68 1.54
CA ARG B 177 24.98 14.82 0.91
C ARG B 177 26.38 15.36 1.13
N LEU B 178 27.23 14.55 1.77
CA LEU B 178 28.59 14.92 2.06
C LEU B 178 29.54 14.21 1.10
N TYR B 198 56.25 4.60 5.73
CA TYR B 198 55.85 3.84 4.54
C TYR B 198 55.40 4.79 3.42
N SER B 199 56.08 4.67 2.28
CA SER B 199 55.79 5.55 1.15
C SER B 199 54.90 4.89 0.11
N PHE B 200 53.77 5.52 -0.17
CA PHE B 200 52.74 4.94 -1.02
C PHE B 200 52.34 5.90 -2.14
N VAL B 201 53.32 6.54 -2.75
CA VAL B 201 53.08 7.63 -3.70
C VAL B 201 52.28 7.22 -4.95
N THR B 202 52.54 6.04 -5.51
CA THR B 202 52.02 5.72 -6.84
C THR B 202 50.53 5.38 -6.82
N THR B 203 49.86 5.69 -7.94
CA THR B 203 48.42 5.49 -8.07
C THR B 203 48.04 4.03 -7.89
N ALA B 204 48.71 3.16 -8.64
CA ALA B 204 48.43 1.73 -8.57
C ALA B 204 48.56 1.21 -7.14
N GLU B 205 49.65 1.58 -6.49
CA GLU B 205 49.97 1.05 -5.17
C GLU B 205 48.87 1.40 -4.18
N ARG B 206 48.13 2.47 -4.47
CA ARG B 206 47.07 2.94 -3.57
C ARG B 206 46.07 1.83 -3.31
N GLU B 207 45.89 0.94 -4.29
CA GLU B 207 44.95 -0.16 -4.12
C GLU B 207 45.30 -0.98 -2.87
N ILE B 208 46.59 -1.21 -2.68
CA ILE B 208 47.07 -1.97 -1.53
C ILE B 208 46.64 -1.32 -0.22
N VAL B 209 46.69 0.02 -0.19
CA VAL B 209 46.27 0.76 0.99
C VAL B 209 44.83 0.39 1.33
N ARG B 210 43.99 0.34 0.30
CA ARG B 210 42.57 0.00 0.49
C ARG B 210 42.44 -1.35 1.19
N ASP B 211 43.31 -2.29 0.83
CA ASP B 211 43.24 -3.61 1.45
C ASP B 211 43.65 -3.56 2.92
N ILE B 212 44.62 -2.72 3.26
CA ILE B 212 44.99 -2.58 4.67
C ILE B 212 43.87 -1.86 5.41
N LYS B 213 43.02 -1.17 4.65
CA LYS B 213 41.82 -0.57 5.21
C LYS B 213 40.80 -1.66 5.50
N GLU B 214 40.77 -2.68 4.65
CA GLU B 214 39.81 -3.77 4.76
C GLU B 214 39.90 -4.54 6.07
N LYS B 215 40.97 -5.32 6.21
CA LYS B 215 41.10 -6.26 7.31
C LYS B 215 41.45 -5.53 8.60
N LEU B 216 42.49 -4.72 8.51
CA LEU B 216 43.04 -4.05 9.69
C LEU B 216 42.31 -2.75 9.99
N CYS B 217 41.11 -2.86 10.54
CA CYS B 217 40.33 -1.68 10.87
C CYS B 217 39.27 -1.94 11.92
N TYR B 218 38.93 -0.90 12.69
CA TYR B 218 37.89 -0.95 13.69
C TYR B 218 37.65 0.45 14.24
N VAL B 219 36.39 0.82 14.40
CA VAL B 219 36.04 2.12 14.96
C VAL B 219 35.93 1.98 16.47
N ALA B 220 36.60 2.86 17.20
CA ALA B 220 36.57 2.83 18.65
C ALA B 220 35.17 3.15 19.17
N LEU B 221 34.98 3.10 20.48
CA LEU B 221 33.70 3.50 21.07
C LEU B 221 33.82 4.85 21.76
N ASP B 222 34.94 5.05 22.44
CA ASP B 222 35.26 6.33 23.09
C ASP B 222 36.68 6.72 22.70
N PHE B 223 36.80 7.42 21.58
CA PHE B 223 38.11 7.76 21.03
C PHE B 223 39.03 8.39 22.06
N GLU B 224 38.61 9.53 22.62
CA GLU B 224 39.45 10.29 23.55
C GLU B 224 40.05 9.49 24.71
N ASN B 225 39.28 8.59 25.30
CA ASN B 225 39.79 7.81 26.43
C ASN B 225 40.59 6.62 25.94
N GLU B 226 40.25 6.16 24.75
CA GLU B 226 40.97 5.05 24.13
C GLU B 226 42.38 5.44 23.67
N MET B 227 42.55 6.70 23.30
CA MET B 227 43.83 7.16 22.78
C MET B 227 44.94 7.10 23.82
N ALA B 228 44.58 7.40 25.06
CA ALA B 228 45.54 7.33 26.16
C ALA B 228 46.10 5.92 26.32
N THR B 229 45.19 4.96 26.47
CA THR B 229 45.59 3.57 26.70
C THR B 229 46.19 2.95 25.45
N ALA B 230 45.92 3.56 24.31
CA ALA B 230 46.51 3.10 23.05
C ALA B 230 48.03 3.25 23.10
N ALA B 231 48.47 4.31 23.78
CA ALA B 231 49.90 4.58 23.92
C ALA B 231 50.60 3.53 24.77
N SER B 232 49.85 2.87 25.65
CA SER B 232 50.36 1.78 26.46
C SER B 232 50.97 0.69 25.58
N SER B 233 51.95 -0.03 26.12
CA SER B 233 52.75 -0.97 25.32
C SER B 233 51.91 -2.11 24.73
N SER B 234 50.83 -2.45 25.43
CA SER B 234 49.91 -3.49 24.96
C SER B 234 49.53 -3.25 23.51
N SER B 235 49.85 -4.22 22.66
CA SER B 235 49.74 -3.99 21.23
C SER B 235 48.27 -3.97 20.85
N LEU B 236 47.83 -2.82 20.38
CA LEU B 236 46.53 -2.72 19.71
C LEU B 236 46.84 -2.65 18.24
N GLU B 237 48.05 -3.12 17.92
CA GLU B 237 48.60 -3.18 16.59
C GLU B 237 48.62 -4.62 16.05
N LYS B 238 48.08 -4.80 14.85
CA LYS B 238 48.18 -6.10 14.17
C LYS B 238 49.04 -5.96 12.94
N SER B 239 49.92 -6.93 12.71
CA SER B 239 50.90 -6.81 11.64
C SER B 239 50.45 -7.50 10.36
N TYR B 240 50.25 -6.71 9.32
CA TYR B 240 49.82 -7.21 8.02
C TYR B 240 51.03 -7.39 7.12
N GLU B 241 50.96 -8.32 6.17
CA GLU B 241 52.06 -8.52 5.25
C GLU B 241 51.68 -8.07 3.85
N LEU B 242 52.61 -7.43 3.15
CA LEU B 242 52.30 -6.71 1.92
C LEU B 242 52.75 -7.59 0.76
N PRO B 243 52.01 -7.57 -0.37
CA PRO B 243 52.19 -8.49 -1.52
C PRO B 243 53.64 -8.82 -1.88
N ASP B 244 54.57 -7.88 -1.76
CA ASP B 244 55.98 -8.22 -1.95
C ASP B 244 56.52 -8.98 -0.74
N GLY B 245 57.75 -8.69 -0.34
CA GLY B 245 58.29 -9.26 0.88
C GLY B 245 57.84 -8.55 2.15
N GLN B 246 57.76 -7.22 2.08
CA GLN B 246 57.68 -6.37 3.26
C GLN B 246 56.54 -6.71 4.23
N VAL B 247 56.85 -6.63 5.53
CA VAL B 247 55.85 -6.81 6.57
C VAL B 247 55.61 -5.48 7.28
N ILE B 248 54.38 -5.00 7.22
CA ILE B 248 54.05 -3.70 7.80
C ILE B 248 53.20 -3.85 9.05
N THR B 249 53.62 -3.20 10.13
CA THR B 249 52.92 -3.30 11.40
C THR B 249 52.28 -1.96 11.77
N ILE B 250 50.97 -1.84 11.57
CA ILE B 250 50.26 -0.62 11.95
C ILE B 250 49.35 -0.83 13.15
N GLY B 251 49.34 0.16 14.04
CA GLY B 251 48.50 0.17 15.21
C GLY B 251 47.92 1.56 15.35
N ASN B 252 47.57 1.95 16.58
CA ASN B 252 47.12 3.31 16.88
C ASN B 252 46.23 3.88 15.80
N GLU B 253 46.86 4.47 14.78
CA GLU B 253 46.17 5.10 13.67
C GLU B 253 45.19 4.15 12.99
N ARG B 254 45.41 2.85 13.16
CA ARG B 254 44.52 1.82 12.61
C ARG B 254 43.08 2.08 13.01
N PHE B 255 42.86 2.52 14.25
CA PHE B 255 41.51 2.88 14.66
C PHE B 255 41.26 4.38 14.55
N ARG B 256 42.33 5.17 14.45
CA ARG B 256 42.19 6.61 14.33
C ARG B 256 41.63 7.00 12.95
N CYS B 257 42.22 6.45 11.89
CA CYS B 257 41.85 6.76 10.51
C CYS B 257 40.34 6.65 10.21
N PRO B 258 39.69 5.51 10.55
CA PRO B 258 38.27 5.44 10.20
C PRO B 258 37.43 6.43 10.99
N GLU B 259 37.88 6.75 12.20
CA GLU B 259 37.18 7.67 13.08
C GLU B 259 36.89 9.00 12.39
N THR B 260 37.74 9.36 11.42
CA THR B 260 37.56 10.54 10.56
C THR B 260 36.12 10.71 10.05
N LEU B 261 35.41 9.60 9.85
CA LEU B 261 34.01 9.64 9.42
C LEU B 261 33.17 10.58 10.31
N PHE B 262 33.37 10.50 11.63
CA PHE B 262 32.90 11.53 12.54
C PHE B 262 34.07 12.47 12.71
N GLN B 263 33.84 13.71 13.13
CA GLN B 263 34.97 14.60 13.42
C GLN B 263 35.84 14.77 12.17
N PRO B 264 35.26 15.25 11.06
CA PRO B 264 36.09 15.27 9.85
C PRO B 264 36.90 16.55 9.73
N SER B 265 37.38 17.05 10.86
CA SER B 265 38.30 18.16 10.88
C SER B 265 39.67 17.70 10.39
N PHE B 266 39.97 16.43 10.68
CA PHE B 266 41.26 15.83 10.34
C PHE B 266 41.62 16.01 8.86
N ILE B 267 40.62 16.06 7.99
CA ILE B 267 40.82 16.24 6.57
C ILE B 267 40.98 17.73 6.26
N GLY B 268 40.34 18.56 7.08
CA GLY B 268 40.35 19.99 6.86
C GLY B 268 39.07 20.43 6.19
N MET B 269 38.01 19.64 6.40
CA MET B 269 36.68 19.99 5.91
C MET B 269 35.79 20.27 7.11
N GLU B 270 35.02 21.35 7.02
CA GLU B 270 34.28 21.85 8.18
C GLU B 270 32.92 21.18 8.36
N SER B 271 32.33 20.70 7.27
CA SER B 271 31.04 20.04 7.35
C SER B 271 31.11 18.91 8.36
N ALA B 272 30.22 18.94 9.34
CA ALA B 272 30.33 18.06 10.50
C ALA B 272 30.09 16.60 10.15
N GLY B 273 30.48 15.71 11.07
CA GLY B 273 30.48 14.28 10.82
C GLY B 273 29.12 13.68 10.52
N ILE B 274 29.14 12.47 9.96
CA ILE B 274 27.93 11.70 9.68
C ILE B 274 27.05 11.57 10.91
N HIS B 275 27.70 11.36 12.06
CA HIS B 275 27.11 11.56 13.38
C HIS B 275 26.07 12.68 13.37
N GLU B 276 26.51 13.89 13.04
CA GLU B 276 25.66 15.05 13.18
C GLU B 276 24.76 15.22 11.96
N THR B 277 25.20 14.76 10.80
CA THR B 277 24.40 14.93 9.58
C THR B 277 23.15 14.06 9.59
N THR B 278 23.23 12.91 10.27
CA THR B 278 22.07 12.03 10.41
C THR B 278 20.95 12.76 11.16
N TYR B 279 21.29 13.23 12.36
CA TYR B 279 20.36 14.00 13.18
C TYR B 279 19.87 15.25 12.47
N ASN B 280 20.80 16.01 11.90
CA ASN B 280 20.47 17.29 11.26
C ASN B 280 19.62 17.10 10.01
N TYR B 306 32.83 -1.53 8.99
CA TYR B 306 33.67 -1.39 10.18
C TYR B 306 33.04 -2.08 11.39
N PRO B 307 33.86 -2.76 12.20
CA PRO B 307 33.36 -3.42 13.42
C PRO B 307 33.08 -2.45 14.56
N GLY B 308 33.17 -1.15 14.30
CA GLY B 308 32.86 -0.15 15.30
C GLY B 308 31.39 0.14 15.35
N ILE B 309 30.88 0.78 14.29
CA ILE B 309 29.44 1.00 14.12
C ILE B 309 28.72 -0.36 14.27
N ALA B 310 27.45 -0.37 14.66
CA ALA B 310 26.62 0.83 14.76
C ALA B 310 26.46 1.39 16.17
N ASP B 311 27.13 0.80 17.16
CA ASP B 311 26.80 1.15 18.54
C ASP B 311 27.72 2.33 18.92
N ARG B 312 28.72 2.57 18.09
CA ARG B 312 29.44 3.85 18.10
C ARG B 312 28.46 4.95 17.71
N MET B 313 27.87 4.79 16.53
CA MET B 313 26.83 5.67 16.05
C MET B 313 25.77 5.86 17.13
N GLN B 314 25.44 4.78 17.83
CA GLN B 314 24.43 4.80 18.89
C GLN B 314 24.84 5.74 20.02
N LYS B 315 25.88 5.37 20.76
CA LYS B 315 26.36 6.21 21.86
C LYS B 315 26.58 7.66 21.44
N GLU B 316 26.94 7.88 20.18
CA GLU B 316 27.11 9.24 19.70
C GLU B 316 25.76 9.95 19.55
N ILE B 317 24.79 9.25 19.00
CA ILE B 317 23.47 9.82 18.72
C ILE B 317 22.70 10.09 20.00
N THR B 318 22.63 9.11 20.89
CA THR B 318 21.86 9.22 22.13
C THR B 318 22.27 10.46 22.94
N ALA B 319 23.52 10.88 22.77
CA ALA B 319 24.03 12.09 23.41
C ALA B 319 23.51 13.33 22.69
N LEU B 320 23.30 13.22 21.38
CA LEU B 320 22.83 14.33 20.58
C LEU B 320 21.31 14.27 20.41
N ALA B 321 20.77 13.05 20.33
CA ALA B 321 19.34 12.87 20.16
C ALA B 321 18.61 13.35 21.41
N PRO B 322 17.32 13.66 21.27
CA PRO B 322 16.52 13.95 22.47
C PRO B 322 16.40 12.71 23.37
N SER B 323 16.07 12.93 24.63
CA SER B 323 15.98 11.83 25.59
C SER B 323 14.71 11.00 25.44
N THR B 324 14.70 9.84 26.10
CA THR B 324 13.53 8.96 26.17
C THR B 324 13.07 8.49 24.80
N MET B 325 14.01 8.31 23.88
CA MET B 325 13.66 7.85 22.55
C MET B 325 14.45 6.59 22.22
N LYS B 326 13.75 5.55 21.79
CA LYS B 326 14.39 4.27 21.51
C LYS B 326 14.91 4.27 20.08
N ILE B 327 16.20 3.94 19.95
CA ILE B 327 16.88 4.09 18.68
C ILE B 327 17.54 2.78 18.24
N LYS B 328 16.82 2.00 17.44
CA LYS B 328 17.41 0.82 16.81
C LYS B 328 18.30 1.29 15.68
N ILE B 329 19.41 0.60 15.47
CA ILE B 329 20.35 1.00 14.45
C ILE B 329 20.56 -0.21 13.57
N ILE B 330 19.45 -0.75 13.06
CA ILE B 330 19.47 -2.06 12.44
C ILE B 330 20.25 -2.05 11.13
N ALA B 331 21.29 -2.88 11.06
CA ALA B 331 22.06 -3.02 9.85
C ALA B 331 22.38 -4.49 9.63
N PRO B 332 21.92 -5.04 8.50
CA PRO B 332 22.06 -6.46 8.16
C PRO B 332 23.51 -6.91 8.06
N PRO B 333 23.75 -8.24 8.00
CA PRO B 333 24.97 -8.71 7.34
C PRO B 333 24.75 -8.60 5.84
N GLU B 334 25.71 -8.99 5.01
CA GLU B 334 25.51 -9.03 3.55
C GLU B 334 25.30 -7.64 2.92
N ARG B 335 25.40 -6.59 3.75
CA ARG B 335 25.04 -5.22 3.36
C ARG B 335 25.69 -4.74 2.08
N LYS B 336 26.83 -5.31 1.73
CA LYS B 336 27.59 -4.89 0.56
C LYS B 336 26.78 -5.04 -0.73
N TYR B 337 25.79 -5.92 -0.71
CA TYR B 337 24.97 -6.16 -1.89
C TYR B 337 23.54 -5.64 -1.71
N SER B 338 23.31 -4.90 -0.62
CA SER B 338 21.96 -4.46 -0.26
C SER B 338 21.27 -3.80 -1.45
N VAL B 339 21.89 -2.75 -1.97
CA VAL B 339 21.37 -2.02 -3.12
C VAL B 339 20.92 -2.97 -4.22
N TRP B 340 21.77 -3.93 -4.57
CA TRP B 340 21.44 -4.81 -5.68
C TRP B 340 20.23 -5.68 -5.36
N ILE B 341 20.16 -6.20 -4.13
CA ILE B 341 19.03 -7.04 -3.75
C ILE B 341 17.75 -6.22 -3.86
N GLY B 342 17.91 -4.90 -3.82
CA GLY B 342 16.81 -4.00 -4.10
C GLY B 342 16.36 -4.11 -5.54
N GLY B 343 17.26 -3.81 -6.47
CA GLY B 343 16.92 -3.70 -7.88
C GLY B 343 16.22 -4.93 -8.42
N SER B 344 16.73 -6.10 -8.04
CA SER B 344 16.17 -7.37 -8.46
C SER B 344 14.70 -7.45 -8.09
N ILE B 345 14.42 -7.08 -6.85
CA ILE B 345 13.06 -7.13 -6.32
C ILE B 345 12.21 -6.17 -7.14
N LEU B 346 12.82 -5.05 -7.56
CA LEU B 346 12.05 -3.99 -8.17
C LEU B 346 11.56 -4.37 -9.58
N ALA B 347 12.48 -4.54 -10.52
CA ALA B 347 12.12 -4.78 -11.92
C ALA B 347 11.40 -6.11 -12.13
N SER B 348 11.49 -7.00 -11.16
CA SER B 348 10.79 -8.28 -11.25
C SER B 348 9.36 -8.10 -10.79
N LEU B 349 9.17 -7.16 -9.86
CA LEU B 349 7.85 -6.87 -9.33
C LEU B 349 6.96 -6.19 -10.37
N SER B 350 5.69 -6.59 -10.39
CA SER B 350 4.65 -5.75 -10.95
C SER B 350 4.60 -4.48 -10.09
N THR B 351 4.21 -3.34 -10.65
CA THR B 351 3.69 -3.22 -12.01
C THR B 351 4.36 -2.03 -12.68
N PHE B 352 5.34 -1.43 -11.97
CA PHE B 352 5.97 -0.18 -12.40
C PHE B 352 6.71 -0.33 -13.73
N GLN B 353 6.56 -1.48 -14.37
CA GLN B 353 7.06 -1.73 -15.71
C GLN B 353 6.57 -0.63 -16.64
N GLN B 354 5.38 -0.11 -16.35
CA GLN B 354 4.75 0.91 -17.18
C GLN B 354 5.12 2.33 -16.75
N MET B 355 6.14 2.45 -15.92
CA MET B 355 6.75 3.76 -15.63
C MET B 355 8.10 3.84 -16.31
N TRP B 356 8.33 2.92 -17.25
CA TRP B 356 9.55 2.91 -18.04
C TRP B 356 9.49 3.95 -19.16
N ILE B 357 10.63 4.14 -19.81
CA ILE B 357 10.70 4.95 -21.00
C ILE B 357 11.29 4.10 -22.12
N THR B 358 10.44 3.70 -23.07
CA THR B 358 10.90 2.89 -24.19
C THR B 358 11.35 3.81 -25.32
N LYS B 359 11.62 3.24 -26.49
CA LYS B 359 12.21 4.01 -27.59
C LYS B 359 11.20 4.94 -28.26
N GLN B 360 9.99 4.44 -28.49
CA GLN B 360 8.94 5.22 -29.15
C GLN B 360 8.72 6.54 -28.43
N GLU B 361 8.94 6.52 -27.11
CA GLU B 361 8.75 7.68 -26.27
C GLU B 361 10.07 8.43 -26.10
N TYR B 362 11.07 8.08 -26.91
CA TYR B 362 12.34 8.78 -26.84
C TYR B 362 12.65 9.51 -28.16
N ASP B 363 11.75 9.41 -29.12
CA ASP B 363 11.91 10.12 -30.39
C ASP B 363 11.17 11.46 -30.30
N GLU B 364 10.22 11.53 -29.37
CA GLU B 364 9.44 12.74 -29.13
C GLU B 364 10.22 13.78 -28.33
N ALA B 365 10.53 13.45 -27.07
CA ALA B 365 11.14 14.41 -26.16
C ALA B 365 12.65 14.23 -26.14
N GLY B 366 13.07 12.96 -26.07
CA GLY B 366 14.49 12.64 -26.03
C GLY B 366 15.13 12.88 -24.68
N PRO B 367 16.17 13.73 -24.66
CA PRO B 367 16.99 14.09 -23.48
C PRO B 367 16.18 14.50 -22.25
N SER B 368 14.96 14.99 -22.43
CA SER B 368 14.10 15.30 -21.30
C SER B 368 13.32 14.06 -20.88
N ILE B 369 12.18 14.28 -20.24
CA ILE B 369 11.24 13.23 -19.83
C ILE B 369 11.84 12.16 -18.88
N VAL B 370 13.17 12.10 -18.81
CA VAL B 370 13.88 11.13 -17.97
C VAL B 370 13.57 11.33 -16.49
N HIS B 371 13.15 12.54 -16.13
CA HIS B 371 12.87 12.86 -14.74
C HIS B 371 11.37 13.08 -14.50
N THR C 5 -31.67 -3.72 9.78
CA THR C 5 -32.94 -3.05 9.64
C THR C 5 -33.01 -1.82 10.54
N THR C 6 -31.96 -1.63 11.34
CA THR C 6 -31.90 -0.57 12.34
C THR C 6 -31.93 0.80 11.69
N ALA C 7 -32.14 1.85 12.49
CA ALA C 7 -32.01 3.22 12.04
C ALA C 7 -30.77 3.85 12.67
N LEU C 8 -30.13 4.77 11.96
CA LEU C 8 -28.83 5.27 12.40
C LEU C 8 -28.84 6.78 12.66
N VAL C 9 -28.47 7.15 13.88
CA VAL C 9 -28.27 8.54 14.24
C VAL C 9 -26.80 8.93 14.06
N CYS C 10 -26.55 9.76 13.06
CA CYS C 10 -25.19 10.12 12.70
C CYS C 10 -25.00 11.62 12.76
N ASP C 11 -24.15 12.09 13.67
CA ASP C 11 -23.94 13.52 13.80
C ASP C 11 -22.58 13.97 13.25
N ASN C 12 -22.68 14.88 12.29
CA ASN C 12 -21.56 15.61 11.73
C ASN C 12 -21.30 16.87 12.54
N GLY C 13 -20.19 16.89 13.26
CA GLY C 13 -19.67 18.10 13.85
C GLY C 13 -18.31 18.37 13.23
N SER C 14 -17.65 19.43 13.66
CA SER C 14 -16.26 19.65 13.25
C SER C 14 -15.36 18.77 14.11
N GLY C 15 -15.92 17.66 14.57
CA GLY C 15 -15.25 16.75 15.49
C GLY C 15 -14.19 15.92 14.81
N LEU C 16 -14.07 14.61 15.11
CA LEU C 16 -14.95 13.77 15.94
C LEU C 16 -16.38 13.67 15.40
N VAL C 17 -16.52 13.05 14.23
CA VAL C 17 -17.83 12.67 13.69
C VAL C 17 -18.34 11.47 14.49
N LYS C 18 -19.63 11.45 14.85
CA LYS C 18 -20.10 10.32 15.65
C LYS C 18 -21.17 9.48 14.94
N ALA C 19 -21.01 8.16 15.00
CA ALA C 19 -21.99 7.25 14.41
C ALA C 19 -22.27 6.02 15.29
N GLY C 20 -23.56 5.69 15.42
CA GLY C 20 -24.00 4.53 16.16
C GLY C 20 -25.50 4.36 15.99
N PHE C 21 -25.98 3.12 15.97
CA PHE C 21 -27.39 2.85 15.64
C PHE C 21 -28.37 3.42 16.67
N ALA C 22 -29.67 3.35 16.32
CA ALA C 22 -30.76 3.93 17.11
C ALA C 22 -30.70 3.54 18.59
N GLY C 23 -29.67 3.98 19.28
CA GLY C 23 -29.47 3.61 20.67
C GLY C 23 -28.49 2.46 20.82
N ASP C 24 -28.13 2.14 22.06
CA ASP C 24 -28.72 2.81 23.22
C ASP C 24 -27.67 3.48 24.10
N ASP C 25 -26.40 3.42 23.69
CA ASP C 25 -25.30 3.83 24.57
C ASP C 25 -24.55 5.09 24.09
N ALA C 26 -23.69 4.92 23.10
CA ALA C 26 -22.79 5.95 22.62
C ALA C 26 -22.43 5.56 21.20
N PRO C 27 -21.85 6.48 20.41
CA PRO C 27 -21.46 6.14 19.04
C PRO C 27 -20.58 4.90 18.93
N ARG C 28 -20.93 3.99 18.01
CA ARG C 28 -20.12 2.80 17.75
C ARG C 28 -18.75 3.23 17.26
N ALA C 29 -18.74 4.30 16.46
CA ALA C 29 -17.53 4.77 15.79
C ALA C 29 -17.37 6.27 15.89
N VAL C 30 -16.17 6.69 16.32
CA VAL C 30 -15.77 8.08 16.45
C VAL C 30 -14.38 8.29 15.85
N PHE C 31 -14.22 9.33 15.05
CA PHE C 31 -12.94 9.66 14.44
C PHE C 31 -12.87 11.16 14.05
N PRO C 32 -11.64 11.71 13.95
CA PRO C 32 -11.40 13.16 13.83
C PRO C 32 -11.92 13.87 12.56
N SER C 33 -12.54 13.13 11.65
CA SER C 33 -13.25 13.72 10.51
C SER C 33 -12.38 14.54 9.54
N ILE C 34 -11.21 14.02 9.19
CA ILE C 34 -10.33 14.76 8.28
C ILE C 34 -9.96 13.96 7.04
N VAL C 35 -9.85 14.64 5.91
CA VAL C 35 -9.15 14.10 4.74
C VAL C 35 -7.90 14.92 4.50
N GLY C 36 -6.82 14.23 4.15
CA GLY C 36 -5.54 14.87 3.92
C GLY C 36 -4.83 14.18 2.77
N ARG C 37 -4.51 14.94 1.74
CA ARG C 37 -3.77 14.41 0.62
C ARG C 37 -2.28 14.47 0.93
N PRO C 38 -1.50 13.56 0.32
CA PRO C 38 -0.06 13.50 0.54
C PRO C 38 0.71 14.56 -0.25
N ARG C 39 1.34 15.48 0.48
CA ARG C 39 2.02 16.63 -0.11
C ARG C 39 3.27 16.24 -0.89
N HIS C 40 3.58 14.94 -0.94
CA HIS C 40 4.77 14.49 -1.65
C HIS C 40 4.45 13.43 -2.71
N GLN C 41 5.49 13.09 -3.48
CA GLN C 41 5.42 12.04 -4.49
C GLN C 41 5.84 10.69 -3.91
N GLY C 42 5.05 9.66 -4.21
CA GLY C 42 5.30 8.34 -3.65
C GLY C 42 5.94 7.34 -4.60
N VAL C 43 6.83 6.52 -4.06
CA VAL C 43 7.60 5.57 -4.86
C VAL C 43 7.83 4.26 -4.11
N MET C 44 6.75 3.58 -3.75
CA MET C 44 6.89 2.28 -3.09
C MET C 44 5.78 1.35 -3.63
N VAL C 45 5.53 1.49 -4.94
CA VAL C 45 4.88 0.48 -5.77
C VAL C 45 3.46 0.05 -5.32
N GLY C 46 2.72 -0.60 -6.22
CA GLY C 46 1.46 -1.23 -5.84
C GLY C 46 0.18 -0.98 -6.64
N MET C 47 -0.22 0.26 -6.89
CA MET C 47 0.46 1.50 -6.50
C MET C 47 0.52 1.70 -4.98
N GLY C 48 -0.27 0.91 -4.24
CA GLY C 48 -0.12 0.80 -2.81
C GLY C 48 -0.69 1.98 -2.05
N GLN C 49 -0.14 3.16 -2.34
CA GLN C 49 -0.52 4.37 -1.60
C GLN C 49 -1.90 4.85 -1.99
N LYS C 50 -2.64 5.32 -0.99
CA LYS C 50 -3.99 5.84 -1.19
C LYS C 50 -3.95 7.27 -1.72
N ASP C 51 -5.00 7.66 -2.45
CA ASP C 51 -5.08 9.02 -2.99
C ASP C 51 -5.25 10.03 -1.87
N SER C 52 -5.98 9.62 -0.83
CA SER C 52 -6.17 10.46 0.34
C SER C 52 -6.65 9.63 1.52
N TYR C 53 -6.04 9.85 2.67
CA TYR C 53 -6.48 9.15 3.87
C TYR C 53 -7.62 9.94 4.50
N VAL C 54 -8.71 9.26 4.80
CA VAL C 54 -9.75 9.83 5.64
C VAL C 54 -9.36 9.47 7.06
N GLY C 55 -10.07 9.98 8.07
CA GLY C 55 -9.87 9.46 9.42
C GLY C 55 -10.22 7.99 9.42
N ASP C 56 -9.66 7.21 10.36
CA ASP C 56 -8.82 7.72 11.42
C ASP C 56 -7.34 7.73 11.01
N GLU C 57 -7.03 6.94 9.99
CA GLU C 57 -5.65 6.78 9.51
C GLU C 57 -4.99 8.12 9.15
N ALA C 58 -5.80 9.11 8.79
CA ALA C 58 -5.28 10.43 8.46
C ALA C 58 -4.90 11.20 9.70
N GLN C 59 -5.09 10.57 10.86
CA GLN C 59 -4.68 11.15 12.13
C GLN C 59 -3.55 10.31 12.73
N SER C 60 -3.28 9.17 12.09
CA SER C 60 -2.18 8.31 12.52
C SER C 60 -0.95 8.58 11.68
N LYS C 61 -1.17 9.10 10.48
CA LYS C 61 -0.09 9.32 9.53
C LYS C 61 0.00 10.79 9.13
N ARG C 62 0.00 11.67 10.13
CA ARG C 62 0.20 13.09 9.91
C ARG C 62 1.60 13.37 9.37
N GLY C 63 1.85 14.62 8.98
CA GLY C 63 3.19 15.05 8.60
C GLY C 63 3.52 14.68 7.16
N ILE C 64 2.90 13.63 6.67
CA ILE C 64 3.08 13.22 5.29
C ILE C 64 1.83 13.61 4.51
N LEU C 65 0.97 14.39 5.16
CA LEU C 65 -0.27 14.84 4.54
C LEU C 65 -0.45 16.33 4.74
N THR C 66 -1.47 16.90 4.11
CA THR C 66 -1.91 18.26 4.40
C THR C 66 -3.36 18.20 4.83
N LEU C 67 -3.59 18.16 6.14
CA LEU C 67 -4.93 17.99 6.65
C LEU C 67 -5.85 19.11 6.19
N LYS C 68 -6.99 18.72 5.64
CA LYS C 68 -7.98 19.68 5.16
C LYS C 68 -9.35 19.33 5.71
N TYR C 69 -9.82 20.13 6.65
CA TYR C 69 -11.13 19.91 7.24
C TYR C 69 -12.26 20.19 6.25
N PRO C 70 -13.13 19.18 6.04
CA PRO C 70 -14.22 19.21 5.07
C PRO C 70 -15.30 20.22 5.47
N ILE C 71 -15.34 20.54 6.76
CA ILE C 71 -16.25 21.56 7.25
C ILE C 71 -15.41 22.52 8.10
N GLU C 72 -15.89 23.75 8.24
CA GLU C 72 -15.08 24.81 8.83
C GLU C 72 -15.96 25.98 9.27
N CYS C 73 -16.08 26.17 10.58
CA CYS C 73 -16.92 27.21 11.14
C CYS C 73 -18.36 27.07 10.67
N GLY C 74 -18.91 25.86 10.83
CA GLY C 74 -20.32 25.60 10.57
C GLY C 74 -20.67 25.21 9.15
N ILE C 75 -20.60 26.17 8.23
CA ILE C 75 -20.82 25.87 6.82
C ILE C 75 -19.65 25.00 6.33
N ILE C 76 -19.95 23.96 5.56
CA ILE C 76 -18.87 23.12 5.05
C ILE C 76 -18.27 23.79 3.84
N THR C 77 -17.02 23.47 3.53
CA THR C 77 -16.30 24.12 2.44
C THR C 77 -16.65 23.52 1.06
N ASN C 78 -16.64 22.20 0.96
CA ASN C 78 -16.98 21.52 -0.30
C ASN C 78 -17.44 20.09 -0.05
N TRP C 79 -18.45 19.66 -0.79
CA TRP C 79 -19.00 18.33 -0.60
C TRP C 79 -18.15 17.26 -1.29
N ASP C 80 -17.09 17.67 -1.99
CA ASP C 80 -16.21 16.72 -2.64
C ASP C 80 -15.50 15.86 -1.60
N ASP C 81 -15.10 16.49 -0.50
CA ASP C 81 -14.44 15.77 0.59
C ASP C 81 -15.49 15.15 1.49
N MET C 82 -16.56 15.92 1.73
CA MET C 82 -17.65 15.51 2.61
C MET C 82 -18.33 14.21 2.19
N GLU C 83 -18.68 14.11 0.91
CA GLU C 83 -19.31 12.92 0.38
C GLU C 83 -18.39 11.73 0.57
N LYS C 84 -17.10 11.98 0.45
CA LYS C 84 -16.10 10.91 0.54
C LYS C 84 -16.00 10.43 1.98
N ILE C 85 -16.10 11.38 2.92
CA ILE C 85 -16.25 11.04 4.33
C ILE C 85 -17.40 10.06 4.44
N TRP C 86 -18.56 10.47 3.91
CA TRP C 86 -19.77 9.67 4.05
C TRP C 86 -19.66 8.27 3.46
N HIS C 87 -19.35 8.18 2.17
CA HIS C 87 -19.24 6.92 1.46
C HIS C 87 -18.26 5.98 2.14
N HIS C 88 -17.09 6.52 2.49
CA HIS C 88 -16.08 5.73 3.17
C HIS C 88 -16.69 5.16 4.46
N THR C 89 -17.38 6.02 5.21
CA THR C 89 -17.98 5.61 6.49
C THR C 89 -19.05 4.53 6.37
N PHE C 90 -20.07 4.77 5.56
CA PHE C 90 -21.15 3.80 5.41
C PHE C 90 -20.68 2.48 4.81
N TYR C 91 -19.87 2.54 3.76
CA TYR C 91 -19.52 1.30 3.07
C TYR C 91 -18.43 0.51 3.79
N ASN C 92 -17.31 1.12 4.15
CA ASN C 92 -16.20 0.32 4.66
C ASN C 92 -16.01 0.34 6.19
N GLU C 93 -16.95 0.93 6.91
CA GLU C 93 -16.85 0.97 8.38
C GLU C 93 -18.01 0.27 9.07
N LEU C 94 -19.14 0.96 9.19
CA LEU C 94 -20.27 0.46 9.96
C LEU C 94 -20.88 -0.82 9.38
N ARG C 95 -20.51 -1.11 8.14
CA ARG C 95 -21.00 -2.30 7.43
C ARG C 95 -22.51 -2.28 7.38
N VAL C 96 -23.04 -1.13 6.98
CA VAL C 96 -24.47 -0.93 6.87
C VAL C 96 -24.87 -0.65 5.41
N ALA C 97 -25.92 -1.32 4.95
CA ALA C 97 -26.47 -1.06 3.63
C ALA C 97 -27.04 0.36 3.58
N PRO C 98 -27.13 0.92 2.36
CA PRO C 98 -27.72 2.26 2.22
C PRO C 98 -29.24 2.29 2.42
N GLU C 99 -29.94 1.19 2.10
CA GLU C 99 -31.40 1.13 2.21
C GLU C 99 -31.85 0.59 3.56
N GLU C 100 -30.88 0.30 4.41
CA GLU C 100 -31.12 -0.16 5.77
C GLU C 100 -32.19 0.67 6.47
N HIS C 101 -32.02 1.99 6.52
CA HIS C 101 -32.90 2.84 7.33
C HIS C 101 -33.29 4.18 6.71
N PRO C 102 -34.26 4.85 7.37
CA PRO C 102 -34.46 6.31 7.38
C PRO C 102 -33.50 6.94 8.40
N THR C 103 -32.82 8.01 8.04
CA THR C 103 -31.73 8.53 8.88
C THR C 103 -32.09 9.81 9.65
N LEU C 104 -31.22 10.19 10.57
CA LEU C 104 -31.41 11.37 11.41
C LEU C 104 -30.13 12.21 11.42
N LEU C 105 -30.22 13.44 10.93
CA LEU C 105 -29.06 14.31 10.85
C LEU C 105 -29.18 15.56 11.72
N THR C 106 -28.03 16.12 12.09
CA THR C 106 -27.98 17.37 12.83
C THR C 106 -27.26 18.43 12.00
N GLU C 107 -27.50 19.69 12.34
CA GLU C 107 -26.80 20.80 11.71
C GLU C 107 -26.53 21.84 12.80
N LYS C 118 -27.74 20.62 -0.09
CA LYS C 118 -26.70 19.92 -0.85
C LYS C 118 -26.30 18.59 -0.20
N MET C 119 -26.22 18.59 1.13
CA MET C 119 -26.05 17.35 1.89
C MET C 119 -27.23 16.42 1.67
N THR C 120 -28.41 16.85 2.12
CA THR C 120 -29.62 16.01 2.10
C THR C 120 -29.83 15.39 0.73
N GLN C 121 -29.58 16.19 -0.31
CA GLN C 121 -29.82 15.83 -1.69
C GLN C 121 -28.77 14.86 -2.19
N ILE C 122 -27.49 15.22 -2.03
CA ILE C 122 -26.42 14.33 -2.48
C ILE C 122 -26.53 12.97 -1.80
N MET C 123 -26.75 12.98 -0.49
CA MET C 123 -26.95 11.76 0.28
C MET C 123 -28.22 11.04 -0.18
N PHE C 124 -29.18 11.79 -0.72
CA PHE C 124 -30.45 11.20 -1.12
C PHE C 124 -30.31 10.44 -2.43
N GLU C 125 -29.52 10.99 -3.36
CA GLU C 125 -29.36 10.37 -4.68
C GLU C 125 -28.26 9.31 -4.66
N THR C 126 -27.25 9.52 -3.83
CA THR C 126 -26.14 8.58 -3.73
C THR C 126 -26.45 7.40 -2.82
N PHE C 127 -26.90 7.70 -1.60
CA PHE C 127 -27.03 6.68 -0.57
C PHE C 127 -28.47 6.22 -0.40
N ASN C 128 -29.41 6.97 -0.96
CA ASN C 128 -30.79 6.50 -1.12
C ASN C 128 -31.48 6.02 0.15
N VAL C 129 -31.06 6.52 1.30
CA VAL C 129 -31.82 6.33 2.54
C VAL C 129 -33.24 6.85 2.29
N PRO C 130 -34.21 5.92 2.31
CA PRO C 130 -35.59 6.17 1.85
C PRO C 130 -36.32 7.30 2.58
N ALA C 131 -35.74 7.85 3.64
CA ALA C 131 -36.33 9.03 4.29
C ALA C 131 -35.25 9.98 4.81
N MET C 132 -35.63 10.88 5.72
CA MET C 132 -34.73 11.91 6.22
C MET C 132 -35.41 12.75 7.31
N TYR C 133 -34.59 13.33 8.19
CA TYR C 133 -35.04 14.33 9.16
C TYR C 133 -33.82 14.97 9.79
N VAL C 134 -33.85 16.29 9.92
CA VAL C 134 -32.72 16.99 10.52
C VAL C 134 -33.19 17.80 11.72
N ALA C 135 -32.73 17.40 12.90
CA ALA C 135 -33.06 18.11 14.12
C ALA C 135 -31.88 18.98 14.52
N ILE C 136 -32.14 20.18 15.04
CA ILE C 136 -31.05 21.10 15.34
C ILE C 136 -30.23 20.62 16.55
N GLN C 137 -28.91 20.83 16.45
CA GLN C 137 -27.94 20.21 17.37
C GLN C 137 -28.08 20.65 18.82
N ALA C 138 -28.57 21.86 19.05
CA ALA C 138 -28.73 22.35 20.41
C ALA C 138 -29.84 21.60 21.13
N VAL C 139 -30.99 21.51 20.48
CA VAL C 139 -32.18 20.88 21.03
C VAL C 139 -31.91 19.46 21.54
N LEU C 140 -31.12 18.69 20.80
CA LEU C 140 -30.83 17.31 21.14
C LEU C 140 -30.09 17.19 22.47
N SER C 141 -29.34 18.22 22.84
CA SER C 141 -28.51 18.20 24.04
C SER C 141 -29.32 18.20 25.33
N LEU C 142 -30.61 18.45 25.23
CA LEU C 142 -31.49 18.43 26.40
C LEU C 142 -31.93 17.02 26.73
N TYR C 143 -32.02 16.18 25.70
CA TYR C 143 -32.50 14.81 25.85
C TYR C 143 -31.52 13.90 26.60
N ALA C 144 -30.35 14.44 26.97
CA ALA C 144 -29.35 13.67 27.70
C ALA C 144 -29.85 13.33 29.09
N SER C 145 -29.87 14.32 29.97
CA SER C 145 -30.37 14.14 31.32
C SER C 145 -31.90 14.19 31.32
N GLY C 146 -32.47 14.33 30.13
CA GLY C 146 -33.90 14.28 29.94
C GLY C 146 -34.62 15.39 30.67
N ARG C 147 -34.08 16.60 30.58
CA ARG C 147 -34.78 17.77 31.09
C ARG C 147 -35.65 18.33 29.97
N THR C 148 -36.62 19.16 30.31
CA THR C 148 -37.49 19.73 29.30
C THR C 148 -37.28 21.23 29.13
N THR C 149 -36.67 21.84 30.15
CA THR C 149 -36.52 23.28 30.18
C THR C 149 -35.05 23.65 30.16
N GLY C 150 -34.74 24.91 29.89
CA GLY C 150 -33.38 25.40 30.08
C GLY C 150 -32.77 26.09 28.88
N ILE C 151 -31.76 26.90 29.16
CA ILE C 151 -30.92 27.49 28.12
C ILE C 151 -29.71 26.59 27.91
N VAL C 152 -29.53 26.15 26.67
CA VAL C 152 -28.44 25.23 26.35
C VAL C 152 -27.27 25.97 25.72
N LEU C 153 -26.11 25.80 26.34
CA LEU C 153 -24.86 26.36 25.87
C LEU C 153 -24.04 25.26 25.21
N ASP C 154 -24.18 25.11 23.89
CA ASP C 154 -23.47 24.03 23.22
C ASP C 154 -22.32 24.59 22.40
N SER C 155 -21.11 24.37 22.89
CA SER C 155 -19.92 24.90 22.27
C SER C 155 -18.97 23.78 21.91
N GLY C 156 -18.84 23.52 20.61
CA GLY C 156 -17.83 22.62 20.11
C GLY C 156 -17.11 23.27 18.95
N ASP C 157 -15.92 22.76 18.63
CA ASP C 157 -15.23 23.16 17.42
C ASP C 157 -16.20 22.92 16.26
N GLY C 158 -16.46 23.95 15.46
CA GLY C 158 -15.95 25.29 15.69
C GLY C 158 -17.02 26.36 15.73
N VAL C 159 -18.23 25.98 16.13
CA VAL C 159 -19.33 26.93 16.27
C VAL C 159 -20.12 26.68 17.56
N THR C 160 -20.20 27.68 18.43
CA THR C 160 -21.03 27.55 19.62
C THR C 160 -22.42 28.13 19.39
N HIS C 161 -23.38 27.74 20.21
CA HIS C 161 -24.71 28.33 20.17
C HIS C 161 -25.31 28.36 21.56
N ASN C 162 -26.26 29.28 21.74
CA ASN C 162 -26.96 29.47 22.98
C ASN C 162 -28.46 29.44 22.76
N VAL C 163 -29.09 28.27 22.87
CA VAL C 163 -30.52 28.21 22.58
C VAL C 163 -31.36 28.03 23.82
N PRO C 164 -32.22 29.02 24.12
CA PRO C 164 -33.13 28.92 25.26
C PRO C 164 -34.41 28.19 24.87
N ILE C 165 -34.75 27.17 25.64
CA ILE C 165 -35.98 26.44 25.39
C ILE C 165 -36.81 26.38 26.65
N TYR C 166 -38.10 26.69 26.52
CA TYR C 166 -39.01 26.49 27.63
C TYR C 166 -39.78 25.19 27.39
N GLU C 167 -40.64 24.85 28.33
CA GLU C 167 -41.42 23.63 28.28
C GLU C 167 -42.76 23.85 27.55
N GLY C 168 -42.90 23.28 26.33
CA GLY C 168 -41.84 22.57 25.65
C GLY C 168 -41.43 23.25 24.36
N TYR C 169 -42.13 24.33 24.02
CA TYR C 169 -41.83 25.12 22.83
C TYR C 169 -40.46 25.80 22.93
N ALA C 170 -39.93 26.27 21.82
CA ALA C 170 -38.58 26.85 21.82
C ALA C 170 -38.54 28.24 21.20
N LEU C 171 -38.02 29.20 21.96
CA LEU C 171 -37.88 30.58 21.49
C LEU C 171 -36.83 30.66 20.38
N PRO C 172 -37.23 31.09 19.18
CA PRO C 172 -36.31 31.15 18.06
C PRO C 172 -35.35 32.35 18.08
N HIS C 173 -35.84 33.50 18.52
CA HIS C 173 -35.10 34.75 18.32
C HIS C 173 -34.13 35.09 19.45
N ALA C 174 -34.16 34.30 20.51
CA ALA C 174 -33.31 34.60 21.66
C ALA C 174 -31.98 33.86 21.61
N ILE C 175 -31.59 33.43 20.41
CA ILE C 175 -30.36 32.65 20.26
C ILE C 175 -29.26 33.48 19.60
N MET C 176 -28.11 33.53 20.26
CA MET C 176 -26.96 34.24 19.72
C MET C 176 -25.83 33.26 19.40
N ARG C 177 -25.34 33.31 18.17
CA ARG C 177 -24.32 32.37 17.74
C ARG C 177 -22.96 33.05 17.58
N LEU C 178 -21.98 32.59 18.34
CA LEU C 178 -20.65 33.14 18.30
C LEU C 178 -19.73 32.21 17.54
N TYR C 198 8.54 27.82 20.72
CA TYR C 198 7.98 26.65 20.07
C TYR C 198 7.29 27.05 18.77
N SER C 199 7.79 26.49 17.66
CA SER C 199 7.24 26.80 16.34
C SER C 199 6.32 25.68 15.87
N PHE C 200 5.08 26.04 15.54
CA PHE C 200 4.06 25.04 15.24
C PHE C 200 3.41 25.29 13.89
N VAL C 201 4.25 25.61 12.90
CA VAL C 201 3.80 26.05 11.58
C VAL C 201 2.98 25.03 10.77
N THR C 202 3.34 23.75 10.80
CA THR C 202 2.79 22.81 9.83
C THR C 202 1.35 22.41 10.19
N THR C 203 0.56 22.12 9.16
CA THR C 203 -0.86 21.81 9.32
C THR C 203 -1.06 20.62 10.25
N ALA C 204 -0.35 19.54 9.94
CA ALA C 204 -0.42 18.32 10.72
C ALA C 204 -0.09 18.58 12.19
N GLU C 205 1.01 19.31 12.41
CA GLU C 205 1.53 19.50 13.75
C GLU C 205 0.51 20.21 14.63
N ARG C 206 -0.41 20.95 14.00
CA ARG C 206 -1.42 21.70 14.75
C ARG C 206 -2.22 20.76 15.63
N GLU C 207 -2.39 19.52 15.18
CA GLU C 207 -3.13 18.53 15.95
C GLU C 207 -2.51 18.37 17.33
N ILE C 208 -1.18 18.35 17.38
CA ILE C 208 -0.44 18.23 18.63
C ILE C 208 -0.79 19.36 19.57
N VAL C 209 -0.97 20.57 19.03
CA VAL C 209 -1.37 21.72 19.84
C VAL C 209 -2.66 21.38 20.55
N ARG C 210 -3.60 20.80 19.79
CA ARG C 210 -4.90 20.42 20.32
C ARG C 210 -4.74 19.48 21.51
N ASP C 211 -3.78 18.57 21.44
CA ASP C 211 -3.58 17.64 22.54
C ASP C 211 -3.05 18.35 23.78
N ILE C 212 -2.19 19.34 23.59
CA ILE C 212 -1.70 20.10 24.73
C ILE C 212 -2.84 20.98 25.28
N LYS C 213 -3.86 21.19 24.44
CA LYS C 213 -5.07 21.86 24.88
C LYS C 213 -5.85 20.94 25.80
N GLU C 214 -5.79 19.64 25.49
CA GLU C 214 -6.52 18.62 26.23
C GLU C 214 -6.11 18.53 27.69
N LYS C 215 -4.91 18.01 27.91
CA LYS C 215 -4.44 17.63 29.24
C LYS C 215 -4.01 18.85 30.03
N LEU C 216 -3.14 19.67 29.43
CA LEU C 216 -2.56 20.80 30.13
C LEU C 216 -3.44 22.04 30.03
N CYS C 217 -4.53 22.05 30.78
CA CYS C 217 -5.43 23.20 30.76
C CYS C 217 -6.30 23.28 32.00
N TYR C 218 -6.69 24.50 32.35
CA TYR C 218 -7.61 24.77 33.46
C TYR C 218 -7.97 26.24 33.45
N VAL C 219 -9.24 26.55 33.65
CA VAL C 219 -9.67 27.93 33.70
C VAL C 219 -9.62 28.42 35.15
N ALA C 220 -8.98 29.56 35.36
CA ALA C 220 -8.87 30.14 36.71
C ALA C 220 -10.24 30.55 37.24
N LEU C 221 -10.27 31.06 38.48
CA LEU C 221 -11.50 31.59 39.03
C LEU C 221 -11.47 33.12 39.06
N ASP C 222 -10.30 33.67 39.40
CA ASP C 222 -10.09 35.11 39.39
C ASP C 222 -8.80 35.41 38.62
N PHE C 223 -8.93 35.52 37.30
CA PHE C 223 -7.79 35.68 36.41
C PHE C 223 -6.88 36.83 36.80
N GLU C 224 -7.43 38.04 36.78
CA GLU C 224 -6.66 39.27 36.99
C GLU C 224 -5.78 39.22 38.23
N ASN C 225 -6.30 38.63 39.31
CA ASN C 225 -5.55 38.52 40.55
C ASN C 225 -4.63 37.30 40.53
N GLU C 226 -5.03 36.28 39.77
CA GLU C 226 -4.23 35.06 39.64
C GLU C 226 -2.94 35.30 38.85
N MET C 227 -2.99 36.24 37.92
CA MET C 227 -1.85 36.52 37.04
C MET C 227 -0.65 37.06 37.80
N ALA C 228 -0.92 37.86 38.82
CA ALA C 228 0.14 38.39 39.67
C ALA C 228 0.93 37.25 40.31
N THR C 229 0.21 36.37 40.99
CA THR C 229 0.82 35.25 41.72
C THR C 229 1.37 34.20 40.76
N ALA C 230 0.90 34.23 39.52
CA ALA C 230 1.41 33.31 38.50
C ALA C 230 2.89 33.59 38.26
N ALA C 231 3.27 34.85 38.40
CA ALA C 231 4.65 35.27 38.21
C ALA C 231 5.55 34.70 39.31
N SER C 232 4.98 34.39 40.47
CA SER C 232 5.72 33.75 41.55
C SER C 232 6.34 32.45 41.04
N SER C 233 7.49 32.08 41.59
CA SER C 233 8.29 30.98 41.06
C SER C 233 7.59 29.62 41.13
N SER C 234 6.73 29.44 42.14
CA SER C 234 5.97 28.20 42.32
C SER C 234 5.29 27.78 41.02
N SER C 235 5.64 26.60 40.53
CA SER C 235 5.24 26.21 39.20
C SER C 235 3.75 25.89 39.14
N LEU C 236 3.03 26.67 38.36
CA LEU C 236 1.68 26.33 37.96
C LEU C 236 1.83 25.83 36.53
N GLU C 237 3.05 25.42 36.25
CA GLU C 237 3.47 24.87 34.98
C GLU C 237 3.64 23.36 35.07
N LYS C 238 3.02 22.64 34.14
CA LYS C 238 3.24 21.20 34.06
C LYS C 238 3.93 20.90 32.73
N SER C 239 4.93 20.03 32.75
CA SER C 239 5.73 19.81 31.56
C SER C 239 5.23 18.58 30.80
N TYR C 240 4.74 18.83 29.59
CA TYR C 240 4.22 17.78 28.73
C TYR C 240 5.32 17.34 27.78
N GLU C 241 5.26 16.09 27.33
CA GLU C 241 6.26 15.60 26.39
C GLU C 241 5.68 15.35 25.01
N LEU C 242 6.45 15.71 23.97
CA LEU C 242 5.93 15.82 22.62
C LEU C 242 6.33 14.59 21.81
N PRO C 243 5.47 14.12 20.88
CA PRO C 243 5.61 12.86 20.14
C PRO C 243 7.02 12.47 19.71
N ASP C 244 7.85 13.43 19.32
CA ASP C 244 9.25 13.10 19.08
C ASP C 244 9.98 12.99 20.41
N GLY C 245 11.20 13.49 20.50
CA GLY C 245 11.90 13.54 21.76
C GLY C 245 11.48 14.69 22.66
N GLN C 246 11.17 15.83 22.05
CA GLN C 246 11.11 17.12 22.76
C GLN C 246 10.23 17.12 24.00
N VAL C 247 10.70 17.81 25.04
CA VAL C 247 9.95 18.02 26.26
C VAL C 247 9.58 19.49 26.36
N ILE C 248 8.29 19.78 26.36
CA ILE C 248 7.81 21.16 26.37
C ILE C 248 7.19 21.55 27.70
N THR C 249 7.67 22.66 28.24
CA THR C 249 7.19 23.15 29.53
C THR C 249 6.40 24.44 29.37
N ILE C 250 5.08 24.34 29.41
CA ILE C 250 4.25 25.55 29.35
C ILE C 250 3.62 25.79 30.72
N GLY C 251 3.58 27.05 31.10
CA GLY C 251 2.96 27.47 32.36
C GLY C 251 2.13 28.69 32.06
N ASN C 252 1.88 29.52 33.07
CA ASN C 252 1.18 30.79 32.90
C ASN C 252 0.11 30.74 31.82
N GLU C 253 0.55 30.87 30.58
CA GLU C 253 -0.31 30.86 29.40
C GLU C 253 -1.22 29.62 29.35
N ARG C 254 -0.81 28.57 30.04
CA ARG C 254 -1.58 27.33 30.13
C ARG C 254 -3.01 27.62 30.56
N PHE C 255 -3.17 28.54 31.51
CA PHE C 255 -4.50 28.96 31.92
C PHE C 255 -4.95 30.26 31.22
N ARG C 256 -4.01 30.98 30.61
CA ARG C 256 -4.37 32.21 29.91
C ARG C 256 -5.17 31.92 28.63
N CYS C 257 -4.65 31.02 27.80
CA CYS C 257 -5.26 30.68 26.52
C CYS C 257 -6.75 30.34 26.58
N PRO C 258 -7.14 29.38 27.46
CA PRO C 258 -8.57 29.04 27.45
C PRO C 258 -9.44 30.20 27.94
N GLU C 259 -8.88 31.03 28.81
CA GLU C 259 -9.59 32.17 29.38
C GLU C 259 -10.17 33.08 28.29
N THR C 260 -9.53 33.06 27.12
CA THR C 260 -10.00 33.76 25.92
C THR C 260 -11.51 33.59 25.71
N LEU C 261 -12.06 32.46 26.14
CA LEU C 261 -13.48 32.20 26.03
C LEU C 261 -14.35 33.35 26.59
N PHE C 262 -13.98 33.93 27.73
CA PHE C 262 -14.53 35.22 28.16
C PHE C 262 -13.56 36.33 27.75
N GLN C 263 -14.03 37.56 27.55
CA GLN C 263 -13.07 38.60 27.27
C GLN C 263 -12.25 38.26 25.96
N PRO C 264 -13.00 38.13 24.84
CA PRO C 264 -12.28 37.70 23.65
C PRO C 264 -11.69 38.90 22.92
N SER C 265 -11.19 39.88 23.68
CA SER C 265 -10.45 40.99 23.10
C SER C 265 -9.10 40.46 22.64
N PHE C 266 -8.59 39.46 23.38
CA PHE C 266 -7.32 38.83 23.11
C PHE C 266 -7.19 38.36 21.66
N ILE C 267 -8.31 37.98 21.06
CA ILE C 267 -8.34 37.53 19.68
C ILE C 267 -8.41 38.72 18.72
N GLY C 268 -9.03 39.80 19.16
CA GLY C 268 -9.22 40.96 18.32
C GLY C 268 -10.60 40.93 17.70
N MET C 269 -11.52 40.29 18.41
CA MET C 269 -12.93 40.22 18.00
C MET C 269 -13.79 40.99 18.98
N GLU C 270 -14.76 41.74 18.45
CA GLU C 270 -15.53 42.69 19.24
C GLU C 270 -16.68 42.06 20.01
N SER C 271 -17.25 40.99 19.48
CA SER C 271 -18.34 40.28 20.15
C SER C 271 -17.92 39.86 21.56
N ALA C 272 -18.72 40.24 22.55
CA ALA C 272 -18.34 40.06 23.95
C ALA C 272 -18.33 38.58 24.33
N GLY C 273 -17.71 38.26 25.46
CA GLY C 273 -17.48 36.88 25.87
C GLY C 273 -18.73 36.06 26.11
N ILE C 274 -18.55 34.73 26.16
CA ILE C 274 -19.62 33.78 26.47
C ILE C 274 -20.33 34.16 27.77
N HIS C 275 -19.52 34.57 28.76
CA HIS C 275 -20.01 35.30 29.93
C HIS C 275 -21.23 36.15 29.63
N GLU C 276 -21.06 37.10 28.72
CA GLU C 276 -22.09 38.10 28.49
C GLU C 276 -23.15 37.59 27.53
N THR C 277 -22.77 36.70 26.61
CA THR C 277 -23.73 36.22 25.63
C THR C 277 -24.77 35.31 26.25
N THR C 278 -24.40 34.61 27.32
CA THR C 278 -25.38 33.78 28.03
C THR C 278 -26.51 34.64 28.61
N TYR C 279 -26.13 35.61 29.44
CA TYR C 279 -27.09 36.54 30.04
C TYR C 279 -27.85 37.32 28.97
N ASN C 280 -27.13 37.90 28.02
CA ASN C 280 -27.71 38.77 27.00
C ASN C 280 -28.64 38.00 26.08
N TYR C 306 -13.04 21.69 30.22
CA TYR C 306 -12.07 22.37 31.08
C TYR C 306 -12.44 22.20 32.55
N PRO C 307 -11.43 21.98 33.41
CA PRO C 307 -11.63 21.84 34.86
C PRO C 307 -11.89 23.17 35.56
N GLY C 308 -12.07 24.23 34.78
CA GLY C 308 -12.35 25.55 35.32
C GLY C 308 -13.83 25.77 35.60
N ILE C 309 -14.62 25.83 34.54
CA ILE C 309 -16.09 25.91 34.64
C ILE C 309 -16.61 24.78 35.53
N ALA C 310 -17.79 24.94 36.15
CA ALA C 310 -18.72 26.04 35.91
C ALA C 310 -18.69 27.17 36.94
N ASP C 311 -17.79 27.10 37.91
CA ASP C 311 -17.90 28.00 39.06
C ASP C 311 -17.19 29.29 38.66
N ARG C 312 -16.41 29.20 37.58
CA ARG C 312 -15.97 30.38 36.86
C ARG C 312 -17.17 31.06 36.22
N MET C 313 -17.85 30.30 35.36
CA MET C 313 -19.09 30.75 34.72
C MET C 313 -20.06 31.28 35.77
N GLN C 314 -20.12 30.58 36.90
CA GLN C 314 -21.02 30.94 37.98
C GLN C 314 -20.68 32.30 38.56
N LYS C 315 -19.52 32.38 39.21
CA LYS C 315 -19.08 33.64 39.80
C LYS C 315 -19.19 34.81 38.83
N GLU C 316 -18.93 34.53 37.56
CA GLU C 316 -18.97 35.59 36.55
C GLU C 316 -20.39 36.04 36.26
N ILE C 317 -21.32 35.10 36.13
CA ILE C 317 -22.69 35.43 35.81
C ILE C 317 -23.31 36.17 36.99
N THR C 318 -23.13 35.63 38.19
CA THR C 318 -23.75 36.19 39.40
C THR C 318 -23.39 37.68 39.57
N ALA C 319 -22.25 38.09 39.02
CA ALA C 319 -21.84 39.49 39.04
C ALA C 319 -22.61 40.32 38.02
N LEU C 320 -23.00 39.70 36.91
CA LEU C 320 -23.74 40.40 35.85
C LEU C 320 -25.23 40.17 36.01
N ALA C 321 -25.58 38.98 36.49
CA ALA C 321 -26.97 38.59 36.67
C ALA C 321 -27.64 39.43 37.75
N PRO C 322 -28.98 39.48 37.75
CA PRO C 322 -29.68 40.12 38.87
C PRO C 322 -29.45 39.38 40.19
N SER C 323 -29.67 40.07 41.30
CA SER C 323 -29.47 39.50 42.62
C SER C 323 -30.61 38.57 43.05
N THR C 324 -30.37 37.83 44.13
CA THR C 324 -31.38 36.97 44.75
C THR C 324 -31.91 35.89 43.81
N MET C 325 -31.07 35.41 42.90
CA MET C 325 -31.50 34.36 42.00
C MET C 325 -30.57 33.17 42.08
N LYS C 326 -31.16 31.99 42.25
CA LYS C 326 -30.38 30.76 42.40
C LYS C 326 -30.06 30.17 41.04
N ILE C 327 -28.78 29.90 40.83
CA ILE C 327 -28.29 29.50 39.52
C ILE C 327 -27.52 28.18 39.60
N LYS C 328 -28.21 27.06 39.40
CA LYS C 328 -27.50 25.80 39.25
C LYS C 328 -26.93 25.81 37.84
N ILE C 329 -25.74 25.26 37.67
CA ILE C 329 -25.08 25.31 36.38
C ILE C 329 -24.75 23.87 36.02
N ILE C 330 -25.78 23.03 36.04
CA ILE C 330 -25.58 21.60 35.96
C ILE C 330 -25.11 21.19 34.58
N ALA C 331 -23.95 20.53 34.56
CA ALA C 331 -23.41 20.00 33.34
C ALA C 331 -22.86 18.62 33.67
N PRO C 332 -23.37 17.59 32.98
CA PRO C 332 -23.03 16.20 33.29
C PRO C 332 -21.53 15.91 33.14
N PRO C 333 -21.08 14.74 33.64
CA PRO C 333 -19.87 14.14 33.06
C PRO C 333 -20.27 13.52 31.73
N GLU C 334 -19.34 12.90 31.00
CA GLU C 334 -19.68 12.15 29.77
C GLU C 334 -20.20 13.07 28.65
N ARG C 335 -20.17 14.38 28.88
CA ARG C 335 -20.78 15.37 27.99
C ARG C 335 -20.39 15.27 26.52
N LYS C 336 -19.21 14.69 26.25
CA LYS C 336 -18.72 14.61 24.88
C LYS C 336 -19.68 13.87 23.94
N TYR C 337 -20.50 13.00 24.51
CA TYR C 337 -21.42 12.21 23.69
C TYR C 337 -22.86 12.63 23.94
N SER C 338 -23.04 13.72 24.68
CA SER C 338 -24.36 14.18 25.11
C SER C 338 -25.34 14.26 23.96
N VAL C 339 -24.98 15.07 22.95
CA VAL C 339 -25.80 15.25 21.76
C VAL C 339 -26.25 13.90 21.21
N TRP C 340 -25.31 12.96 21.12
CA TRP C 340 -25.63 11.67 20.52
C TRP C 340 -26.64 10.90 21.37
N ILE C 341 -26.45 10.90 22.69
CA ILE C 341 -27.38 10.20 23.58
C ILE C 341 -28.75 10.82 23.45
N GLY C 342 -28.77 12.08 22.99
CA GLY C 342 -30.01 12.73 22.65
C GLY C 342 -30.63 12.04 21.45
N GLY C 343 -29.91 12.07 20.32
CA GLY C 343 -30.43 11.60 19.05
C GLY C 343 -30.98 10.20 19.11
N SER C 344 -30.25 9.32 19.78
CA SER C 344 -30.65 7.93 19.92
C SER C 344 -32.05 7.82 20.50
N ILE C 345 -32.28 8.61 21.54
CA ILE C 345 -33.56 8.60 22.23
C ILE C 345 -34.67 9.04 21.26
N LEU C 346 -34.35 9.99 20.39
CA LEU C 346 -35.39 10.60 19.58
C LEU C 346 -35.95 9.65 18.51
N ALA C 347 -35.13 9.26 17.54
CA ALA C 347 -35.61 8.44 16.42
C ALA C 347 -36.11 7.07 16.86
N SER C 348 -35.76 6.66 18.07
CA SER C 348 -36.23 5.40 18.61
C SER C 348 -37.61 5.63 19.22
N LEU C 349 -37.82 6.84 19.73
CA LEU C 349 -39.08 7.21 20.34
C LEU C 349 -40.22 7.33 19.33
N SER C 350 -41.39 6.86 19.74
CA SER C 350 -42.63 7.30 19.14
C SER C 350 -42.71 8.81 19.37
N THR C 351 -43.35 9.56 18.47
CA THR C 351 -44.04 9.01 17.31
C THR C 351 -43.70 9.85 16.09
N PHE C 352 -42.78 10.78 16.27
CA PHE C 352 -42.45 11.78 15.26
C PHE C 352 -41.89 11.18 13.96
N GLN C 353 -41.93 9.85 13.86
CA GLN C 353 -41.56 9.14 12.65
C GLN C 353 -42.34 9.69 11.45
N GLN C 354 -43.56 10.17 11.71
CA GLN C 354 -44.42 10.68 10.66
C GLN C 354 -44.24 12.18 10.43
N MET C 355 -43.15 12.74 10.94
CA MET C 355 -42.76 14.10 10.58
C MET C 355 -41.53 14.04 9.68
N TRP C 356 -41.27 12.86 9.14
CA TRP C 356 -40.18 12.62 8.21
C TRP C 356 -40.49 13.05 6.78
N ILE C 357 -39.47 12.99 5.94
CA ILE C 357 -39.63 13.18 4.51
C ILE C 357 -39.07 11.93 3.83
N THR C 358 -39.97 11.09 3.31
CA THR C 358 -39.56 9.87 2.64
C THR C 358 -39.34 10.14 1.15
N LYS C 359 -39.19 9.08 0.36
CA LYS C 359 -38.84 9.24 -1.05
C LYS C 359 -39.99 9.78 -1.89
N GLN C 360 -41.18 9.23 -1.69
CA GLN C 360 -42.36 9.65 -2.45
C GLN C 360 -42.62 11.14 -2.32
N GLU C 361 -42.25 11.70 -1.16
CA GLU C 361 -42.48 13.11 -0.87
C GLU C 361 -41.28 13.98 -1.22
N TYR C 362 -40.34 13.40 -1.97
CA TYR C 362 -39.18 14.16 -2.42
C TYR C 362 -39.25 14.21 -3.93
N ASP C 363 -40.34 13.66 -4.45
CA ASP C 363 -40.62 13.65 -5.89
C ASP C 363 -41.47 14.89 -6.21
N GLU C 364 -42.18 15.38 -5.20
CA GLU C 364 -42.99 16.59 -5.34
C GLU C 364 -42.19 17.88 -5.21
N ALA C 365 -41.65 18.14 -4.01
CA ALA C 365 -41.01 19.42 -3.73
C ALA C 365 -39.49 19.41 -3.92
N GLY C 366 -38.84 18.36 -3.41
CA GLY C 366 -37.40 18.23 -3.53
C GLY C 366 -36.62 19.13 -2.59
N PRO C 367 -35.75 20.00 -3.15
CA PRO C 367 -34.85 20.92 -2.44
C PRO C 367 -35.53 21.77 -1.37
N SER C 368 -36.83 22.01 -1.49
CA SER C 368 -37.57 22.70 -0.43
C SER C 368 -38.07 21.68 0.58
N ILE C 369 -39.16 22.02 1.28
CA ILE C 369 -39.84 21.12 2.22
C ILE C 369 -38.98 20.54 3.36
N VAL C 370 -37.65 20.60 3.22
CA VAL C 370 -36.74 20.05 4.23
C VAL C 370 -36.88 20.77 5.57
N HIS C 371 -37.41 21.98 5.56
CA HIS C 371 -37.55 22.77 6.77
C HIS C 371 -39.03 22.88 7.18
N THR D 5 26.62 63.63 22.58
CA THR D 5 25.37 63.69 23.34
C THR D 5 24.22 63.13 22.51
N THR D 6 24.51 62.78 21.26
CA THR D 6 23.50 62.33 20.31
C THR D 6 22.85 61.03 20.78
N ALA D 7 21.73 60.66 20.15
CA ALA D 7 21.12 59.36 20.38
C ALA D 7 21.27 58.45 19.17
N LEU D 8 21.34 57.15 19.39
CA LEU D 8 21.69 56.23 18.31
C LEU D 8 20.57 55.23 18.02
N VAL D 9 20.11 55.23 16.78
CA VAL D 9 19.16 54.23 16.30
C VAL D 9 19.91 53.10 15.62
N CYS D 10 19.89 51.93 16.27
CA CYS D 10 20.66 50.78 15.82
C CYS D 10 19.76 49.59 15.57
N ASP D 11 19.69 49.14 14.32
CA ASP D 11 18.83 47.99 14.04
C ASP D 11 19.64 46.73 13.80
N ASN D 12 19.34 45.75 14.65
CA ASN D 12 19.81 44.39 14.50
C ASN D 12 18.84 43.60 13.65
N GLY D 13 19.28 43.22 12.46
CA GLY D 13 18.57 42.22 11.67
C GLY D 13 19.53 41.05 11.57
N SER D 14 19.14 40.01 10.85
CA SER D 14 20.08 38.94 10.54
C SER D 14 20.94 39.39 9.37
N GLY D 15 21.11 40.70 9.27
CA GLY D 15 21.82 41.33 8.17
C GLY D 15 23.32 41.18 8.26
N LEU D 16 24.14 42.20 7.97
CA LEU D 16 23.79 43.61 7.69
C LEU D 16 23.12 44.31 8.89
N VAL D 17 23.89 44.44 9.98
CA VAL D 17 23.50 45.27 11.11
C VAL D 17 23.67 46.74 10.74
N LYS D 18 22.72 47.61 11.09
CA LYS D 18 22.89 49.01 10.71
C LYS D 18 22.97 49.95 11.91
N ALA D 19 23.94 50.87 11.87
CA ALA D 19 24.09 51.86 12.95
C ALA D 19 24.43 53.26 12.44
N GLY D 20 23.75 54.25 13.01
CA GLY D 20 23.97 55.65 12.67
C GLY D 20 23.14 56.51 13.60
N PHE D 21 23.64 57.69 13.96
CA PHE D 21 23.01 58.51 15.00
C PHE D 21 21.60 58.99 14.64
N ALA D 22 20.92 59.58 15.63
CA ALA D 22 19.53 60.02 15.51
C ALA D 22 19.29 60.88 14.27
N GLY D 23 19.35 60.25 13.10
CA GLY D 23 19.23 60.95 11.83
C GLY D 23 20.58 61.26 11.23
N ASP D 24 20.58 61.77 10.00
CA ASP D 24 19.33 62.09 9.30
C ASP D 24 19.23 61.34 7.96
N ASP D 25 20.25 60.54 7.65
CA ASP D 25 20.38 59.95 6.32
C ASP D 25 20.24 58.41 6.32
N ALA D 26 21.31 57.74 6.72
CA ALA D 26 21.43 56.29 6.64
C ALA D 26 22.47 55.91 7.69
N PRO D 27 22.57 54.62 8.03
CA PRO D 27 23.59 54.19 9.01
C PRO D 27 25.01 54.62 8.67
N ARG D 28 25.72 55.16 9.66
CA ARG D 28 27.11 55.55 9.48
C ARG D 28 27.93 54.30 9.15
N ALA D 29 27.53 53.19 9.75
CA ALA D 29 28.27 51.93 9.66
C ALA D 29 27.34 50.74 9.40
N VAL D 30 27.72 49.96 8.39
CA VAL D 30 27.00 48.75 7.96
C VAL D 30 27.97 47.58 7.74
N PHE D 31 27.63 46.41 8.28
CA PHE D 31 28.47 45.21 8.10
C PHE D 31 27.63 43.92 8.29
N PRO D 32 28.09 42.79 7.70
CA PRO D 32 27.33 41.53 7.60
C PRO D 32 27.01 40.78 8.90
N SER D 33 27.40 41.30 10.06
CA SER D 33 26.97 40.77 11.36
C SER D 33 27.40 39.33 11.64
N ILE D 34 28.66 38.99 11.34
CA ILE D 34 29.14 37.64 11.58
C ILE D 34 30.38 37.60 12.47
N VAL D 35 30.47 36.57 13.31
CA VAL D 35 31.73 36.21 13.97
C VAL D 35 32.18 34.86 13.41
N GLY D 36 33.49 34.73 13.22
CA GLY D 36 34.05 33.51 12.67
C GLY D 36 35.37 33.16 13.32
N ARG D 37 35.42 31.99 13.93
CA ARG D 37 36.65 31.51 14.53
C ARG D 37 37.48 30.78 13.47
N PRO D 38 38.81 30.78 13.65
CA PRO D 38 39.70 30.12 12.69
C PRO D 38 39.77 28.60 12.91
N ARG D 39 39.28 27.85 11.93
CA ARG D 39 39.16 26.40 12.04
C ARG D 39 40.51 25.69 12.01
N HIS D 40 41.59 26.45 11.89
CA HIS D 40 42.92 25.87 11.84
C HIS D 40 43.84 26.42 12.92
N GLN D 41 45.03 25.84 12.99
CA GLN D 41 46.08 26.29 13.90
C GLN D 41 46.98 27.33 13.25
N GLY D 42 47.24 28.42 13.97
CA GLY D 42 48.02 29.52 13.43
C GLY D 42 49.43 29.54 13.99
N VAL D 43 50.40 29.91 13.15
CA VAL D 43 51.80 29.85 13.52
C VAL D 43 52.61 31.01 12.92
N MET D 44 52.22 32.25 13.24
CA MET D 44 52.95 33.40 12.72
C MET D 44 53.05 34.53 13.79
N VAL D 45 53.27 34.13 15.04
CA VAL D 45 53.81 35.03 16.09
C VAL D 45 52.92 36.25 16.42
N GLY D 46 53.12 36.86 17.59
CA GLY D 46 52.49 38.14 17.87
C GLY D 46 51.74 38.39 19.17
N MET D 47 50.76 37.55 19.55
CA MET D 47 50.32 36.34 18.84
C MET D 47 49.71 36.63 17.47
N GLY D 48 49.44 37.91 17.20
CA GLY D 48 49.10 38.36 15.87
C GLY D 48 47.68 38.04 15.49
N GLN D 49 47.35 36.77 15.50
CA GLN D 49 46.03 36.33 15.07
C GLN D 49 44.99 36.66 16.12
N LYS D 50 43.82 37.11 15.67
CA LYS D 50 42.73 37.46 16.57
C LYS D 50 42.03 36.18 17.03
N ASP D 51 41.41 36.23 18.20
CA ASP D 51 40.70 35.07 18.72
C ASP D 51 39.49 34.75 17.86
N SER D 52 38.86 35.81 17.35
CA SER D 52 37.74 35.66 16.43
C SER D 52 37.52 36.98 15.69
N TYR D 53 37.33 36.90 14.38
CA TYR D 53 37.05 38.10 13.61
C TYR D 53 35.55 38.34 13.63
N VAL D 54 35.14 39.56 13.97
CA VAL D 54 33.76 39.98 13.76
C VAL D 54 33.75 40.58 12.35
N GLY D 55 32.59 40.93 11.83
CA GLY D 55 32.54 41.74 10.62
C GLY D 55 33.22 43.06 10.92
N ASP D 56 33.74 43.74 9.90
CA ASP D 56 33.60 43.32 8.52
C ASP D 56 34.75 42.43 8.08
N GLU D 57 35.86 42.48 8.82
CA GLU D 57 37.05 41.71 8.46
C GLU D 57 36.77 40.20 8.33
N ALA D 58 35.75 39.73 9.03
CA ALA D 58 35.35 38.33 8.95
C ALA D 58 34.58 38.06 7.67
N GLN D 59 34.42 39.10 6.86
CA GLN D 59 33.79 38.96 5.55
C GLN D 59 34.85 39.24 4.50
N SER D 60 36.02 39.65 4.96
CA SER D 60 37.14 39.88 4.07
C SER D 60 38.07 38.66 4.07
N LYS D 61 38.00 37.89 5.15
CA LYS D 61 38.90 36.76 5.33
C LYS D 61 38.16 35.43 5.55
N ARG D 62 37.22 35.13 4.64
CA ARG D 62 36.53 33.84 4.65
C ARG D 62 37.51 32.71 4.37
N GLY D 63 37.05 31.47 4.49
CA GLY D 63 37.85 30.32 4.10
C GLY D 63 38.86 29.91 5.16
N ILE D 64 39.27 30.87 5.97
CA ILE D 64 40.17 30.58 7.07
C ILE D 64 39.34 30.61 8.35
N LEU D 65 38.02 30.66 8.18
CA LEU D 65 37.11 30.72 9.31
C LEU D 65 35.97 29.72 9.21
N THR D 66 35.18 29.63 10.28
CA THR D 66 33.88 28.94 10.23
C THR D 66 32.84 29.96 10.64
N LEU D 67 32.21 30.60 9.65
CA LEU D 67 31.27 31.66 9.94
C LEU D 67 30.10 31.17 10.78
N LYS D 68 29.82 31.89 11.86
CA LYS D 68 28.72 31.55 12.76
C LYS D 68 27.84 32.75 13.04
N TYR D 69 26.62 32.72 12.48
CA TYR D 69 25.68 33.79 12.70
C TYR D 69 25.17 33.81 14.13
N PRO D 70 25.33 34.96 14.81
CA PRO D 70 24.95 35.13 16.22
C PRO D 70 23.44 35.08 16.39
N ILE D 71 22.73 35.40 15.32
CA ILE D 71 21.27 35.30 15.33
C ILE D 71 20.85 34.49 14.12
N GLU D 72 19.67 33.87 14.20
CA GLU D 72 19.26 32.89 13.21
C GLU D 72 17.76 32.64 13.25
N CYS D 73 17.06 33.06 12.20
CA CYS D 73 15.61 32.94 12.12
C CYS D 73 14.95 33.64 13.31
N GLY D 74 15.32 34.90 13.51
CA GLY D 74 14.68 35.77 14.49
C GLY D 74 15.25 35.71 15.89
N ILE D 75 14.99 34.61 16.60
CA ILE D 75 15.60 34.41 17.92
C ILE D 75 17.10 34.21 17.74
N ILE D 76 17.90 34.86 18.59
CA ILE D 76 19.33 34.70 18.47
C ILE D 76 19.73 33.41 19.16
N THR D 77 20.87 32.84 18.78
CA THR D 77 21.30 31.56 19.31
C THR D 77 21.96 31.70 20.68
N ASN D 78 22.86 32.67 20.83
CA ASN D 78 23.55 32.90 22.10
C ASN D 78 24.08 34.33 22.23
N TRP D 79 23.95 34.90 23.42
CA TRP D 79 24.40 36.27 23.63
C TRP D 79 25.89 36.40 23.84
N ASP D 80 26.61 35.27 23.89
CA ASP D 80 28.07 35.32 24.04
C ASP D 80 28.70 35.96 22.82
N ASP D 81 28.17 35.64 21.64
CA ASP D 81 28.70 36.18 20.39
C ASP D 81 28.08 37.54 20.12
N MET D 82 26.78 37.65 20.41
CA MET D 82 26.03 38.88 20.20
C MET D 82 26.64 40.03 20.99
N GLU D 83 26.94 39.78 22.26
CA GLU D 83 27.55 40.81 23.11
C GLU D 83 28.86 41.28 22.49
N LYS D 84 29.59 40.36 21.85
CA LYS D 84 30.87 40.72 21.26
C LYS D 84 30.64 41.58 20.03
N ILE D 85 29.59 41.27 19.27
CA ILE D 85 29.14 42.14 18.19
C ILE D 85 29.00 43.55 18.75
N TRP D 86 28.20 43.65 19.81
CA TRP D 86 27.88 44.94 20.41
C TRP D 86 29.10 45.72 20.90
N HIS D 87 29.86 45.12 21.81
CA HIS D 87 31.05 45.74 22.40
C HIS D 87 32.00 46.23 21.32
N HIS D 88 32.28 45.34 20.36
CA HIS D 88 33.17 45.67 19.26
C HIS D 88 32.63 46.91 18.53
N THR D 89 31.33 46.91 18.25
CA THR D 89 30.70 48.01 17.51
C THR D 89 30.77 49.36 18.22
N PHE D 90 30.27 49.39 19.46
CA PHE D 90 30.25 50.64 20.21
C PHE D 90 31.65 51.18 20.50
N TYR D 91 32.54 50.29 20.94
CA TYR D 91 33.85 50.78 21.38
C TYR D 91 34.82 51.08 20.24
N ASN D 92 35.03 50.16 19.30
CA ASN D 92 36.11 50.38 18.32
C ASN D 92 35.65 50.87 16.95
N GLU D 93 34.38 51.25 16.82
CA GLU D 93 33.88 51.75 15.53
C GLU D 93 33.35 53.18 15.58
N LEU D 94 32.12 53.34 16.06
CA LEU D 94 31.43 54.63 16.03
C LEU D 94 32.09 55.70 16.90
N ARG D 95 33.02 55.28 17.75
CA ARG D 95 33.73 56.18 18.66
C ARG D 95 32.71 56.87 19.55
N VAL D 96 31.79 56.07 20.10
CA VAL D 96 30.74 56.60 20.95
C VAL D 96 30.82 56.05 22.37
N ALA D 97 30.70 56.94 23.36
CA ALA D 97 30.65 56.53 24.75
C ALA D 97 29.37 55.71 25.00
N PRO D 98 29.38 54.86 26.03
CA PRO D 98 28.17 54.09 26.36
C PRO D 98 27.07 54.93 27.01
N GLU D 99 27.44 55.97 27.74
CA GLU D 99 26.48 56.82 28.45
C GLU D 99 26.06 58.02 27.61
N GLU D 100 26.56 58.07 26.39
CA GLU D 100 26.20 59.07 25.41
C GLU D 100 24.69 59.29 25.35
N HIS D 101 23.92 58.22 25.13
CA HIS D 101 22.48 58.33 24.90
C HIS D 101 21.60 57.27 25.54
N PRO D 102 20.28 57.51 25.50
CA PRO D 102 19.21 56.51 25.54
C PRO D 102 19.04 55.91 24.14
N THR D 103 18.94 54.59 24.04
CA THR D 103 19.00 53.93 22.74
C THR D 103 17.65 53.40 22.23
N LEU D 104 17.63 53.01 20.96
CA LEU D 104 16.42 52.51 20.31
C LEU D 104 16.72 51.22 19.55
N LEU D 105 16.08 50.14 19.94
CA LEU D 105 16.31 48.85 19.29
C LEU D 105 15.06 48.32 18.59
N THR D 106 15.26 47.45 17.60
CA THR D 106 14.16 46.80 16.91
C THR D 106 14.22 45.30 17.13
N GLU D 107 13.08 44.64 16.92
CA GLU D 107 12.99 43.20 17.04
C GLU D 107 12.06 42.69 15.95
N LYS D 118 17.01 39.32 27.70
CA LYS D 118 18.43 39.01 27.83
C LYS D 118 19.31 40.04 27.13
N MET D 119 18.85 40.51 25.97
CA MET D 119 19.47 41.64 25.28
C MET D 119 19.40 42.89 26.13
N THR D 120 18.17 43.36 26.38
CA THR D 120 17.94 44.62 27.07
C THR D 120 18.75 44.70 28.35
N GLN D 121 18.78 43.57 29.07
CA GLN D 121 19.43 43.48 30.37
C GLN D 121 20.94 43.47 30.23
N ILE D 122 21.47 42.57 29.41
CA ILE D 122 22.92 42.48 29.24
C ILE D 122 23.48 43.82 28.78
N MET D 123 22.82 44.40 27.77
CA MET D 123 23.19 45.71 27.25
C MET D 123 23.02 46.79 28.33
N PHE D 124 22.11 46.55 29.26
CA PHE D 124 21.80 47.55 30.28
C PHE D 124 22.85 47.57 31.39
N GLU D 125 23.34 46.39 31.76
CA GLU D 125 24.29 46.25 32.86
C GLU D 125 25.72 46.43 32.36
N THR D 126 25.96 46.04 31.12
CA THR D 126 27.29 46.16 30.53
C THR D 126 27.53 47.57 29.98
N PHE D 127 26.58 48.05 29.17
CA PHE D 127 26.80 49.29 28.41
C PHE D 127 26.12 50.49 29.07
N ASN D 128 25.22 50.22 30.01
CA ASN D 128 24.71 51.26 30.90
C ASN D 128 24.08 52.47 30.21
N VAL D 129 23.58 52.27 28.99
CA VAL D 129 22.74 53.27 28.34
C VAL D 129 21.58 53.59 29.29
N PRO D 130 21.55 54.82 29.81
CA PRO D 130 20.65 55.21 30.91
C PRO D 130 19.16 55.03 30.64
N ALA D 131 18.78 54.71 29.40
CA ALA D 131 17.38 54.41 29.10
C ALA D 131 17.26 53.32 28.03
N MET D 132 16.07 53.21 27.42
CA MET D 132 15.79 52.15 26.45
C MET D 132 14.39 52.29 25.84
N TYR D 133 14.22 51.76 24.64
CA TYR D 133 12.91 51.61 24.00
C TYR D 133 13.07 50.71 22.78
N VAL D 134 12.13 49.78 22.61
CA VAL D 134 12.22 48.86 21.49
C VAL D 134 10.96 48.90 20.63
N ALA D 135 11.12 49.37 19.40
CA ALA D 135 10.01 49.43 18.46
C ALA D 135 10.11 48.29 17.45
N ILE D 136 8.97 47.71 17.06
CA ILE D 136 8.98 46.55 16.18
C ILE D 136 9.38 46.91 14.74
N GLN D 137 10.12 45.99 14.10
CA GLN D 137 10.78 46.25 12.83
C GLN D 137 9.82 46.57 11.68
N ALA D 138 8.59 46.03 11.75
CA ALA D 138 7.62 46.25 10.70
C ALA D 138 7.09 47.69 10.70
N VAL D 139 6.67 48.16 11.88
CA VAL D 139 6.07 49.49 12.03
C VAL D 139 6.95 50.61 11.48
N LEU D 140 8.26 50.51 11.69
CA LEU D 140 9.20 51.54 11.26
C LEU D 140 9.21 51.72 9.74
N SER D 141 8.86 50.67 9.01
CA SER D 141 8.90 50.69 7.56
C SER D 141 7.86 51.64 6.97
N LEU D 142 6.93 52.10 7.80
CA LEU D 142 5.92 53.06 7.36
C LEU D 142 6.47 54.48 7.42
N TYR D 143 7.39 54.71 8.35
CA TYR D 143 7.98 56.03 8.56
C TYR D 143 8.94 56.45 7.44
N ALA D 144 9.17 55.55 6.48
CA ALA D 144 10.09 55.87 5.38
C ALA D 144 9.50 56.94 4.48
N SER D 145 8.52 56.56 3.67
CA SER D 145 7.85 57.50 2.78
C SER D 145 6.79 58.27 3.57
N GLY D 146 6.72 58.00 4.87
CA GLY D 146 5.86 58.74 5.78
C GLY D 146 4.37 58.62 5.54
N ARG D 147 3.91 57.39 5.31
CA ARG D 147 2.48 57.11 5.22
C ARG D 147 1.96 56.76 6.62
N THR D 148 0.64 56.78 6.78
CA THR D 148 0.04 56.44 8.07
C THR D 148 -0.71 55.11 8.01
N THR D 149 -1.02 54.69 6.79
CA THR D 149 -1.86 53.51 6.58
C THR D 149 -1.08 52.42 5.85
N GLY D 150 -1.60 51.20 5.85
CA GLY D 150 -1.09 50.17 4.97
C GLY D 150 -0.71 48.87 5.62
N ILE D 151 -0.69 47.82 4.81
CA ILE D 151 -0.16 46.53 5.22
C ILE D 151 1.31 46.45 4.77
N VAL D 152 2.20 46.23 5.75
CA VAL D 152 3.62 46.20 5.44
C VAL D 152 4.13 44.76 5.36
N LEU D 153 4.74 44.45 4.22
CA LEU D 153 5.37 43.17 3.98
C LEU D 153 6.88 43.32 4.13
N ASP D 154 7.40 43.07 5.32
CA ASP D 154 8.82 43.30 5.55
C ASP D 154 9.55 41.96 5.64
N SER D 155 10.32 41.68 4.59
CA SER D 155 11.02 40.42 4.48
C SER D 155 12.52 40.61 4.32
N GLY D 156 13.26 40.26 5.36
CA GLY D 156 14.70 40.19 5.27
C GLY D 156 15.15 38.86 5.85
N ASP D 157 16.35 38.44 5.47
CA ASP D 157 16.96 37.27 6.08
C ASP D 157 17.00 37.51 7.59
N GLY D 158 16.43 36.59 8.38
CA GLY D 158 15.75 35.41 7.87
C GLY D 158 14.32 35.22 8.34
N VAL D 159 13.65 36.33 8.65
CA VAL D 159 12.25 36.29 9.06
C VAL D 159 11.42 37.37 8.37
N THR D 160 10.40 36.98 7.63
CA THR D 160 9.49 37.96 7.04
C THR D 160 8.28 38.15 7.95
N HIS D 161 7.59 39.27 7.80
CA HIS D 161 6.33 39.49 8.52
C HIS D 161 5.39 40.33 7.69
N ASN D 162 4.11 40.22 8.02
CA ASN D 162 3.05 40.95 7.35
C ASN D 162 2.21 41.71 8.37
N VAL D 163 2.56 42.95 8.66
CA VAL D 163 1.81 43.68 9.68
C VAL D 163 0.94 44.78 9.08
N PRO D 164 -0.38 44.64 9.22
CA PRO D 164 -1.35 45.63 8.76
C PRO D 164 -1.63 46.70 9.80
N ILE D 165 -1.50 47.96 9.41
CA ILE D 165 -1.80 49.06 10.29
C ILE D 165 -2.77 50.05 9.64
N TYR D 166 -3.80 50.43 10.38
CA TYR D 166 -4.68 51.50 9.93
C TYR D 166 -4.28 52.79 10.64
N GLU D 167 -4.98 53.87 10.33
CA GLU D 167 -4.70 55.18 10.90
C GLU D 167 -5.46 55.40 12.21
N GLY D 168 -4.74 55.44 13.34
CA GLY D 168 -3.31 55.19 13.37
C GLY D 168 -2.95 53.98 14.21
N TYR D 169 -3.97 53.39 14.84
CA TYR D 169 -3.79 52.19 15.66
C TYR D 169 -3.40 51.01 14.78
N ALA D 170 -2.90 49.93 15.38
CA ALA D 170 -2.39 48.80 14.59
C ALA D 170 -3.02 47.47 15.02
N LEU D 171 -3.60 46.77 14.04
CA LEU D 171 -4.22 45.48 14.30
C LEU D 171 -3.14 44.47 14.61
N PRO D 172 -3.16 43.90 15.83
CA PRO D 172 -2.13 42.96 16.25
C PRO D 172 -2.32 41.54 15.70
N HIS D 173 -3.57 41.09 15.58
CA HIS D 173 -3.84 39.68 15.33
C HIS D 173 -3.88 39.29 13.86
N ALA D 174 -3.80 40.29 12.98
CA ALA D 174 -3.91 40.02 11.56
C ALA D 174 -2.56 39.79 10.90
N ILE D 175 -1.55 39.42 11.69
CA ILE D 175 -0.20 39.24 11.18
C ILE D 175 0.18 37.76 11.09
N MET D 176 0.66 37.34 9.92
CA MET D 176 1.15 35.97 9.76
C MET D 176 2.64 36.01 9.48
N ARG D 177 3.41 35.26 10.26
CA ARG D 177 4.86 35.28 10.11
C ARG D 177 5.36 33.97 9.52
N LEU D 178 6.00 34.08 8.36
CA LEU D 178 6.53 32.93 7.66
C LEU D 178 8.03 32.87 7.89
N TYR D 198 28.27 22.41 -9.70
CA TYR D 198 28.96 23.32 -8.80
C TYR D 198 28.74 22.88 -7.36
N SER D 199 29.84 22.59 -6.67
CA SER D 199 29.79 22.12 -5.29
C SER D 199 30.12 23.25 -4.33
N PHE D 200 29.21 23.53 -3.41
CA PHE D 200 29.31 24.68 -2.53
C PHE D 200 29.18 24.28 -1.06
N VAL D 201 29.84 23.20 -0.67
CA VAL D 201 29.63 22.60 0.66
C VAL D 201 29.96 23.51 1.86
N THR D 202 31.06 24.25 1.81
CA THR D 202 31.54 24.94 3.02
C THR D 202 30.78 26.24 3.33
N THR D 203 30.69 26.56 4.62
CA THR D 203 29.94 27.71 5.12
C THR D 203 30.43 29.02 4.55
N ALA D 204 31.75 29.24 4.60
CA ALA D 204 32.33 30.47 4.08
C ALA D 204 31.89 30.68 2.65
N GLU D 205 31.99 29.63 1.83
CA GLU D 205 31.72 29.75 0.41
C GLU D 205 30.27 30.15 0.18
N ARG D 206 29.41 29.86 1.15
CA ARG D 206 28.00 30.17 1.03
C ARG D 206 27.80 31.66 0.77
N GLU D 207 28.71 32.48 1.29
CA GLU D 207 28.61 33.92 1.09
C GLU D 207 28.57 34.23 -0.41
N ILE D 208 29.44 33.56 -1.16
CA ILE D 208 29.52 33.74 -2.60
C ILE D 208 28.19 33.40 -3.26
N VAL D 209 27.52 32.37 -2.75
CA VAL D 209 26.21 31.97 -3.28
C VAL D 209 25.27 33.16 -3.18
N ARG D 210 25.27 33.79 -2.01
CA ARG D 210 24.42 34.94 -1.76
C ARG D 210 24.69 36.04 -2.78
N ASP D 211 25.95 36.21 -3.15
CA ASP D 211 26.32 37.24 -4.10
C ASP D 211 25.77 36.93 -5.49
N ILE D 212 25.77 35.65 -5.87
CA ILE D 212 25.21 35.28 -7.16
C ILE D 212 23.69 35.43 -7.12
N LYS D 213 23.15 35.45 -5.91
CA LYS D 213 21.72 35.73 -5.72
C LYS D 213 21.47 37.20 -5.99
N GLU D 214 22.44 38.05 -5.64
CA GLU D 214 22.31 39.50 -5.78
C GLU D 214 22.07 39.94 -7.22
N LYS D 215 23.11 39.84 -8.03
CA LYS D 215 23.11 40.42 -9.37
C LYS D 215 22.29 39.58 -10.33
N LEU D 216 22.60 38.29 -10.37
CA LEU D 216 21.99 37.38 -11.33
C LEU D 216 20.70 36.79 -10.81
N CYS D 217 19.64 37.59 -10.82
CA CYS D 217 18.33 37.14 -10.36
C CYS D 217 17.23 38.03 -10.94
N TYR D 218 16.05 37.44 -11.10
CA TYR D 218 14.86 38.15 -11.57
C TYR D 218 13.66 37.22 -11.48
N VAL D 219 12.54 37.74 -11.00
CA VAL D 219 11.33 36.95 -10.89
C VAL D 219 10.50 37.10 -12.17
N ALA D 220 10.07 35.99 -12.75
CA ALA D 220 9.26 36.01 -13.96
C ALA D 220 7.89 36.65 -13.70
N LEU D 221 7.08 36.77 -14.74
CA LEU D 221 5.71 37.27 -14.57
C LEU D 221 4.68 36.15 -14.69
N ASP D 222 4.90 35.23 -15.62
CA ASP D 222 4.07 34.06 -15.77
C ASP D 222 4.99 32.85 -15.86
N PHE D 223 5.36 32.32 -14.70
CA PHE D 223 6.35 31.26 -14.60
C PHE D 223 6.09 30.02 -15.47
N GLU D 224 4.98 29.36 -15.20
CA GLU D 224 4.66 28.07 -15.80
C GLU D 224 4.79 28.10 -17.33
N ASN D 225 4.38 29.22 -17.93
CA ASN D 225 4.49 29.37 -19.38
C ASN D 225 5.87 29.86 -19.78
N GLU D 226 6.55 30.55 -18.88
CA GLU D 226 7.90 31.04 -19.17
C GLU D 226 8.90 29.89 -19.25
N MET D 227 8.67 28.81 -18.50
CA MET D 227 9.60 27.69 -18.52
C MET D 227 9.69 26.98 -19.85
N ALA D 228 8.58 26.89 -20.57
CA ALA D 228 8.60 26.24 -21.88
C ALA D 228 9.60 26.93 -22.80
N THR D 229 9.45 28.25 -22.96
CA THR D 229 10.32 29.02 -23.85
C THR D 229 11.71 29.18 -23.25
N ALA D 230 11.82 28.96 -21.94
CA ALA D 230 13.11 29.01 -21.27
C ALA D 230 14.02 27.92 -21.83
N ALA D 231 13.40 26.80 -22.20
CA ALA D 231 14.11 25.66 -22.75
C ALA D 231 14.72 25.97 -24.12
N SER D 232 14.15 26.95 -24.82
CA SER D 232 14.69 27.40 -26.09
C SER D 232 16.15 27.81 -25.94
N SER D 233 16.94 27.66 -27.00
CA SER D 233 18.39 27.82 -26.92
C SER D 233 18.82 29.23 -26.52
N SER D 234 18.01 30.23 -26.91
CA SER D 234 18.27 31.62 -26.56
C SER D 234 18.55 31.77 -25.08
N SER D 235 19.75 32.24 -24.77
CA SER D 235 20.22 32.22 -23.39
C SER D 235 19.47 33.26 -22.56
N LEU D 236 18.75 32.76 -21.56
CA LEU D 236 18.22 33.61 -20.51
C LEU D 236 19.16 33.41 -19.34
N GLU D 237 20.35 32.97 -19.70
CA GLU D 237 21.46 32.71 -18.79
C GLU D 237 22.51 33.79 -18.90
N LYS D 238 22.91 34.35 -17.76
CA LYS D 238 24.02 35.28 -17.70
C LYS D 238 25.14 34.65 -16.91
N SER D 239 26.37 34.81 -17.40
CA SER D 239 27.50 34.11 -16.79
C SER D 239 28.25 35.00 -15.80
N TYR D 240 28.25 34.57 -14.54
CA TYR D 240 28.93 35.30 -13.48
C TYR D 240 30.32 34.70 -13.30
N GLU D 241 31.26 35.51 -12.84
CA GLU D 241 32.61 35.01 -12.61
C GLU D 241 32.94 34.96 -11.12
N LEU D 242 33.62 33.90 -10.70
CA LEU D 242 33.77 33.59 -9.29
C LEU D 242 35.16 34.02 -8.83
N PRO D 243 35.29 34.51 -7.57
CA PRO D 243 36.50 35.12 -7.01
C PRO D 243 37.82 34.44 -7.39
N ASP D 244 37.86 33.11 -7.50
CA ASP D 244 39.05 32.44 -8.01
C ASP D 244 39.12 32.59 -9.53
N GLY D 245 39.54 31.53 -10.22
CA GLY D 245 39.52 31.54 -11.67
C GLY D 245 38.14 31.26 -12.24
N GLN D 246 37.41 30.38 -11.58
CA GLN D 246 36.22 29.72 -12.14
C GLN D 246 35.19 30.69 -12.70
N VAL D 247 34.62 30.32 -13.85
CA VAL D 247 33.51 31.05 -14.45
C VAL D 247 32.24 30.21 -14.40
N ILE D 248 31.22 30.71 -13.72
CA ILE D 248 29.99 29.94 -13.56
C ILE D 248 28.86 30.51 -14.41
N THR D 249 28.22 29.63 -15.18
CA THR D 249 27.14 30.04 -16.07
C THR D 249 25.82 29.45 -15.59
N ILE D 250 24.99 30.29 -14.97
CA ILE D 250 23.68 29.83 -14.51
C ILE D 250 22.56 30.41 -15.38
N GLY D 251 21.56 29.59 -15.65
CA GLY D 251 20.40 29.99 -16.44
C GLY D 251 19.16 29.48 -15.75
N ASN D 252 18.08 29.27 -16.52
CA ASN D 252 16.83 28.69 -16.03
C ASN D 252 16.57 28.96 -14.55
N GLU D 253 17.24 28.17 -13.72
CA GLU D 253 17.12 28.23 -12.27
C GLU D 253 17.38 29.63 -11.71
N ARG D 254 18.10 30.46 -12.48
CA ARG D 254 18.37 31.85 -12.10
C ARG D 254 17.06 32.57 -11.76
N PHE D 255 16.02 32.31 -12.55
CA PHE D 255 14.71 32.88 -12.25
C PHE D 255 13.82 31.91 -11.46
N ARG D 256 14.19 30.63 -11.45
CA ARG D 256 13.42 29.64 -10.69
C ARG D 256 13.57 29.81 -9.19
N CYS D 257 14.80 29.91 -8.72
CA CYS D 257 15.11 30.01 -7.29
C CYS D 257 14.30 31.09 -6.55
N PRO D 258 14.29 32.35 -7.05
CA PRO D 258 13.53 33.34 -6.29
C PRO D 258 12.04 33.08 -6.31
N GLU D 259 11.56 32.47 -7.40
CA GLU D 259 10.15 32.16 -7.55
C GLU D 259 9.60 31.36 -6.38
N THR D 260 10.48 30.58 -5.74
CA THR D 260 10.19 29.85 -4.50
C THR D 260 9.40 30.68 -3.47
N LEU D 261 9.62 31.99 -3.47
CA LEU D 261 8.92 32.90 -2.56
C LEU D 261 7.40 32.71 -2.61
N PHE D 262 6.84 32.55 -3.81
CA PHE D 262 5.48 32.03 -3.94
C PHE D 262 5.64 30.53 -4.16
N GLN D 263 4.62 29.75 -3.87
CA GLN D 263 4.66 28.33 -4.17
C GLN D 263 5.83 27.63 -3.45
N PRO D 264 5.87 27.71 -2.11
CA PRO D 264 7.04 27.17 -1.42
C PRO D 264 6.92 25.67 -1.14
N SER D 265 6.31 24.95 -2.08
CA SER D 265 6.27 23.49 -2.03
C SER D 265 7.67 22.98 -2.32
N PHE D 266 8.39 23.71 -3.17
CA PHE D 266 9.74 23.35 -3.59
C PHE D 266 10.64 23.09 -2.39
N ILE D 267 10.37 23.80 -1.29
CA ILE D 267 11.16 23.67 -0.07
C ILE D 267 10.67 22.49 0.75
N GLY D 268 9.38 22.19 0.65
CA GLY D 268 8.78 21.12 1.44
C GLY D 268 8.13 21.65 2.69
N MET D 269 7.72 22.92 2.62
CA MET D 269 6.99 23.55 3.72
C MET D 269 5.57 23.83 3.26
N GLU D 270 4.61 23.56 4.13
CA GLU D 270 3.20 23.55 3.75
C GLU D 270 2.58 24.92 3.73
N SER D 271 3.08 25.82 4.57
CA SER D 271 2.57 27.18 4.61
C SER D 271 2.65 27.81 3.22
N ALA D 272 1.53 28.31 2.73
CA ALA D 272 1.45 28.77 1.35
C ALA D 272 2.25 30.06 1.16
N GLY D 273 2.50 30.41 -0.10
CA GLY D 273 3.39 31.51 -0.43
C GLY D 273 2.97 32.89 0.07
N ILE D 274 3.93 33.82 0.04
CA ILE D 274 3.68 35.23 0.40
C ILE D 274 2.50 35.81 -0.37
N HIS D 275 2.41 35.41 -1.64
CA HIS D 275 1.20 35.53 -2.46
C HIS D 275 -0.04 35.47 -1.59
N GLU D 276 -0.23 34.33 -0.94
CA GLU D 276 -1.47 34.06 -0.25
C GLU D 276 -1.46 34.64 1.15
N THR D 277 -0.29 34.77 1.77
CA THR D 277 -0.25 35.27 3.14
C THR D 277 -0.58 36.76 3.21
N THR D 278 -0.27 37.50 2.15
CA THR D 278 -0.64 38.92 2.09
C THR D 278 -2.16 39.08 2.14
N TYR D 279 -2.82 38.43 1.18
CA TYR D 279 -4.28 38.46 1.12
C TYR D 279 -4.92 37.89 2.39
N ASN D 280 -4.46 36.72 2.83
CA ASN D 280 -5.05 36.02 3.97
C ASN D 280 -4.84 36.79 5.26
N TYR D 306 14.46 42.16 -5.82
CA TYR D 306 14.27 41.46 -7.09
C TYR D 306 13.57 42.35 -8.11
N PRO D 307 14.03 42.28 -9.38
CA PRO D 307 13.42 43.03 -10.48
C PRO D 307 12.11 42.42 -11.00
N GLY D 308 11.61 41.41 -10.30
CA GLY D 308 10.36 40.76 -10.68
C GLY D 308 9.14 41.49 -10.15
N ILE D 309 8.96 41.43 -8.83
CA ILE D 309 7.91 42.19 -8.16
C ILE D 309 8.03 43.68 -8.55
N ALA D 310 6.96 44.46 -8.47
CA ALA D 310 5.69 44.09 -7.85
C ALA D 310 4.57 43.66 -8.79
N ASP D 311 4.83 43.60 -10.09
CA ASP D 311 3.71 43.42 -11.01
C ASP D 311 3.53 41.92 -11.15
N ARG D 312 4.52 41.18 -10.68
CA ARG D 312 4.34 39.76 -10.37
C ARG D 312 3.36 39.63 -9.21
N MET D 313 3.73 40.24 -8.09
CA MET D 313 2.86 40.31 -6.92
C MET D 313 1.47 40.80 -7.30
N GLN D 314 1.44 41.79 -8.20
CA GLN D 314 0.19 42.39 -8.65
C GLN D 314 -0.67 41.36 -9.38
N LYS D 315 -0.21 40.91 -10.55
CA LYS D 315 -0.96 39.90 -11.32
C LYS D 315 -1.35 38.70 -10.48
N GLU D 316 -0.53 38.39 -9.49
CA GLU D 316 -0.83 37.28 -8.59
C GLU D 316 -2.00 37.60 -7.65
N ILE D 317 -1.99 38.79 -7.09
CA ILE D 317 -3.01 39.17 -6.13
C ILE D 317 -4.35 39.36 -6.84
N THR D 318 -4.33 40.10 -7.94
CA THR D 318 -5.57 40.43 -8.68
C THR D 318 -6.36 39.19 -9.08
N ALA D 319 -5.66 38.07 -9.23
CA ALA D 319 -6.32 36.80 -9.52
C ALA D 319 -6.97 36.22 -8.27
N LEU D 320 -6.37 36.49 -7.11
CA LEU D 320 -6.87 35.99 -5.83
C LEU D 320 -7.74 37.04 -5.15
N ALA D 321 -7.40 38.30 -5.34
CA ALA D 321 -8.13 39.40 -4.71
C ALA D 321 -9.54 39.45 -5.28
N PRO D 322 -10.46 40.08 -4.54
CA PRO D 322 -11.78 40.32 -5.14
C PRO D 322 -11.67 41.27 -6.34
N SER D 323 -12.67 41.24 -7.21
CA SER D 323 -12.66 42.06 -8.41
C SER D 323 -13.01 43.52 -8.10
N THR D 324 -12.80 44.39 -9.09
CA THR D 324 -13.15 45.81 -9.01
C THR D 324 -12.43 46.54 -7.89
N MET D 325 -11.22 46.11 -7.57
CA MET D 325 -10.45 46.79 -6.53
C MET D 325 -9.09 47.22 -7.05
N LYS D 326 -8.74 48.49 -6.84
CA LYS D 326 -7.48 49.03 -7.33
C LYS D 326 -6.34 48.77 -6.34
N ILE D 327 -5.26 48.21 -6.84
CA ILE D 327 -4.17 47.75 -5.99
C ILE D 327 -2.82 48.33 -6.39
N LYS D 328 -2.45 49.47 -5.81
CA LYS D 328 -1.11 49.99 -5.97
C LYS D 328 -0.18 49.22 -5.04
N ILE D 329 1.04 48.97 -5.50
CA ILE D 329 1.97 48.16 -4.74
C ILE D 329 3.27 48.93 -4.56
N ILE D 330 3.15 50.12 -3.97
CA ILE D 330 4.25 51.07 -3.96
C ILE D 330 5.39 50.58 -3.09
N ALA D 331 6.56 50.46 -3.70
CA ALA D 331 7.77 50.08 -2.98
C ALA D 331 8.90 50.96 -3.50
N PRO D 332 9.51 51.74 -2.61
CA PRO D 332 10.54 52.73 -2.95
C PRO D 332 11.78 52.14 -3.63
N PRO D 333 12.63 53.00 -4.20
CA PRO D 333 14.04 52.61 -4.34
C PRO D 333 14.68 52.81 -2.97
N GLU D 334 15.97 52.51 -2.79
CA GLU D 334 16.67 52.80 -1.53
C GLU D 334 16.12 51.98 -0.34
N ARG D 335 15.17 51.08 -0.62
CA ARG D 335 14.42 50.36 0.41
C ARG D 335 15.26 49.66 1.48
N LYS D 336 16.49 49.31 1.14
CA LYS D 336 17.34 48.56 2.06
C LYS D 336 17.57 49.29 3.39
N TYR D 337 17.42 50.61 3.38
CA TYR D 337 17.64 51.38 4.59
C TYR D 337 16.34 51.96 5.13
N SER D 338 15.21 51.53 4.56
CA SER D 338 13.89 52.08 4.88
C SER D 338 13.66 52.10 6.39
N VAL D 339 13.73 50.93 7.00
CA VAL D 339 13.55 50.77 8.44
C VAL D 339 14.38 51.80 9.19
N TRP D 340 15.65 51.96 8.81
CA TRP D 340 16.50 52.86 9.54
C TRP D 340 16.05 54.31 9.38
N ILE D 341 15.66 54.70 8.17
CA ILE D 341 15.18 56.07 7.95
C ILE D 341 13.93 56.29 8.80
N GLY D 342 13.28 55.18 9.15
CA GLY D 342 12.19 55.22 10.10
C GLY D 342 12.71 55.63 11.47
N GLY D 343 13.61 54.81 12.02
CA GLY D 343 14.07 54.98 13.39
C GLY D 343 14.58 56.38 13.67
N SER D 344 15.32 56.92 12.72
CA SER D 344 15.90 58.26 12.83
C SER D 344 14.83 59.28 13.12
N ILE D 345 13.74 59.17 12.37
CA ILE D 345 12.64 60.11 12.49
C ILE D 345 12.06 60.01 13.91
N LEU D 346 12.04 58.80 14.45
CA LEU D 346 11.32 58.54 15.69
C LEU D 346 11.97 59.19 16.92
N ALA D 347 13.16 58.73 17.31
CA ALA D 347 13.80 59.18 18.54
C ALA D 347 14.16 60.67 18.50
N SER D 348 14.18 61.24 17.30
CA SER D 348 14.43 62.67 17.15
C SER D 348 13.13 63.42 17.35
N LEU D 349 12.03 62.77 16.97
CA LEU D 349 10.70 63.34 17.11
C LEU D 349 10.25 63.43 18.55
N SER D 350 9.57 64.52 18.87
CA SER D 350 8.67 64.55 20.02
C SER D 350 7.59 63.50 19.75
N THR D 351 7.02 62.89 20.78
CA THR D 351 7.26 63.24 22.17
C THR D 351 7.46 61.97 22.97
N PHE D 352 7.47 60.83 22.27
CA PHE D 352 7.47 59.51 22.91
C PHE D 352 8.72 59.24 23.74
N GLN D 353 9.56 60.26 23.91
CA GLN D 353 10.73 60.18 24.79
C GLN D 353 10.32 59.71 26.19
N GLN D 354 9.10 60.08 26.60
CA GLN D 354 8.59 59.74 27.93
C GLN D 354 7.85 58.41 27.96
N MET D 355 8.01 57.61 26.91
CA MET D 355 7.55 56.22 26.93
C MET D 355 8.75 55.28 27.01
N TRP D 356 9.90 55.86 27.38
CA TRP D 356 11.13 55.11 27.56
C TRP D 356 11.21 54.38 28.90
N ILE D 357 12.23 53.56 29.05
CA ILE D 357 12.53 52.93 30.34
C ILE D 357 13.96 53.32 30.73
N THR D 358 14.07 54.22 31.69
CA THR D 358 15.36 54.72 32.18
C THR D 358 15.93 53.91 33.35
N LYS D 359 16.94 54.48 34.01
CA LYS D 359 17.69 53.79 35.05
C LYS D 359 16.89 53.59 36.33
N GLN D 360 16.25 54.65 36.79
CA GLN D 360 15.45 54.61 38.01
C GLN D 360 14.30 53.62 37.93
N GLU D 361 13.78 53.43 36.72
CA GLU D 361 12.61 52.59 36.50
C GLU D 361 12.99 51.15 36.14
N TYR D 362 14.26 50.81 36.35
CA TYR D 362 14.69 49.44 36.10
C TYR D 362 15.17 48.81 37.41
N ASP D 363 15.08 49.58 38.48
CA ASP D 363 15.44 49.09 39.81
C ASP D 363 14.20 48.54 40.51
N GLU D 364 13.04 49.00 40.07
CA GLU D 364 11.76 48.54 40.59
C GLU D 364 11.31 47.20 39.99
N ALA D 365 11.05 47.19 38.68
CA ALA D 365 10.45 46.03 38.04
C ALA D 365 11.48 45.12 37.40
N GLY D 366 12.43 45.71 36.68
CA GLY D 366 13.48 44.92 36.03
C GLY D 366 13.05 44.17 34.78
N PRO D 367 13.22 42.84 34.79
CA PRO D 367 12.96 41.92 33.68
C PRO D 367 11.58 42.05 33.03
N SER D 368 10.59 42.52 33.77
CA SER D 368 9.27 42.79 33.19
C SER D 368 9.25 44.23 32.69
N ILE D 369 8.06 44.82 32.63
CA ILE D 369 7.85 46.24 32.26
C ILE D 369 8.34 46.63 30.86
N VAL D 370 9.23 45.82 30.28
CA VAL D 370 9.79 46.09 28.95
C VAL D 370 8.69 46.10 27.89
N HIS D 371 7.59 45.43 28.19
CA HIS D 371 6.47 45.33 27.24
C HIS D 371 5.26 46.13 27.73
#